data_8U1J
# 
_entry.id   8U1J 
# 
_audit_conform.dict_name       mmcif_pdbx.dic 
_audit_conform.dict_version    5.397 
_audit_conform.dict_location   http://mmcif.pdb.org/dictionaries/ascii/mmcif_pdbx.dic 
# 
loop_
_database_2.database_id 
_database_2.database_code 
_database_2.pdbx_database_accession 
_database_2.pdbx_DOI 
PDB   8U1J         pdb_00008u1j 10.2210/pdb8u1j/pdb 
WWPDB D_1000277110 ?            ?                   
# 
loop_
_pdbx_audit_revision_history.ordinal 
_pdbx_audit_revision_history.data_content_type 
_pdbx_audit_revision_history.major_revision 
_pdbx_audit_revision_history.minor_revision 
_pdbx_audit_revision_history.revision_date 
1 'Structure model' 1 0 2023-09-20 
2 'Structure model' 1 1 2023-11-15 
3 'Structure model' 1 2 2024-07-31 
4 'Structure model' 1 3 2024-09-04 
5 'Structure model' 1 4 2024-10-30 
# 
_pdbx_audit_revision_details.ordinal             1 
_pdbx_audit_revision_details.revision_ordinal    1 
_pdbx_audit_revision_details.data_content_type   'Structure model' 
_pdbx_audit_revision_details.provider            repository 
_pdbx_audit_revision_details.type                'Initial release' 
_pdbx_audit_revision_details.description         ? 
_pdbx_audit_revision_details.details             ? 
# 
loop_
_pdbx_audit_revision_group.ordinal 
_pdbx_audit_revision_group.revision_ordinal 
_pdbx_audit_revision_group.data_content_type 
_pdbx_audit_revision_group.group 
1 2 'Structure model' 'Data collection'     
2 3 'Structure model' 'Database references' 
3 4 'Structure model' 'Database references' 
4 5 'Structure model' 'Structure summary'   
# 
loop_
_pdbx_audit_revision_category.ordinal 
_pdbx_audit_revision_category.revision_ordinal 
_pdbx_audit_revision_category.data_content_type 
_pdbx_audit_revision_category.category 
1 2 'Structure model' chem_comp_atom            
2 2 'Structure model' chem_comp_bond            
3 3 'Structure model' citation                  
4 3 'Structure model' citation_author           
5 4 'Structure model' citation                  
6 5 'Structure model' pdbx_entry_details        
7 5 'Structure model' pdbx_modification_feature 
# 
loop_
_pdbx_audit_revision_item.ordinal 
_pdbx_audit_revision_item.revision_ordinal 
_pdbx_audit_revision_item.data_content_type 
_pdbx_audit_revision_item.item 
1  2 'Structure model' '_chem_comp_atom.atom_id'                      
2  2 'Structure model' '_chem_comp_bond.atom_id_2'                    
3  3 'Structure model' '_citation.country'                            
4  3 'Structure model' '_citation.journal_abbrev'                     
5  3 'Structure model' '_citation.journal_id_ASTM'                    
6  3 'Structure model' '_citation.journal_id_CSD'                     
7  3 'Structure model' '_citation.journal_id_ISSN'                    
8  3 'Structure model' '_citation.pdbx_database_id_DOI'               
9  3 'Structure model' '_citation.pdbx_database_id_PubMed'            
10 3 'Structure model' '_citation.title'                              
11 3 'Structure model' '_citation.year'                               
12 4 'Structure model' '_citation.journal_volume'                     
13 4 'Structure model' '_citation.page_first'                         
14 4 'Structure model' '_citation.page_last'                          
15 5 'Structure model' '_pdbx_entry_details.has_protein_modification' 
# 
_pdbx_database_status.status_code                     REL 
_pdbx_database_status.status_code_sf                  REL 
_pdbx_database_status.status_code_mr                  ? 
_pdbx_database_status.entry_id                        8U1J 
_pdbx_database_status.recvd_initial_deposition_date   2023-09-01 
_pdbx_database_status.SG_entry                        N 
_pdbx_database_status.deposit_site                    RCSB 
_pdbx_database_status.process_site                    RCSB 
_pdbx_database_status.status_code_cs                  ? 
_pdbx_database_status.status_code_nmr_data            ? 
_pdbx_database_status.methods_development_category    ? 
_pdbx_database_status.pdb_format_compatible           Y 
# 
loop_
_pdbx_database_related.db_name 
_pdbx_database_related.details 
_pdbx_database_related.db_id 
_pdbx_database_related.content_type 
PDB 'Full-length DdrC'                      7UDI unspecified 
PDB 'Full-length DdrC, different Xtal form' 8U0G unspecified 
# 
_pdbx_contact_author.id                 2 
_pdbx_contact_author.email              mjunop@uwo.ca 
_pdbx_contact_author.name_first         Murray 
_pdbx_contact_author.name_last          Junop 
_pdbx_contact_author.name_mi            S 
_pdbx_contact_author.role               'principal investigator/group leader' 
_pdbx_contact_author.identifier_ORCID   0000-0001-6676-5717 
# 
loop_
_audit_author.name 
_audit_author.pdbx_ordinal 
_audit_author.identifier_ORCID 
'Szabla, R.'  1 0000-0002-6379-232X 
'Song, Y.'    2 0000-0003-2744-7657 
'Junop, M.S.' 3 0000-0001-6676-5717 
# 
_citation.abstract                  ? 
_citation.abstract_id_CAS           ? 
_citation.book_id_ISBN              ? 
_citation.book_publisher            ? 
_citation.book_publisher_city       ? 
_citation.book_title                ? 
_citation.coordinate_linkage        ? 
_citation.country                   UK 
_citation.database_id_Medline       ? 
_citation.details                   ? 
_citation.id                        primary 
_citation.journal_abbrev            'Nucleic Acids Res.' 
_citation.journal_id_ASTM           NARHAD 
_citation.journal_id_CSD            0389 
_citation.journal_id_ISSN           1362-4962 
_citation.journal_full              ? 
_citation.journal_issue             ? 
_citation.journal_volume            52 
_citation.language                  ? 
_citation.page_first                9282 
_citation.page_last                 9302 
_citation.title                     
;DdrC, a unique DNA repair factor from D. radiodurans, senses and stabilizes DNA breaks through a novel lesion-recognition mechanism.
;
_citation.year                      2024 
_citation.database_id_CSD           ? 
_citation.pdbx_database_id_DOI      10.1093/nar/gkae635 
_citation.pdbx_database_id_PubMed   39036966 
_citation.pdbx_database_id_patent   ? 
_citation.unpublished_flag          ? 
# 
loop_
_citation_author.citation_id 
_citation_author.name 
_citation_author.ordinal 
_citation_author.identifier_ORCID 
primary 'Szabla, R.' 1 0000-0002-6379-232X 
primary 'Li, M.'     2 0000-0002-2916-2682 
primary 'Warner, V.' 3 0009-0006-5151-9955 
primary 'Song, Y.'   4 0000-0003-2744-7657 
primary 'Junop, M.'  5 0000-0001-6676-5717 
# 
_entity.id                         1 
_entity.type                       polymer 
_entity.src_method                 man 
_entity.pdbx_description           'DNA damage response protein C' 
_entity.formula_weight             14399.754 
_entity.pdbx_number_of_molecules   1 
_entity.pdbx_ec                    ? 
_entity.pdbx_mutation              'delta(99-231)' 
_entity.pdbx_fragment              ? 
_entity.details                    
;Selenium-derivatized N-terminal domain (residues 1-98) of DdrC from D.radiodurans with an N-terminal His-tag fusion separated by a flexible linker and a TEV protease site
;
# 
_entity_poly.entity_id                      1 
_entity_poly.type                           'polypeptide(L)' 
_entity_poly.nstd_linkage                   no 
_entity_poly.nstd_monomer                   yes 
_entity_poly.pdbx_seq_one_letter_code       
;(MSE)RSGSHHHHHHRSDITSLYKKAGLENLYFQG(MSE)KNAPLTLNFGSVRLPVSADGLLHAPTAQQQLGLTQSWEAA
LVEHGLPETYRDFGAGPEAAVSVPDFVALAFALDTPEARRWQKRARELLARA(MSE)QGDV
;
_entity_poly.pdbx_seq_one_letter_code_can   
;MRSGSHHHHHHRSDITSLYKKAGLENLYFQGMKNAPLTLNFGSVRLPVSADGLLHAPTAQQQLGLTQSWEAALVEHGLPE
TYRDFGAGPEAAVSVPDFVALAFALDTPEARRWQKRARELLARAMQGDV
;
_entity_poly.pdbx_strand_id                 A 
_entity_poly.pdbx_target_identifier         ? 
# 
loop_
_entity_poly_seq.entity_id 
_entity_poly_seq.num 
_entity_poly_seq.mon_id 
_entity_poly_seq.hetero 
1 1   MSE n 
1 2   ARG n 
1 3   SER n 
1 4   GLY n 
1 5   SER n 
1 6   HIS n 
1 7   HIS n 
1 8   HIS n 
1 9   HIS n 
1 10  HIS n 
1 11  HIS n 
1 12  ARG n 
1 13  SER n 
1 14  ASP n 
1 15  ILE n 
1 16  THR n 
1 17  SER n 
1 18  LEU n 
1 19  TYR n 
1 20  LYS n 
1 21  LYS n 
1 22  ALA n 
1 23  GLY n 
1 24  LEU n 
1 25  GLU n 
1 26  ASN n 
1 27  LEU n 
1 28  TYR n 
1 29  PHE n 
1 30  GLN n 
1 31  GLY n 
1 32  MSE n 
1 33  LYS n 
1 34  ASN n 
1 35  ALA n 
1 36  PRO n 
1 37  LEU n 
1 38  THR n 
1 39  LEU n 
1 40  ASN n 
1 41  PHE n 
1 42  GLY n 
1 43  SER n 
1 44  VAL n 
1 45  ARG n 
1 46  LEU n 
1 47  PRO n 
1 48  VAL n 
1 49  SER n 
1 50  ALA n 
1 51  ASP n 
1 52  GLY n 
1 53  LEU n 
1 54  LEU n 
1 55  HIS n 
1 56  ALA n 
1 57  PRO n 
1 58  THR n 
1 59  ALA n 
1 60  GLN n 
1 61  GLN n 
1 62  GLN n 
1 63  LEU n 
1 64  GLY n 
1 65  LEU n 
1 66  THR n 
1 67  GLN n 
1 68  SER n 
1 69  TRP n 
1 70  GLU n 
1 71  ALA n 
1 72  ALA n 
1 73  LEU n 
1 74  VAL n 
1 75  GLU n 
1 76  HIS n 
1 77  GLY n 
1 78  LEU n 
1 79  PRO n 
1 80  GLU n 
1 81  THR n 
1 82  TYR n 
1 83  ARG n 
1 84  ASP n 
1 85  PHE n 
1 86  GLY n 
1 87  ALA n 
1 88  GLY n 
1 89  PRO n 
1 90  GLU n 
1 91  ALA n 
1 92  ALA n 
1 93  VAL n 
1 94  SER n 
1 95  VAL n 
1 96  PRO n 
1 97  ASP n 
1 98  PHE n 
1 99  VAL n 
1 100 ALA n 
1 101 LEU n 
1 102 ALA n 
1 103 PHE n 
1 104 ALA n 
1 105 LEU n 
1 106 ASP n 
1 107 THR n 
1 108 PRO n 
1 109 GLU n 
1 110 ALA n 
1 111 ARG n 
1 112 ARG n 
1 113 TRP n 
1 114 GLN n 
1 115 LYS n 
1 116 ARG n 
1 117 ALA n 
1 118 ARG n 
1 119 GLU n 
1 120 LEU n 
1 121 LEU n 
1 122 ALA n 
1 123 ARG n 
1 124 ALA n 
1 125 MSE n 
1 126 GLN n 
1 127 GLY n 
1 128 ASP n 
1 129 VAL n 
# 
_entity_src_gen.entity_id                          1 
_entity_src_gen.pdbx_src_id                        1 
_entity_src_gen.pdbx_alt_source_flag               sample 
_entity_src_gen.pdbx_seq_type                      'Biological sequence' 
_entity_src_gen.pdbx_beg_seq_num                   1 
_entity_src_gen.pdbx_end_seq_num                   129 
_entity_src_gen.gene_src_common_name               ? 
_entity_src_gen.gene_src_genus                     ? 
_entity_src_gen.pdbx_gene_src_gene                 ddrC 
_entity_src_gen.gene_src_species                   ? 
_entity_src_gen.gene_src_strain                    R1 
_entity_src_gen.gene_src_tissue                    ? 
_entity_src_gen.gene_src_tissue_fraction           ? 
_entity_src_gen.gene_src_details                   ? 
_entity_src_gen.pdbx_gene_src_fragment             ? 
_entity_src_gen.pdbx_gene_src_scientific_name      'Deinococcus radiodurans R1 = ATCC 13939 = DSM 20539' 
_entity_src_gen.pdbx_gene_src_ncbi_taxonomy_id     243230 
_entity_src_gen.pdbx_gene_src_variant              ? 
_entity_src_gen.pdbx_gene_src_cell_line            ? 
_entity_src_gen.pdbx_gene_src_atcc                 13939 
_entity_src_gen.pdbx_gene_src_organ                ? 
_entity_src_gen.pdbx_gene_src_organelle            ? 
_entity_src_gen.pdbx_gene_src_cell                 ? 
_entity_src_gen.pdbx_gene_src_cellular_location    ? 
_entity_src_gen.host_org_common_name               ? 
_entity_src_gen.pdbx_host_org_scientific_name      'Escherichia coli BL21(DE3)' 
_entity_src_gen.pdbx_host_org_ncbi_taxonomy_id     469008 
_entity_src_gen.host_org_genus                     ? 
_entity_src_gen.pdbx_host_org_gene                 ? 
_entity_src_gen.pdbx_host_org_organ                ? 
_entity_src_gen.host_org_species                   ? 
_entity_src_gen.pdbx_host_org_tissue               ? 
_entity_src_gen.pdbx_host_org_tissue_fraction      ? 
_entity_src_gen.pdbx_host_org_strain               '(DE3)-T1R' 
_entity_src_gen.pdbx_host_org_variant              ? 
_entity_src_gen.pdbx_host_org_cell_line            ? 
_entity_src_gen.pdbx_host_org_atcc                 ? 
_entity_src_gen.pdbx_host_org_culture_collection   ? 
_entity_src_gen.pdbx_host_org_cell                 ? 
_entity_src_gen.pdbx_host_org_organelle            ? 
_entity_src_gen.pdbx_host_org_cellular_location    ? 
_entity_src_gen.pdbx_host_org_vector_type          plasmid 
_entity_src_gen.pdbx_host_org_vector               ? 
_entity_src_gen.host_org_details                   'WT DdrC with N-term His-tag (TEV-cleavable)' 
_entity_src_gen.expression_system_id               ? 
_entity_src_gen.plasmid_name                       pMJ5741 
_entity_src_gen.plasmid_details                    ? 
_entity_src_gen.pdbx_description                   ? 
# 
loop_
_chem_comp.id 
_chem_comp.type 
_chem_comp.mon_nstd_flag 
_chem_comp.name 
_chem_comp.pdbx_synonyms 
_chem_comp.formula 
_chem_comp.formula_weight 
ALA 'L-peptide linking' y ALANINE          ? 'C3 H7 N O2'     89.093  
ARG 'L-peptide linking' y ARGININE         ? 'C6 H15 N4 O2 1' 175.209 
ASN 'L-peptide linking' y ASPARAGINE       ? 'C4 H8 N2 O3'    132.118 
ASP 'L-peptide linking' y 'ASPARTIC ACID'  ? 'C4 H7 N O4'     133.103 
GLN 'L-peptide linking' y GLUTAMINE        ? 'C5 H10 N2 O3'   146.144 
GLU 'L-peptide linking' y 'GLUTAMIC ACID'  ? 'C5 H9 N O4'     147.129 
GLY 'peptide linking'   y GLYCINE          ? 'C2 H5 N O2'     75.067  
HIS 'L-peptide linking' y HISTIDINE        ? 'C6 H10 N3 O2 1' 156.162 
ILE 'L-peptide linking' y ISOLEUCINE       ? 'C6 H13 N O2'    131.173 
LEU 'L-peptide linking' y LEUCINE          ? 'C6 H13 N O2'    131.173 
LYS 'L-peptide linking' y LYSINE           ? 'C6 H15 N2 O2 1' 147.195 
MSE 'L-peptide linking' n SELENOMETHIONINE ? 'C5 H11 N O2 Se' 196.106 
PHE 'L-peptide linking' y PHENYLALANINE    ? 'C9 H11 N O2'    165.189 
PRO 'L-peptide linking' y PROLINE          ? 'C5 H9 N O2'     115.130 
SER 'L-peptide linking' y SERINE           ? 'C3 H7 N O3'     105.093 
THR 'L-peptide linking' y THREONINE        ? 'C4 H9 N O3'     119.119 
TRP 'L-peptide linking' y TRYPTOPHAN       ? 'C11 H12 N2 O2'  204.225 
TYR 'L-peptide linking' y TYROSINE         ? 'C9 H11 N O3'    181.189 
VAL 'L-peptide linking' y VALINE           ? 'C5 H11 N O2'    117.146 
# 
loop_
_pdbx_poly_seq_scheme.asym_id 
_pdbx_poly_seq_scheme.entity_id 
_pdbx_poly_seq_scheme.seq_id 
_pdbx_poly_seq_scheme.mon_id 
_pdbx_poly_seq_scheme.ndb_seq_num 
_pdbx_poly_seq_scheme.pdb_seq_num 
_pdbx_poly_seq_scheme.auth_seq_num 
_pdbx_poly_seq_scheme.pdb_mon_id 
_pdbx_poly_seq_scheme.auth_mon_id 
_pdbx_poly_seq_scheme.pdb_strand_id 
_pdbx_poly_seq_scheme.pdb_ins_code 
_pdbx_poly_seq_scheme.hetero 
A 1 1   MSE 1   -30 ?  ?   ?   A . n 
A 1 2   ARG 2   -29 ?  ?   ?   A . n 
A 1 3   SER 3   -28 ?  ?   ?   A . n 
A 1 4   GLY 4   -27 ?  ?   ?   A . n 
A 1 5   SER 5   -26 ?  ?   ?   A . n 
A 1 6   HIS 6   -25 ?  ?   ?   A . n 
A 1 7   HIS 7   -24 ?  ?   ?   A . n 
A 1 8   HIS 8   -23 ?  ?   ?   A . n 
A 1 9   HIS 9   -22 ?  ?   ?   A . n 
A 1 10  HIS 10  -21 ?  ?   ?   A . n 
A 1 11  HIS 11  -20 ?  ?   ?   A . n 
A 1 12  ARG 12  -19 ?  ?   ?   A . n 
A 1 13  SER 13  -18 ?  ?   ?   A . n 
A 1 14  ASP 14  -17 ?  ?   ?   A . n 
A 1 15  ILE 15  -16 ?  ?   ?   A . n 
A 1 16  THR 16  -15 ?  ?   ?   A . n 
A 1 17  SER 17  -14 ?  ?   ?   A . n 
A 1 18  LEU 18  -13 ?  ?   ?   A . n 
A 1 19  TYR 19  -12 ?  ?   ?   A . n 
A 1 20  LYS 20  -11 ?  ?   ?   A . n 
A 1 21  LYS 21  -10 ?  ?   ?   A . n 
A 1 22  ALA 22  -9  ?  ?   ?   A . n 
A 1 23  GLY 23  -8  ?  ?   ?   A . n 
A 1 24  LEU 24  -7  ?  ?   ?   A . n 
A 1 25  GLU 25  -6  ?  ?   ?   A . n 
A 1 26  ASN 26  -5  ?  ?   ?   A . n 
A 1 27  LEU 27  -4  ?  ?   ?   A . n 
A 1 28  TYR 28  -3  ?  ?   ?   A . n 
A 1 29  PHE 29  -2  ?  ?   ?   A . n 
A 1 30  GLN 30  -1  ?  ?   ?   A . n 
A 1 31  GLY 31  0   ?  ?   ?   A . n 
A 1 32  MSE 32  1   1  MSE MSE A . n 
A 1 33  LYS 33  2   2  LYS LYS A . n 
A 1 34  ASN 34  3   3  ASN ASN A . n 
A 1 35  ALA 35  4   4  ALA ALA A . n 
A 1 36  PRO 36  5   5  PRO PRO A . n 
A 1 37  LEU 37  6   6  LEU LEU A . n 
A 1 38  THR 38  7   7  THR THR A . n 
A 1 39  LEU 39  8   8  LEU LEU A . n 
A 1 40  ASN 40  9   9  ASN ASN A . n 
A 1 41  PHE 41  10  10 PHE PHE A . n 
A 1 42  GLY 42  11  11 GLY GLY A . n 
A 1 43  SER 43  12  12 SER SER A . n 
A 1 44  VAL 44  13  13 VAL VAL A . n 
A 1 45  ARG 45  14  14 ARG ARG A . n 
A 1 46  LEU 46  15  15 LEU LEU A . n 
A 1 47  PRO 47  16  16 PRO PRO A . n 
A 1 48  VAL 48  17  17 VAL VAL A . n 
A 1 49  SER 49  18  18 SER SER A . n 
A 1 50  ALA 50  19  19 ALA ALA A . n 
A 1 51  ASP 51  20  20 ASP ASP A . n 
A 1 52  GLY 52  21  21 GLY GLY A . n 
A 1 53  LEU 53  22  22 LEU LEU A . n 
A 1 54  LEU 54  23  23 LEU LEU A . n 
A 1 55  HIS 55  24  24 HIS HIS A . n 
A 1 56  ALA 56  25  25 ALA ALA A . n 
A 1 57  PRO 57  26  26 PRO PRO A . n 
A 1 58  THR 58  27  27 THR THR A . n 
A 1 59  ALA 59  28  28 ALA ALA A . n 
A 1 60  GLN 60  29  29 GLN GLN A . n 
A 1 61  GLN 61  30  30 GLN GLN A . n 
A 1 62  GLN 62  31  31 GLN GLN A . n 
A 1 63  LEU 63  32  32 LEU LEU A . n 
A 1 64  GLY 64  33  33 GLY GLY A . n 
A 1 65  LEU 65  34  34 LEU LEU A . n 
A 1 66  THR 66  35  35 THR THR A . n 
A 1 67  GLN 67  36  36 GLN GLN A . n 
A 1 68  SER 68  37  37 SER SER A . n 
A 1 69  TRP 69  38  38 TRP TRP A . n 
A 1 70  GLU 70  39  39 GLU GLU A . n 
A 1 71  ALA 71  40  40 ALA ALA A . n 
A 1 72  ALA 72  41  41 ALA ALA A . n 
A 1 73  LEU 73  42  42 LEU LEU A . n 
A 1 74  VAL 74  43  43 VAL VAL A . n 
A 1 75  GLU 75  44  44 GLU GLU A . n 
A 1 76  HIS 76  45  45 HIS HIS A . n 
A 1 77  GLY 77  46  46 GLY GLY A . n 
A 1 78  LEU 78  47  47 LEU LEU A . n 
A 1 79  PRO 79  48  48 PRO PRO A . n 
A 1 80  GLU 80  49  49 GLU GLU A . n 
A 1 81  THR 81  50  50 THR THR A . n 
A 1 82  TYR 82  51  51 TYR TYR A . n 
A 1 83  ARG 83  52  52 ARG ARG A . n 
A 1 84  ASP 84  53  53 ASP ASP A . n 
A 1 85  PHE 85  54  54 PHE PHE A . n 
A 1 86  GLY 86  55  55 GLY GLY A . n 
A 1 87  ALA 87  56  56 ALA ALA A . n 
A 1 88  GLY 88  57  57 GLY GLY A . n 
A 1 89  PRO 89  58  58 PRO PRO A . n 
A 1 90  GLU 90  59  59 GLU GLU A . n 
A 1 91  ALA 91  60  60 ALA ALA A . n 
A 1 92  ALA 92  61  61 ALA ALA A . n 
A 1 93  VAL 93  62  62 VAL VAL A . n 
A 1 94  SER 94  63  63 SER SER A . n 
A 1 95  VAL 95  64  64 VAL VAL A . n 
A 1 96  PRO 96  65  65 PRO PRO A . n 
A 1 97  ASP 97  66  66 ASP ASP A . n 
A 1 98  PHE 98  67  67 PHE PHE A . n 
A 1 99  VAL 99  68  68 VAL VAL A . n 
A 1 100 ALA 100 69  69 ALA ALA A . n 
A 1 101 LEU 101 70  70 LEU LEU A . n 
A 1 102 ALA 102 71  71 ALA ALA A . n 
A 1 103 PHE 103 72  72 PHE PHE A . n 
A 1 104 ALA 104 73  73 ALA ALA A . n 
A 1 105 LEU 105 74  74 LEU LEU A . n 
A 1 106 ASP 106 75  75 ASP ASP A . n 
A 1 107 THR 107 76  76 THR THR A . n 
A 1 108 PRO 108 77  77 PRO PRO A . n 
A 1 109 GLU 109 78  78 GLU GLU A . n 
A 1 110 ALA 110 79  79 ALA ALA A . n 
A 1 111 ARG 111 80  80 ARG ARG A . n 
A 1 112 ARG 112 81  81 ARG ARG A . n 
A 1 113 TRP 113 82  82 TRP TRP A . n 
A 1 114 GLN 114 83  83 GLN GLN A . n 
A 1 115 LYS 115 84  84 LYS LYS A . n 
A 1 116 ARG 116 85  85 ARG ARG A . n 
A 1 117 ALA 117 86  86 ALA ALA A . n 
A 1 118 ARG 118 87  87 ARG ARG A . n 
A 1 119 GLU 119 88  88 GLU GLU A . n 
A 1 120 LEU 120 89  89 LEU LEU A . n 
A 1 121 LEU 121 90  90 LEU LEU A . n 
A 1 122 ALA 122 91  91 ALA ALA A . n 
A 1 123 ARG 123 92  92 ARG ARG A . n 
A 1 124 ALA 124 93  93 ALA ALA A . n 
A 1 125 MSE 125 94  94 MSE MSE A . n 
A 1 126 GLN 126 95  95 GLN GLN A . n 
A 1 127 GLY 127 96  96 GLY GLY A . n 
A 1 128 ASP 128 97  97 ASP ASP A . n 
A 1 129 VAL 129 98  98 VAL VAL A . n 
# 
loop_
_software.citation_id 
_software.classification 
_software.compiler_name 
_software.compiler_version 
_software.contact_author 
_software.contact_author_email 
_software.date 
_software.description 
_software.dependencies 
_software.hardware 
_software.language 
_software.location 
_software.mods 
_software.name 
_software.os 
_software.os_version 
_software.type 
_software.version 
_software.pdbx_ordinal 
? refinement        ? ? ? ? ? ? ? ? ? ? ? PHENIX    ? ? ? 1.19.2_4158           1 
? 'data collection' ? ? ? ? ? ? ? ? ? ? ? MxDC      ? ? ? .                     2 
? 'data processing' ? ? ? ? ? ? ? ? ? ? ? autoPROC  ? ? ? '1.0.5  (2022-11-21)' 3 
? 'data reduction'  ? ? ? ? ? ? ? ? ? ? ? XDS       ? ? ? 20190315              4 
? 'data scaling'    ? ? ? ? ? ? ? ? ? ? ? XSCALE    ? ? ? 20230630              5 
? phasing           ? ? ? ? ? ? ? ? ? ? ? PHASER    ? ? ? .                     6 
? 'model building'  ? ? ? ? ? ? ? ? ? ? ? BUCCANEER ? ? ? .                     7 
# 
_cell.angle_alpha                  90.000 
_cell.angle_alpha_esd              ? 
_cell.angle_beta                   90.000 
_cell.angle_beta_esd               ? 
_cell.angle_gamma                  90.000 
_cell.angle_gamma_esd              ? 
_cell.entry_id                     8U1J 
_cell.details                      ? 
_cell.formula_units_Z              ? 
_cell.length_a                     73.410 
_cell.length_a_esd                 ? 
_cell.length_b                     73.410 
_cell.length_b_esd                 ? 
_cell.length_c                     110.230 
_cell.length_c_esd                 ? 
_cell.volume                       594032.567 
_cell.volume_esd                   ? 
_cell.Z_PDB                        16 
_cell.reciprocal_angle_alpha       ? 
_cell.reciprocal_angle_beta        ? 
_cell.reciprocal_angle_gamma       ? 
_cell.reciprocal_angle_alpha_esd   ? 
_cell.reciprocal_angle_beta_esd    ? 
_cell.reciprocal_angle_gamma_esd   ? 
_cell.reciprocal_length_a          ? 
_cell.reciprocal_length_b          ? 
_cell.reciprocal_length_c          ? 
_cell.reciprocal_length_a_esd      ? 
_cell.reciprocal_length_b_esd      ? 
_cell.reciprocal_length_c_esd      ? 
_cell.pdbx_unique_axis             ? 
_cell.pdbx_esd_method              ? 
# 
_symmetry.entry_id                         8U1J 
_symmetry.cell_setting                     ? 
_symmetry.Int_Tables_number                98 
_symmetry.space_group_name_Hall            'I 4bw 2bw' 
_symmetry.space_group_name_H-M             'I 41 2 2' 
_symmetry.pdbx_full_space_group_name_H-M   ? 
# 
_exptl.absorpt_coefficient_mu     ? 
_exptl.absorpt_correction_T_max   ? 
_exptl.absorpt_correction_T_min   ? 
_exptl.absorpt_correction_type    ? 
_exptl.absorpt_process_details    ? 
_exptl.entry_id                   8U1J 
_exptl.crystals_number            1 
_exptl.details                    ? 
_exptl.method                     'X-RAY DIFFRACTION' 
_exptl.method_details             ? 
# 
_exptl_crystal.colour                       ? 
_exptl_crystal.density_diffrn               ? 
_exptl_crystal.density_Matthews             2.60 
_exptl_crystal.density_method               ? 
_exptl_crystal.density_percent_sol          52.7 
_exptl_crystal.description                  
;Square-base bipyramid
<0.1mm in all dimensions
;
_exptl_crystal.F_000                        ? 
_exptl_crystal.id                           1 
_exptl_crystal.preparation                  ? 
_exptl_crystal.size_max                     ? 
_exptl_crystal.size_mid                     ? 
_exptl_crystal.size_min                     ? 
_exptl_crystal.size_rad                     ? 
_exptl_crystal.colour_lustre                ? 
_exptl_crystal.colour_modifier              ? 
_exptl_crystal.colour_primary               ? 
_exptl_crystal.density_meas                 ? 
_exptl_crystal.density_meas_esd             ? 
_exptl_crystal.density_meas_gt              ? 
_exptl_crystal.density_meas_lt              ? 
_exptl_crystal.density_meas_temp            ? 
_exptl_crystal.density_meas_temp_esd        ? 
_exptl_crystal.density_meas_temp_gt         ? 
_exptl_crystal.density_meas_temp_lt         ? 
_exptl_crystal.pdbx_crystal_image_url       ? 
_exptl_crystal.pdbx_crystal_image_format    ? 
_exptl_crystal.pdbx_mosaicity               ? 
_exptl_crystal.pdbx_mosaicity_esd           ? 
_exptl_crystal.pdbx_mosaic_method           ? 
_exptl_crystal.pdbx_mosaic_block_size       ? 
_exptl_crystal.pdbx_mosaic_block_size_esd   ? 
# 
_exptl_crystal_grow.apparatus       ? 
_exptl_crystal_grow.atmosphere      ? 
_exptl_crystal_grow.crystal_id      1 
_exptl_crystal_grow.details         ? 
_exptl_crystal_grow.method          'VAPOR DIFFUSION, HANGING DROP' 
_exptl_crystal_grow.method_ref      ? 
_exptl_crystal_grow.pH              8.0 
_exptl_crystal_grow.pressure        ? 
_exptl_crystal_grow.pressure_esd    ? 
_exptl_crystal_grow.seeding         ? 
_exptl_crystal_grow.seeding_ref     ? 
_exptl_crystal_grow.temp_details    'Termperature-controlled incubator at 20C' 
_exptl_crystal_grow.temp_esd        ? 
_exptl_crystal_grow.time            ? 
_exptl_crystal_grow.pdbx_details    
;3.0 ul of protein solution was mixed with 1.0 uL of crystallization solution and hung upside-down in a sealed chamber containing 1mL of well solution. 

During crystallization, an unknown protease contaminant in the protein solution cleaved FL DdrC between residues 98 and 99, allowing for crystallization of residues 1-98. 

Protein solution:
257uM DdrC,
800mM NaCl
20mM Tris, pH 8.0
5% (v/v) Glycerol
Unknown protease contaminant

Crystallization solution (Midas1 - MD1-59 condition #91):
15% (v/v) Sokolan-CP42
200mM Potassium citrate tribasic

Well solution:
3.25M Ammonium sulfate
;
_exptl_crystal_grow.pdbx_pH_range   ? 
_exptl_crystal_grow.temp            293 
# 
_diffrn.ambient_environment              ? 
_diffrn.ambient_temp                     100.0 
_diffrn.ambient_temp_details             'Nitrogen cryo-stream' 
_diffrn.ambient_temp_esd                 ? 
_diffrn.crystal_id                       1 
_diffrn.crystal_support                  ? 
_diffrn.crystal_treatment                ? 
_diffrn.details                          ? 
_diffrn.id                               1 
_diffrn.ambient_pressure                 ? 
_diffrn.ambient_pressure_esd             ? 
_diffrn.ambient_pressure_gt              ? 
_diffrn.ambient_pressure_lt              ? 
_diffrn.ambient_temp_gt                  ? 
_diffrn.ambient_temp_lt                  ? 
_diffrn.pdbx_serial_crystal_experiment   N 
# 
_diffrn_detector.details                      'CMCF-ID optics setup' 
_diffrn_detector.detector                     PIXEL 
_diffrn_detector.diffrn_id                    1 
_diffrn_detector.type                         'DECTRIS PILATUS3 6M' 
_diffrn_detector.area_resol_mean              ? 
_diffrn_detector.dtime                        ? 
_diffrn_detector.pdbx_frames_total            ? 
_diffrn_detector.pdbx_collection_time_total   ? 
_diffrn_detector.pdbx_collection_date         2019-06-09 
_diffrn_detector.pdbx_frequency               ? 
_diffrn_detector.id                           ? 
_diffrn_detector.number_of_axes               ? 
# 
_diffrn_radiation.collimation                      ? 
_diffrn_radiation.diffrn_id                        1 
_diffrn_radiation.filter_edge                      ? 
_diffrn_radiation.inhomogeneity                    ? 
_diffrn_radiation.monochromator                    'double crystal multilayer monochromator (DCMM)' 
_diffrn_radiation.polarisn_norm                    ? 
_diffrn_radiation.polarisn_ratio                   ? 
_diffrn_radiation.probe                            ? 
_diffrn_radiation.type                             ? 
_diffrn_radiation.xray_symbol                      ? 
_diffrn_radiation.wavelength_id                    1 
_diffrn_radiation.pdbx_monochromatic_or_laue_m_l   M 
_diffrn_radiation.pdbx_wavelength_list             ? 
_diffrn_radiation.pdbx_wavelength                  ? 
_diffrn_radiation.pdbx_diffrn_protocol             'SINGLE WAVELENGTH' 
_diffrn_radiation.pdbx_analyzer                    ? 
_diffrn_radiation.pdbx_scattering_type             x-ray 
# 
_diffrn_radiation_wavelength.id           1 
_diffrn_radiation_wavelength.wavelength   0.97995 
_diffrn_radiation_wavelength.wt           1.0 
# 
_diffrn_source.current                     ? 
_diffrn_source.details                     ? 
_diffrn_source.diffrn_id                   1 
_diffrn_source.power                       ? 
_diffrn_source.size                        ? 
_diffrn_source.source                      SYNCHROTRON 
_diffrn_source.target                      ? 
_diffrn_source.type                        'CLSI BEAMLINE 08ID-1' 
_diffrn_source.voltage                     ? 
_diffrn_source.take-off_angle              ? 
_diffrn_source.pdbx_wavelength_list        0.97995 
_diffrn_source.pdbx_wavelength             ? 
_diffrn_source.pdbx_synchrotron_beamline   08ID-1 
_diffrn_source.pdbx_synchrotron_site       CLSI 
# 
_reflns.B_iso_Wilson_estimate                          84.41 
_reflns.entry_id                                       8U1J 
_reflns.data_reduction_details                         ? 
_reflns.data_reduction_method                          ? 
_reflns.d_resolution_high                              2.972 
_reflns.d_resolution_low                               37.79 
_reflns.details                                        ? 
_reflns.limit_h_max                                    ? 
_reflns.limit_h_min                                    ? 
_reflns.limit_k_max                                    ? 
_reflns.limit_k_min                                    ? 
_reflns.limit_l_max                                    ? 
_reflns.limit_l_min                                    ? 
_reflns.number_all                                     ? 
_reflns.number_obs                                     3335 
_reflns.observed_criterion                             ? 
_reflns.observed_criterion_F_max                       ? 
_reflns.observed_criterion_F_min                       ? 
_reflns.observed_criterion_I_max                       ? 
_reflns.observed_criterion_I_min                       ? 
_reflns.observed_criterion_sigma_F                     ? 
_reflns.observed_criterion_sigma_I                     ? 
_reflns.percent_possible_obs                           100.0 
_reflns.R_free_details                                 ? 
_reflns.Rmerge_F_all                                   ? 
_reflns.Rmerge_F_obs                                   ? 
_reflns.Friedel_coverage                               ? 
_reflns.number_gt                                      ? 
_reflns.threshold_expression                           ? 
_reflns.pdbx_redundancy                                20.9 
_reflns.pdbx_netI_over_av_sigmaI                       ? 
_reflns.pdbx_netI_over_sigmaI                          33.7 
_reflns.pdbx_res_netI_over_av_sigmaI_2                 ? 
_reflns.pdbx_res_netI_over_sigmaI_2                    ? 
_reflns.pdbx_chi_squared                               ? 
_reflns.pdbx_scaling_rejects                           ? 
_reflns.pdbx_d_res_high_opt                            ? 
_reflns.pdbx_d_res_low_opt                             ? 
_reflns.pdbx_d_res_opt_method                          ? 
_reflns.phase_calculation_details                      ? 
_reflns.pdbx_Rrim_I_all                                0.062 
_reflns.pdbx_Rpim_I_all                                0.014 
_reflns.pdbx_d_opt                                     ? 
_reflns.pdbx_number_measured_all                       ? 
_reflns.pdbx_diffrn_id                                 1 
_reflns.pdbx_ordinal                                   1 
_reflns.pdbx_CC_half                                   0.998 
_reflns.pdbx_CC_star                                   ? 
_reflns.pdbx_R_split                                   ? 
_reflns.pdbx_Rmerge_I_obs                              0.060 
_reflns.pdbx_Rmerge_I_all                              ? 
_reflns.pdbx_Rsym_value                                ? 
_reflns.pdbx_CC_split_method                           ? 
_reflns.pdbx_aniso_diffraction_limit_axis_1_ortho[1]   ? 
_reflns.pdbx_aniso_diffraction_limit_axis_1_ortho[2]   ? 
_reflns.pdbx_aniso_diffraction_limit_axis_1_ortho[3]   ? 
_reflns.pdbx_aniso_diffraction_limit_axis_2_ortho[1]   ? 
_reflns.pdbx_aniso_diffraction_limit_axis_2_ortho[2]   ? 
_reflns.pdbx_aniso_diffraction_limit_axis_2_ortho[3]   ? 
_reflns.pdbx_aniso_diffraction_limit_axis_3_ortho[1]   ? 
_reflns.pdbx_aniso_diffraction_limit_axis_3_ortho[2]   ? 
_reflns.pdbx_aniso_diffraction_limit_axis_3_ortho[3]   ? 
_reflns.pdbx_aniso_diffraction_limit_1                 ? 
_reflns.pdbx_aniso_diffraction_limit_2                 ? 
_reflns.pdbx_aniso_diffraction_limit_3                 ? 
_reflns.pdbx_aniso_B_tensor_eigenvector_1_ortho[1]     ? 
_reflns.pdbx_aniso_B_tensor_eigenvector_1_ortho[2]     ? 
_reflns.pdbx_aniso_B_tensor_eigenvector_1_ortho[3]     ? 
_reflns.pdbx_aniso_B_tensor_eigenvector_2_ortho[1]     ? 
_reflns.pdbx_aniso_B_tensor_eigenvector_2_ortho[2]     ? 
_reflns.pdbx_aniso_B_tensor_eigenvector_2_ortho[3]     ? 
_reflns.pdbx_aniso_B_tensor_eigenvector_3_ortho[1]     ? 
_reflns.pdbx_aniso_B_tensor_eigenvector_3_ortho[2]     ? 
_reflns.pdbx_aniso_B_tensor_eigenvector_3_ortho[3]     ? 
_reflns.pdbx_aniso_B_tensor_eigenvalue_1               ? 
_reflns.pdbx_aniso_B_tensor_eigenvalue_2               ? 
_reflns.pdbx_aniso_B_tensor_eigenvalue_3               ? 
_reflns.pdbx_orthogonalization_convention              ? 
_reflns.pdbx_percent_possible_ellipsoidal              ? 
_reflns.pdbx_percent_possible_spherical                ? 
_reflns.pdbx_percent_possible_ellipsoidal_anomalous    ? 
_reflns.pdbx_percent_possible_spherical_anomalous      ? 
_reflns.pdbx_redundancy_anomalous                      ? 
_reflns.pdbx_CC_half_anomalous                         ? 
_reflns.pdbx_absDiff_over_sigma_anomalous              ? 
_reflns.pdbx_percent_possible_anomalous                ? 
_reflns.pdbx_observed_signal_threshold                 ? 
_reflns.pdbx_signal_type                               ? 
_reflns.pdbx_signal_details                            ? 
_reflns.pdbx_signal_software_id                        ? 
# 
_reflns_shell.d_res_high                                    2.972 
_reflns_shell.d_res_low                                     3.023 
_reflns_shell.meanI_over_sigI_all                           ? 
_reflns_shell.meanI_over_sigI_obs                           5.4 
_reflns_shell.number_measured_all                           ? 
_reflns_shell.number_measured_obs                           ? 
_reflns_shell.number_possible                               ? 
_reflns_shell.number_unique_all                             ? 
_reflns_shell.number_unique_obs                             164 
_reflns_shell.percent_possible_obs                          ? 
_reflns_shell.Rmerge_F_all                                  ? 
_reflns_shell.Rmerge_F_obs                                  ? 
_reflns_shell.meanI_over_sigI_gt                            ? 
_reflns_shell.meanI_over_uI_all                             ? 
_reflns_shell.meanI_over_uI_gt                              ? 
_reflns_shell.number_measured_gt                            ? 
_reflns_shell.number_unique_gt                              ? 
_reflns_shell.percent_possible_gt                           ? 
_reflns_shell.Rmerge_F_gt                                   ? 
_reflns_shell.Rmerge_I_gt                                   ? 
_reflns_shell.pdbx_redundancy                               20.2 
_reflns_shell.pdbx_chi_squared                              ? 
_reflns_shell.pdbx_netI_over_sigmaI_all                     ? 
_reflns_shell.pdbx_netI_over_sigmaI_obs                     ? 
_reflns_shell.pdbx_Rrim_I_all                               0.485 
_reflns_shell.pdbx_Rpim_I_all                               0.107 
_reflns_shell.pdbx_rejects                                  ? 
_reflns_shell.pdbx_ordinal                                  1 
_reflns_shell.pdbx_diffrn_id                                1 
_reflns_shell.pdbx_CC_half                                  0.956 
_reflns_shell.pdbx_CC_star                                  ? 
_reflns_shell.pdbx_R_split                                  ? 
_reflns_shell.percent_possible_all                          100.0 
_reflns_shell.Rmerge_I_all                                  ? 
_reflns_shell.Rmerge_I_obs                                  0.462 
_reflns_shell.pdbx_Rsym_value                               ? 
_reflns_shell.pdbx_percent_possible_ellipsoidal             ? 
_reflns_shell.pdbx_percent_possible_spherical               ? 
_reflns_shell.pdbx_percent_possible_ellipsoidal_anomalous   ? 
_reflns_shell.pdbx_percent_possible_spherical_anomalous     ? 
_reflns_shell.pdbx_redundancy_anomalous                     ? 
_reflns_shell.pdbx_CC_half_anomalous                        ? 
_reflns_shell.pdbx_absDiff_over_sigma_anomalous             ? 
_reflns_shell.pdbx_percent_possible_anomalous               ? 
# 
_refine.aniso_B[1][1]                            ? 
_refine.aniso_B[1][2]                            ? 
_refine.aniso_B[1][3]                            ? 
_refine.aniso_B[2][2]                            ? 
_refine.aniso_B[2][3]                            ? 
_refine.aniso_B[3][3]                            ? 
_refine.B_iso_max                                ? 
_refine.B_iso_mean                               72.09 
_refine.B_iso_min                                ? 
_refine.correlation_coeff_Fo_to_Fc               ? 
_refine.correlation_coeff_Fo_to_Fc_free          ? 
_refine.details                                  ? 
_refine.diff_density_max                         ? 
_refine.diff_density_max_esd                     ? 
_refine.diff_density_min                         ? 
_refine.diff_density_min_esd                     ? 
_refine.diff_density_rms                         ? 
_refine.diff_density_rms_esd                     ? 
_refine.entry_id                                 8U1J 
_refine.pdbx_refine_id                           'X-RAY DIFFRACTION' 
_refine.ls_abs_structure_details                 ? 
_refine.ls_abs_structure_Flack                   ? 
_refine.ls_abs_structure_Flack_esd               ? 
_refine.ls_abs_structure_Rogers                  ? 
_refine.ls_abs_structure_Rogers_esd              ? 
_refine.ls_d_res_high                            3.00 
_refine.ls_d_res_low                             37.79 
_refine.ls_extinction_coef                       ? 
_refine.ls_extinction_coef_esd                   ? 
_refine.ls_extinction_expression                 ? 
_refine.ls_extinction_method                     ? 
_refine.ls_goodness_of_fit_all                   ? 
_refine.ls_goodness_of_fit_all_esd               ? 
_refine.ls_goodness_of_fit_obs                   ? 
_refine.ls_goodness_of_fit_obs_esd               ? 
_refine.ls_hydrogen_treatment                    ? 
_refine.ls_matrix_type                           ? 
_refine.ls_number_constraints                    ? 
_refine.ls_number_parameters                     ? 
_refine.ls_number_reflns_all                     ? 
_refine.ls_number_reflns_obs                     3237 
_refine.ls_number_reflns_R_free                  155 
_refine.ls_number_reflns_R_work                  3082 
_refine.ls_number_restraints                     ? 
_refine.ls_percent_reflns_obs                    99.91 
_refine.ls_percent_reflns_R_free                 4.79 
_refine.ls_R_factor_all                          ? 
_refine.ls_R_factor_obs                          0.2268 
_refine.ls_R_factor_R_free                       0.2573 
_refine.ls_R_factor_R_free_error                 ? 
_refine.ls_R_factor_R_free_error_details         ? 
_refine.ls_R_factor_R_work                       0.2252 
_refine.ls_R_Fsqd_factor_obs                     ? 
_refine.ls_R_I_factor_obs                        ? 
_refine.ls_redundancy_reflns_all                 ? 
_refine.ls_redundancy_reflns_obs                 ? 
_refine.ls_restrained_S_all                      ? 
_refine.ls_restrained_S_obs                      ? 
_refine.ls_shift_over_esd_max                    ? 
_refine.ls_shift_over_esd_mean                   ? 
_refine.ls_structure_factor_coef                 ? 
_refine.ls_weighting_details                     ? 
_refine.ls_weighting_scheme                      ? 
_refine.ls_wR_factor_all                         ? 
_refine.ls_wR_factor_obs                         ? 
_refine.ls_wR_factor_R_free                      ? 
_refine.ls_wR_factor_R_work                      ? 
_refine.occupancy_max                            ? 
_refine.occupancy_min                            ? 
_refine.solvent_model_details                    'FLAT BULK SOLVENT MODEL' 
_refine.solvent_model_param_bsol                 ? 
_refine.solvent_model_param_ksol                 ? 
_refine.pdbx_R_complete                          ? 
_refine.ls_R_factor_gt                           ? 
_refine.ls_goodness_of_fit_gt                    ? 
_refine.ls_goodness_of_fit_ref                   ? 
_refine.ls_shift_over_su_max                     ? 
_refine.ls_shift_over_su_max_lt                  ? 
_refine.ls_shift_over_su_mean                    ? 
_refine.ls_shift_over_su_mean_lt                 ? 
_refine.pdbx_ls_sigma_I                          ? 
_refine.pdbx_ls_sigma_F                          1.40 
_refine.pdbx_ls_sigma_Fsqd                       ? 
_refine.pdbx_data_cutoff_high_absF               ? 
_refine.pdbx_data_cutoff_high_rms_absF           ? 
_refine.pdbx_data_cutoff_low_absF                ? 
_refine.pdbx_isotropic_thermal_model             ? 
_refine.pdbx_ls_cross_valid_method               'FREE R-VALUE' 
_refine.pdbx_method_to_determine_struct          'MOLECULAR REPLACEMENT' 
_refine.pdbx_starting_model                      ? 
_refine.pdbx_stereochemistry_target_values       'GeoStd + Monomer Library + CDL v1.2' 
_refine.pdbx_R_Free_selection_details            ? 
_refine.pdbx_stereochem_target_val_spec_case     ? 
_refine.pdbx_overall_ESU_R                       ? 
_refine.pdbx_overall_ESU_R_Free                  ? 
_refine.pdbx_solvent_vdw_probe_radii             1.1100 
_refine.pdbx_solvent_ion_probe_radii             ? 
_refine.pdbx_solvent_shrinkage_radii             0.9000 
_refine.pdbx_real_space_R                        ? 
_refine.pdbx_density_correlation                 ? 
_refine.pdbx_pd_number_of_powder_patterns        ? 
_refine.pdbx_pd_number_of_points                 ? 
_refine.pdbx_pd_meas_number_of_points            ? 
_refine.pdbx_pd_proc_ls_prof_R_factor            ? 
_refine.pdbx_pd_proc_ls_prof_wR_factor           ? 
_refine.pdbx_pd_Marquardt_correlation_coeff      ? 
_refine.pdbx_pd_Fsqrd_R_factor                   ? 
_refine.pdbx_pd_ls_matrix_band_width             ? 
_refine.pdbx_overall_phase_error                 19.7981 
_refine.pdbx_overall_SU_R_free_Cruickshank_DPI   ? 
_refine.pdbx_overall_SU_R_free_Blow_DPI          ? 
_refine.pdbx_overall_SU_R_Blow_DPI               ? 
_refine.pdbx_TLS_residual_ADP_flag               ? 
_refine.pdbx_diffrn_id                           1 
_refine.overall_SU_B                             ? 
_refine.overall_SU_ML                            0.1611 
_refine.overall_SU_R_Cruickshank_DPI             ? 
_refine.overall_SU_R_free                        ? 
_refine.overall_FOM_free_R_set                   ? 
_refine.overall_FOM_work_R_set                   ? 
_refine.pdbx_average_fsc_overall                 ? 
_refine.pdbx_average_fsc_work                    ? 
_refine.pdbx_average_fsc_free                    ? 
# 
_refine_hist.pdbx_refine_id                   'X-RAY DIFFRACTION' 
_refine_hist.cycle_id                         LAST 
_refine_hist.details                          ? 
_refine_hist.d_res_high                       3.00 
_refine_hist.d_res_low                        37.79 
_refine_hist.number_atoms_solvent             0 
_refine_hist.number_atoms_total               748 
_refine_hist.number_reflns_all                ? 
_refine_hist.number_reflns_obs                ? 
_refine_hist.number_reflns_R_free             ? 
_refine_hist.number_reflns_R_work             ? 
_refine_hist.R_factor_all                     ? 
_refine_hist.R_factor_obs                     ? 
_refine_hist.R_factor_R_free                  ? 
_refine_hist.R_factor_R_work                  ? 
_refine_hist.pdbx_number_residues_total       ? 
_refine_hist.pdbx_B_iso_mean_ligand           ? 
_refine_hist.pdbx_B_iso_mean_solvent          ? 
_refine_hist.pdbx_number_atoms_protein        748 
_refine_hist.pdbx_number_atoms_nucleic_acid   0 
_refine_hist.pdbx_number_atoms_ligand         0 
_refine_hist.pdbx_number_atoms_lipid          ? 
_refine_hist.pdbx_number_atoms_carb           ? 
_refine_hist.pdbx_pseudo_atom_details         ? 
# 
loop_
_refine_ls_restr.pdbx_refine_id 
_refine_ls_restr.criterion 
_refine_ls_restr.dev_ideal 
_refine_ls_restr.dev_ideal_target 
_refine_ls_restr.number 
_refine_ls_restr.rejects 
_refine_ls_restr.type 
_refine_ls_restr.weight 
_refine_ls_restr.pdbx_restraint_function 
'X-RAY DIFFRACTION' ? 0.0198  ? 765  ? f_bond_d           ? ? 
'X-RAY DIFFRACTION' ? 1.6617  ? 1042 ? f_angle_d          ? ? 
'X-RAY DIFFRACTION' ? 0.0855  ? 116  ? f_chiral_restr     ? ? 
'X-RAY DIFFRACTION' ? 0.0140  ? 139  ? f_plane_restr      ? ? 
'X-RAY DIFFRACTION' ? 11.2251 ? 278  ? f_dihedral_angle_d ? ? 
# 
_refine_ls_shell.pdbx_refine_id                   'X-RAY DIFFRACTION' 
_refine_ls_shell.d_res_high                       3.00 
_refine_ls_shell.d_res_low                        37.79 
_refine_ls_shell.number_reflns_all                ? 
_refine_ls_shell.number_reflns_obs                ? 
_refine_ls_shell.number_reflns_R_free             155 
_refine_ls_shell.number_reflns_R_work             3082 
_refine_ls_shell.percent_reflns_obs               99.91 
_refine_ls_shell.percent_reflns_R_free            ? 
_refine_ls_shell.R_factor_all                     ? 
_refine_ls_shell.R_factor_obs                     ? 
_refine_ls_shell.R_factor_R_free_error            ? 
_refine_ls_shell.R_factor_R_work                  0.2252 
_refine_ls_shell.redundancy_reflns_all            ? 
_refine_ls_shell.redundancy_reflns_obs            ? 
_refine_ls_shell.wR_factor_all                    ? 
_refine_ls_shell.wR_factor_obs                    ? 
_refine_ls_shell.wR_factor_R_free                 ? 
_refine_ls_shell.wR_factor_R_work                 ? 
_refine_ls_shell.pdbx_R_complete                  ? 
_refine_ls_shell.pdbx_total_number_of_bins_used   ? 
_refine_ls_shell.pdbx_phase_error                 ? 
_refine_ls_shell.pdbx_fsc_work                    ? 
_refine_ls_shell.pdbx_fsc_free                    ? 
_refine_ls_shell.R_factor_R_free                  0.2573 
# 
_struct.entry_id                     8U1J 
_struct.title                        
'N-Terminal domain of DNA-Damage Response Protein C (DdrC) from Deinococcus radiodurans - Crystal form xMJ7102' 
_struct.pdbx_model_details           ? 
_struct.pdbx_formula_weight          ? 
_struct.pdbx_formula_weight_method   ? 
_struct.pdbx_model_type_details      ? 
_struct.pdbx_CASP_flag               N 
# 
_struct_keywords.entry_id        8U1J 
_struct_keywords.text            'DNA Repair, Radioresistance, DNA BINDING PROTEIN' 
_struct_keywords.pdbx_keywords   'DNA BINDING PROTEIN' 
# 
_struct_asym.id                            A 
_struct_asym.pdbx_blank_PDB_chainid_flag   N 
_struct_asym.pdbx_modified                 N 
_struct_asym.entity_id                     1 
_struct_asym.details                       ? 
# 
_struct_ref.id                         1 
_struct_ref.db_name                    UNP 
_struct_ref.db_code                    DDRC_DEIRA 
_struct_ref.pdbx_db_accession          Q9RYE6 
_struct_ref.pdbx_db_isoform            ? 
_struct_ref.entity_id                  1 
_struct_ref.pdbx_seq_one_letter_code   
;MKNAPLTLNFGSVRLPVSADGLLHAPTAQQQLGLTQSWEAALVEHGLPETYRDFGAGPEAAVSVPDFVALAFALDTPEAR
RWQKRARELLARAMQGDV
;
_struct_ref.pdbx_align_begin           1 
# 
_struct_ref_seq.align_id                      1 
_struct_ref_seq.ref_id                        1 
_struct_ref_seq.pdbx_PDB_id_code              8U1J 
_struct_ref_seq.pdbx_strand_id                A 
_struct_ref_seq.seq_align_beg                 32 
_struct_ref_seq.pdbx_seq_align_beg_ins_code   ? 
_struct_ref_seq.seq_align_end                 129 
_struct_ref_seq.pdbx_seq_align_end_ins_code   ? 
_struct_ref_seq.pdbx_db_accession             Q9RYE6 
_struct_ref_seq.db_align_beg                  1 
_struct_ref_seq.pdbx_db_align_beg_ins_code    ? 
_struct_ref_seq.db_align_end                  98 
_struct_ref_seq.pdbx_db_align_end_ins_code    ? 
_struct_ref_seq.pdbx_auth_seq_align_beg       1 
_struct_ref_seq.pdbx_auth_seq_align_end       98 
# 
loop_
_struct_ref_seq_dif.align_id 
_struct_ref_seq_dif.pdbx_pdb_id_code 
_struct_ref_seq_dif.mon_id 
_struct_ref_seq_dif.pdbx_pdb_strand_id 
_struct_ref_seq_dif.seq_num 
_struct_ref_seq_dif.pdbx_pdb_ins_code 
_struct_ref_seq_dif.pdbx_seq_db_name 
_struct_ref_seq_dif.pdbx_seq_db_accession_code 
_struct_ref_seq_dif.db_mon_id 
_struct_ref_seq_dif.pdbx_seq_db_seq_num 
_struct_ref_seq_dif.details 
_struct_ref_seq_dif.pdbx_auth_seq_num 
_struct_ref_seq_dif.pdbx_ordinal 
1 8U1J MSE A 1  ? UNP Q9RYE6 ? ? 'initiating methionine' -30 1  
1 8U1J ARG A 2  ? UNP Q9RYE6 ? ? 'expression tag'        -29 2  
1 8U1J SER A 3  ? UNP Q9RYE6 ? ? 'expression tag'        -28 3  
1 8U1J GLY A 4  ? UNP Q9RYE6 ? ? 'expression tag'        -27 4  
1 8U1J SER A 5  ? UNP Q9RYE6 ? ? 'expression tag'        -26 5  
1 8U1J HIS A 6  ? UNP Q9RYE6 ? ? 'expression tag'        -25 6  
1 8U1J HIS A 7  ? UNP Q9RYE6 ? ? 'expression tag'        -24 7  
1 8U1J HIS A 8  ? UNP Q9RYE6 ? ? 'expression tag'        -23 8  
1 8U1J HIS A 9  ? UNP Q9RYE6 ? ? 'expression tag'        -22 9  
1 8U1J HIS A 10 ? UNP Q9RYE6 ? ? 'expression tag'        -21 10 
1 8U1J HIS A 11 ? UNP Q9RYE6 ? ? 'expression tag'        -20 11 
1 8U1J ARG A 12 ? UNP Q9RYE6 ? ? 'expression tag'        -19 12 
1 8U1J SER A 13 ? UNP Q9RYE6 ? ? 'expression tag'        -18 13 
1 8U1J ASP A 14 ? UNP Q9RYE6 ? ? 'expression tag'        -17 14 
1 8U1J ILE A 15 ? UNP Q9RYE6 ? ? 'expression tag'        -16 15 
1 8U1J THR A 16 ? UNP Q9RYE6 ? ? 'expression tag'        -15 16 
1 8U1J SER A 17 ? UNP Q9RYE6 ? ? 'expression tag'        -14 17 
1 8U1J LEU A 18 ? UNP Q9RYE6 ? ? 'expression tag'        -13 18 
1 8U1J TYR A 19 ? UNP Q9RYE6 ? ? 'expression tag'        -12 19 
1 8U1J LYS A 20 ? UNP Q9RYE6 ? ? 'expression tag'        -11 20 
1 8U1J LYS A 21 ? UNP Q9RYE6 ? ? 'expression tag'        -10 21 
1 8U1J ALA A 22 ? UNP Q9RYE6 ? ? 'expression tag'        -9  22 
1 8U1J GLY A 23 ? UNP Q9RYE6 ? ? 'expression tag'        -8  23 
1 8U1J LEU A 24 ? UNP Q9RYE6 ? ? 'expression tag'        -7  24 
1 8U1J GLU A 25 ? UNP Q9RYE6 ? ? 'expression tag'        -6  25 
1 8U1J ASN A 26 ? UNP Q9RYE6 ? ? 'expression tag'        -5  26 
1 8U1J LEU A 27 ? UNP Q9RYE6 ? ? 'expression tag'        -4  27 
1 8U1J TYR A 28 ? UNP Q9RYE6 ? ? 'expression tag'        -3  28 
1 8U1J PHE A 29 ? UNP Q9RYE6 ? ? 'expression tag'        -2  29 
1 8U1J GLN A 30 ? UNP Q9RYE6 ? ? 'expression tag'        -1  30 
1 8U1J GLY A 31 ? UNP Q9RYE6 ? ? 'expression tag'        0   31 
# 
_pdbx_struct_assembly.id                   1 
_pdbx_struct_assembly.details              author_and_software_defined_assembly 
_pdbx_struct_assembly.method_details       PISA 
_pdbx_struct_assembly.oligomeric_details   dimeric 
_pdbx_struct_assembly.oligomeric_count     2 
# 
loop_
_pdbx_struct_assembly_prop.biol_id 
_pdbx_struct_assembly_prop.type 
_pdbx_struct_assembly_prop.value 
_pdbx_struct_assembly_prop.details 
1 'ABSA (A^2)' 1750  ? 
1 MORE         -26   ? 
1 'SSA (A^2)'  10920 ? 
# 
_pdbx_struct_assembly_gen.assembly_id       1 
_pdbx_struct_assembly_gen.oper_expression   1,2 
_pdbx_struct_assembly_gen.asym_id_list      A 
# 
loop_
_pdbx_struct_oper_list.id 
_pdbx_struct_oper_list.type 
_pdbx_struct_oper_list.name 
_pdbx_struct_oper_list.symmetry_operation 
_pdbx_struct_oper_list.matrix[1][1] 
_pdbx_struct_oper_list.matrix[1][2] 
_pdbx_struct_oper_list.matrix[1][3] 
_pdbx_struct_oper_list.vector[1] 
_pdbx_struct_oper_list.matrix[2][1] 
_pdbx_struct_oper_list.matrix[2][2] 
_pdbx_struct_oper_list.matrix[2][3] 
_pdbx_struct_oper_list.vector[2] 
_pdbx_struct_oper_list.matrix[3][1] 
_pdbx_struct_oper_list.matrix[3][2] 
_pdbx_struct_oper_list.matrix[3][3] 
_pdbx_struct_oper_list.vector[3] 
1 'identity operation'         1_555  x,y,z   1.0000000000  0.0000000000  0.0000000000  0.0000000000 0.0000000000  1.0000000000  0.0000000000 0.0000000000   0.0000000000  0.0000000000 1.0000000000 0.0000000000 
2 'crystal symmetry operation' 10_555 -x,-y,z -0.4314424593 -0.1920414961 -0.8814632539 6.6970156743 -0.1920414961 -0.9351342061 0.2977315574 -25.7820882703 -0.8814632539 0.2977315574 0.3665766655 9.9367381754 
# 
loop_
_struct_conf.conf_type_id 
_struct_conf.id 
_struct_conf.pdbx_PDB_helix_id 
_struct_conf.beg_label_comp_id 
_struct_conf.beg_label_asym_id 
_struct_conf.beg_label_seq_id 
_struct_conf.pdbx_beg_PDB_ins_code 
_struct_conf.end_label_comp_id 
_struct_conf.end_label_asym_id 
_struct_conf.end_label_seq_id 
_struct_conf.pdbx_end_PDB_ins_code 
_struct_conf.beg_auth_comp_id 
_struct_conf.beg_auth_asym_id 
_struct_conf.beg_auth_seq_id 
_struct_conf.end_auth_comp_id 
_struct_conf.end_auth_asym_id 
_struct_conf.end_auth_seq_id 
_struct_conf.pdbx_PDB_helix_class 
_struct_conf.details 
_struct_conf.pdbx_PDB_helix_length 
HELX_P HELX_P1 AA1 ALA A 56  ? LEU A 63  ? ALA A 25 LEU A 32 1 ? 8  
HELX_P HELX_P2 AA2 SER A 68  ? GLY A 77  ? SER A 37 GLY A 46 1 ? 10 
HELX_P HELX_P3 AA3 VAL A 95  ? PHE A 103 ? VAL A 64 PHE A 72 1 ? 9  
HELX_P HELX_P4 AA4 THR A 107 ? GLN A 126 ? THR A 76 GLN A 95 1 ? 20 
# 
_struct_conf_type.id          HELX_P 
_struct_conf_type.criteria    ? 
_struct_conf_type.reference   ? 
# 
loop_
_struct_conn.id 
_struct_conn.conn_type_id 
_struct_conn.pdbx_leaving_atom_flag 
_struct_conn.pdbx_PDB_id 
_struct_conn.ptnr1_label_asym_id 
_struct_conn.ptnr1_label_comp_id 
_struct_conn.ptnr1_label_seq_id 
_struct_conn.ptnr1_label_atom_id 
_struct_conn.pdbx_ptnr1_label_alt_id 
_struct_conn.pdbx_ptnr1_PDB_ins_code 
_struct_conn.pdbx_ptnr1_standard_comp_id 
_struct_conn.ptnr1_symmetry 
_struct_conn.ptnr2_label_asym_id 
_struct_conn.ptnr2_label_comp_id 
_struct_conn.ptnr2_label_seq_id 
_struct_conn.ptnr2_label_atom_id 
_struct_conn.pdbx_ptnr2_label_alt_id 
_struct_conn.pdbx_ptnr2_PDB_ins_code 
_struct_conn.ptnr1_auth_asym_id 
_struct_conn.ptnr1_auth_comp_id 
_struct_conn.ptnr1_auth_seq_id 
_struct_conn.ptnr2_auth_asym_id 
_struct_conn.ptnr2_auth_comp_id 
_struct_conn.ptnr2_auth_seq_id 
_struct_conn.ptnr2_symmetry 
_struct_conn.pdbx_ptnr3_label_atom_id 
_struct_conn.pdbx_ptnr3_label_seq_id 
_struct_conn.pdbx_ptnr3_label_comp_id 
_struct_conn.pdbx_ptnr3_label_asym_id 
_struct_conn.pdbx_ptnr3_label_alt_id 
_struct_conn.pdbx_ptnr3_PDB_ins_code 
_struct_conn.details 
_struct_conn.pdbx_dist_value 
_struct_conn.pdbx_value_order 
_struct_conn.pdbx_role 
covale1 covale both ? A MSE 32  C ? ? ? 1_555 A LYS 33  N ? ? A MSE 1  A LYS 2  1_555 ? ? ? ? ? ? ? 1.315 ? ? 
covale2 covale both ? A ALA 124 C ? ? ? 1_555 A MSE 125 N ? ? A ALA 93 A MSE 94 1_555 ? ? ? ? ? ? ? 1.324 ? ? 
covale3 covale both ? A MSE 125 C ? ? ? 1_555 A GLN 126 N ? ? A MSE 94 A GLN 95 1_555 ? ? ? ? ? ? ? 1.334 ? ? 
# 
_struct_conn_type.id          covale 
_struct_conn_type.criteria    ? 
_struct_conn_type.reference   ? 
# 
loop_
_pdbx_modification_feature.ordinal 
_pdbx_modification_feature.label_comp_id 
_pdbx_modification_feature.label_asym_id 
_pdbx_modification_feature.label_seq_id 
_pdbx_modification_feature.label_alt_id 
_pdbx_modification_feature.modified_residue_label_comp_id 
_pdbx_modification_feature.modified_residue_label_asym_id 
_pdbx_modification_feature.modified_residue_label_seq_id 
_pdbx_modification_feature.modified_residue_label_alt_id 
_pdbx_modification_feature.auth_comp_id 
_pdbx_modification_feature.auth_asym_id 
_pdbx_modification_feature.auth_seq_id 
_pdbx_modification_feature.PDB_ins_code 
_pdbx_modification_feature.symmetry 
_pdbx_modification_feature.modified_residue_auth_comp_id 
_pdbx_modification_feature.modified_residue_auth_asym_id 
_pdbx_modification_feature.modified_residue_auth_seq_id 
_pdbx_modification_feature.modified_residue_PDB_ins_code 
_pdbx_modification_feature.modified_residue_symmetry 
_pdbx_modification_feature.comp_id_linking_atom 
_pdbx_modification_feature.modified_residue_id_linking_atom 
_pdbx_modification_feature.modified_residue_id 
_pdbx_modification_feature.ref_pcm_id 
_pdbx_modification_feature.ref_comp_id 
_pdbx_modification_feature.type 
_pdbx_modification_feature.category 
1 MSE A 32  ? . . . . MSE A 1  ? 1_555 . . . . . . . MET 1 MSE Selenomethionine 'Named protein modification' 
2 MSE A 125 ? . . . . MSE A 94 ? 1_555 . . . . . . . MET 1 MSE Selenomethionine 'Named protein modification' 
# 
loop_
_struct_sheet.id 
_struct_sheet.type 
_struct_sheet.number_strands 
_struct_sheet.details 
AA1 ? 2 ? 
AA2 ? 3 ? 
# 
loop_
_struct_sheet_order.sheet_id 
_struct_sheet_order.range_id_1 
_struct_sheet_order.range_id_2 
_struct_sheet_order.offset 
_struct_sheet_order.sense 
AA1 1 2 ? anti-parallel 
AA2 1 2 ? anti-parallel 
AA2 2 3 ? anti-parallel 
# 
loop_
_struct_sheet_range.sheet_id 
_struct_sheet_range.id 
_struct_sheet_range.beg_label_comp_id 
_struct_sheet_range.beg_label_asym_id 
_struct_sheet_range.beg_label_seq_id 
_struct_sheet_range.pdbx_beg_PDB_ins_code 
_struct_sheet_range.end_label_comp_id 
_struct_sheet_range.end_label_asym_id 
_struct_sheet_range.end_label_seq_id 
_struct_sheet_range.pdbx_end_PDB_ins_code 
_struct_sheet_range.beg_auth_comp_id 
_struct_sheet_range.beg_auth_asym_id 
_struct_sheet_range.beg_auth_seq_id 
_struct_sheet_range.end_auth_comp_id 
_struct_sheet_range.end_auth_asym_id 
_struct_sheet_range.end_auth_seq_id 
AA1 1 THR A 38 ? ASN A 40 ? THR A 7  ASN A 9  
AA1 2 ARG A 45 ? PRO A 47 ? ARG A 14 PRO A 16 
AA2 1 LEU A 53 ? HIS A 55 ? LEU A 22 HIS A 24 
AA2 2 PRO A 89 ? SER A 94 ? PRO A 58 SER A 63 
AA2 3 TYR A 82 ? ASP A 84 ? TYR A 51 ASP A 53 
# 
loop_
_pdbx_struct_sheet_hbond.sheet_id 
_pdbx_struct_sheet_hbond.range_id_1 
_pdbx_struct_sheet_hbond.range_id_2 
_pdbx_struct_sheet_hbond.range_1_label_atom_id 
_pdbx_struct_sheet_hbond.range_1_label_comp_id 
_pdbx_struct_sheet_hbond.range_1_label_asym_id 
_pdbx_struct_sheet_hbond.range_1_label_seq_id 
_pdbx_struct_sheet_hbond.range_1_PDB_ins_code 
_pdbx_struct_sheet_hbond.range_1_auth_atom_id 
_pdbx_struct_sheet_hbond.range_1_auth_comp_id 
_pdbx_struct_sheet_hbond.range_1_auth_asym_id 
_pdbx_struct_sheet_hbond.range_1_auth_seq_id 
_pdbx_struct_sheet_hbond.range_2_label_atom_id 
_pdbx_struct_sheet_hbond.range_2_label_comp_id 
_pdbx_struct_sheet_hbond.range_2_label_asym_id 
_pdbx_struct_sheet_hbond.range_2_label_seq_id 
_pdbx_struct_sheet_hbond.range_2_PDB_ins_code 
_pdbx_struct_sheet_hbond.range_2_auth_atom_id 
_pdbx_struct_sheet_hbond.range_2_auth_comp_id 
_pdbx_struct_sheet_hbond.range_2_auth_asym_id 
_pdbx_struct_sheet_hbond.range_2_auth_seq_id 
AA1 1 2 N LEU A 39 ? N LEU A 8  O LEU A 46 ? O LEU A 15 
AA2 1 2 N LEU A 54 ? N LEU A 23 O VAL A 93 ? O VAL A 62 
AA2 2 3 O GLU A 90 ? O GLU A 59 N ARG A 83 ? N ARG A 52 
# 
_pdbx_entry_details.entry_id                   8U1J 
_pdbx_entry_details.nonpolymer_details         ? 
_pdbx_entry_details.sequence_details           ? 
_pdbx_entry_details.compound_details           ? 
_pdbx_entry_details.source_details             ? 
_pdbx_entry_details.has_ligand_of_interest     N 
_pdbx_entry_details.has_protein_modification   Y 
# 
_pdbx_validate_torsion.id              1 
_pdbx_validate_torsion.PDB_model_num   1 
_pdbx_validate_torsion.auth_comp_id    ASN 
_pdbx_validate_torsion.auth_asym_id    A 
_pdbx_validate_torsion.auth_seq_id     3 
_pdbx_validate_torsion.PDB_ins_code    ? 
_pdbx_validate_torsion.label_alt_id    ? 
_pdbx_validate_torsion.phi             -118.10 
_pdbx_validate_torsion.psi             59.90 
# 
loop_
_pdbx_struct_mod_residue.id 
_pdbx_struct_mod_residue.label_asym_id 
_pdbx_struct_mod_residue.label_comp_id 
_pdbx_struct_mod_residue.label_seq_id 
_pdbx_struct_mod_residue.auth_asym_id 
_pdbx_struct_mod_residue.auth_comp_id 
_pdbx_struct_mod_residue.auth_seq_id 
_pdbx_struct_mod_residue.PDB_ins_code 
_pdbx_struct_mod_residue.parent_comp_id 
_pdbx_struct_mod_residue.details 
1 A MSE 32  A MSE 1  ? MET 'modified residue' 
2 A MSE 125 A MSE 94 ? MET 'modified residue' 
# 
loop_
_space_group_symop.id 
_space_group_symop.operation_xyz 
1  x,y,z                
2  -y+1/2,x,z+3/4       
3  y+1/2,-x,z+3/4       
4  x+1/2,-y,-z+3/4      
5  -x+1/2,y,-z+3/4      
6  -x,-y,z              
7  y,x,-z               
8  -y,-x,-z             
9  x+1/2,y+1/2,z+1/2    
10 -y+1,x+1/2,z+5/4     
11 y+1,-x+1/2,z+5/4     
12 x+1,-y+1/2,-z+5/4    
13 -x+1,y+1/2,-z+5/4    
14 -x+1/2,-y+1/2,z+1/2  
15 y+1/2,x+1/2,-z+1/2   
16 -y+1/2,-x+1/2,-z+1/2 
# 
loop_
_pdbx_unobs_or_zero_occ_residues.id 
_pdbx_unobs_or_zero_occ_residues.PDB_model_num 
_pdbx_unobs_or_zero_occ_residues.polymer_flag 
_pdbx_unobs_or_zero_occ_residues.occupancy_flag 
_pdbx_unobs_or_zero_occ_residues.auth_asym_id 
_pdbx_unobs_or_zero_occ_residues.auth_comp_id 
_pdbx_unobs_or_zero_occ_residues.auth_seq_id 
_pdbx_unobs_or_zero_occ_residues.PDB_ins_code 
_pdbx_unobs_or_zero_occ_residues.label_asym_id 
_pdbx_unobs_or_zero_occ_residues.label_comp_id 
_pdbx_unobs_or_zero_occ_residues.label_seq_id 
1  1 Y 1 A MSE -30 ? A MSE 1  
2  1 Y 1 A ARG -29 ? A ARG 2  
3  1 Y 1 A SER -28 ? A SER 3  
4  1 Y 1 A GLY -27 ? A GLY 4  
5  1 Y 1 A SER -26 ? A SER 5  
6  1 Y 1 A HIS -25 ? A HIS 6  
7  1 Y 1 A HIS -24 ? A HIS 7  
8  1 Y 1 A HIS -23 ? A HIS 8  
9  1 Y 1 A HIS -22 ? A HIS 9  
10 1 Y 1 A HIS -21 ? A HIS 10 
11 1 Y 1 A HIS -20 ? A HIS 11 
12 1 Y 1 A ARG -19 ? A ARG 12 
13 1 Y 1 A SER -18 ? A SER 13 
14 1 Y 1 A ASP -17 ? A ASP 14 
15 1 Y 1 A ILE -16 ? A ILE 15 
16 1 Y 1 A THR -15 ? A THR 16 
17 1 Y 1 A SER -14 ? A SER 17 
18 1 Y 1 A LEU -13 ? A LEU 18 
19 1 Y 1 A TYR -12 ? A TYR 19 
20 1 Y 1 A LYS -11 ? A LYS 20 
21 1 Y 1 A LYS -10 ? A LYS 21 
22 1 Y 1 A ALA -9  ? A ALA 22 
23 1 Y 1 A GLY -8  ? A GLY 23 
24 1 Y 1 A LEU -7  ? A LEU 24 
25 1 Y 1 A GLU -6  ? A GLU 25 
26 1 Y 1 A ASN -5  ? A ASN 26 
27 1 Y 1 A LEU -4  ? A LEU 27 
28 1 Y 1 A TYR -3  ? A TYR 28 
29 1 Y 1 A PHE -2  ? A PHE 29 
30 1 Y 1 A GLN -1  ? A GLN 30 
31 1 Y 1 A GLY 0   ? A GLY 31 
# 
loop_
_chem_comp_atom.comp_id 
_chem_comp_atom.atom_id 
_chem_comp_atom.type_symbol 
_chem_comp_atom.pdbx_aromatic_flag 
_chem_comp_atom.pdbx_stereo_config 
_chem_comp_atom.pdbx_ordinal 
ALA N    N  N N 1   
ALA CA   C  N S 2   
ALA C    C  N N 3   
ALA O    O  N N 4   
ALA CB   C  N N 5   
ALA OXT  O  N N 6   
ALA H    H  N N 7   
ALA H2   H  N N 8   
ALA HA   H  N N 9   
ALA HB1  H  N N 10  
ALA HB2  H  N N 11  
ALA HB3  H  N N 12  
ALA HXT  H  N N 13  
ARG N    N  N N 14  
ARG CA   C  N S 15  
ARG C    C  N N 16  
ARG O    O  N N 17  
ARG CB   C  N N 18  
ARG CG   C  N N 19  
ARG CD   C  N N 20  
ARG NE   N  N N 21  
ARG CZ   C  N N 22  
ARG NH1  N  N N 23  
ARG NH2  N  N N 24  
ARG OXT  O  N N 25  
ARG H    H  N N 26  
ARG H2   H  N N 27  
ARG HA   H  N N 28  
ARG HB2  H  N N 29  
ARG HB3  H  N N 30  
ARG HG2  H  N N 31  
ARG HG3  H  N N 32  
ARG HD2  H  N N 33  
ARG HD3  H  N N 34  
ARG HE   H  N N 35  
ARG HH11 H  N N 36  
ARG HH12 H  N N 37  
ARG HH21 H  N N 38  
ARG HH22 H  N N 39  
ARG HXT  H  N N 40  
ASN N    N  N N 41  
ASN CA   C  N S 42  
ASN C    C  N N 43  
ASN O    O  N N 44  
ASN CB   C  N N 45  
ASN CG   C  N N 46  
ASN OD1  O  N N 47  
ASN ND2  N  N N 48  
ASN OXT  O  N N 49  
ASN H    H  N N 50  
ASN H2   H  N N 51  
ASN HA   H  N N 52  
ASN HB2  H  N N 53  
ASN HB3  H  N N 54  
ASN HD21 H  N N 55  
ASN HD22 H  N N 56  
ASN HXT  H  N N 57  
ASP N    N  N N 58  
ASP CA   C  N S 59  
ASP C    C  N N 60  
ASP O    O  N N 61  
ASP CB   C  N N 62  
ASP CG   C  N N 63  
ASP OD1  O  N N 64  
ASP OD2  O  N N 65  
ASP OXT  O  N N 66  
ASP H    H  N N 67  
ASP H2   H  N N 68  
ASP HA   H  N N 69  
ASP HB2  H  N N 70  
ASP HB3  H  N N 71  
ASP HD2  H  N N 72  
ASP HXT  H  N N 73  
GLN N    N  N N 74  
GLN CA   C  N S 75  
GLN C    C  N N 76  
GLN O    O  N N 77  
GLN CB   C  N N 78  
GLN CG   C  N N 79  
GLN CD   C  N N 80  
GLN OE1  O  N N 81  
GLN NE2  N  N N 82  
GLN OXT  O  N N 83  
GLN H    H  N N 84  
GLN H2   H  N N 85  
GLN HA   H  N N 86  
GLN HB2  H  N N 87  
GLN HB3  H  N N 88  
GLN HG2  H  N N 89  
GLN HG3  H  N N 90  
GLN HE21 H  N N 91  
GLN HE22 H  N N 92  
GLN HXT  H  N N 93  
GLU N    N  N N 94  
GLU CA   C  N S 95  
GLU C    C  N N 96  
GLU O    O  N N 97  
GLU CB   C  N N 98  
GLU CG   C  N N 99  
GLU CD   C  N N 100 
GLU OE1  O  N N 101 
GLU OE2  O  N N 102 
GLU OXT  O  N N 103 
GLU H    H  N N 104 
GLU H2   H  N N 105 
GLU HA   H  N N 106 
GLU HB2  H  N N 107 
GLU HB3  H  N N 108 
GLU HG2  H  N N 109 
GLU HG3  H  N N 110 
GLU HE2  H  N N 111 
GLU HXT  H  N N 112 
GLY N    N  N N 113 
GLY CA   C  N N 114 
GLY C    C  N N 115 
GLY O    O  N N 116 
GLY OXT  O  N N 117 
GLY H    H  N N 118 
GLY H2   H  N N 119 
GLY HA2  H  N N 120 
GLY HA3  H  N N 121 
GLY HXT  H  N N 122 
HIS N    N  N N 123 
HIS CA   C  N S 124 
HIS C    C  N N 125 
HIS O    O  N N 126 
HIS CB   C  N N 127 
HIS CG   C  Y N 128 
HIS ND1  N  Y N 129 
HIS CD2  C  Y N 130 
HIS CE1  C  Y N 131 
HIS NE2  N  Y N 132 
HIS OXT  O  N N 133 
HIS H    H  N N 134 
HIS H2   H  N N 135 
HIS HA   H  N N 136 
HIS HB2  H  N N 137 
HIS HB3  H  N N 138 
HIS HD1  H  N N 139 
HIS HD2  H  N N 140 
HIS HE1  H  N N 141 
HIS HE2  H  N N 142 
HIS HXT  H  N N 143 
ILE N    N  N N 144 
ILE CA   C  N S 145 
ILE C    C  N N 146 
ILE O    O  N N 147 
ILE CB   C  N S 148 
ILE CG1  C  N N 149 
ILE CG2  C  N N 150 
ILE CD1  C  N N 151 
ILE OXT  O  N N 152 
ILE H    H  N N 153 
ILE H2   H  N N 154 
ILE HA   H  N N 155 
ILE HB   H  N N 156 
ILE HG12 H  N N 157 
ILE HG13 H  N N 158 
ILE HG21 H  N N 159 
ILE HG22 H  N N 160 
ILE HG23 H  N N 161 
ILE HD11 H  N N 162 
ILE HD12 H  N N 163 
ILE HD13 H  N N 164 
ILE HXT  H  N N 165 
LEU N    N  N N 166 
LEU CA   C  N S 167 
LEU C    C  N N 168 
LEU O    O  N N 169 
LEU CB   C  N N 170 
LEU CG   C  N N 171 
LEU CD1  C  N N 172 
LEU CD2  C  N N 173 
LEU OXT  O  N N 174 
LEU H    H  N N 175 
LEU H2   H  N N 176 
LEU HA   H  N N 177 
LEU HB2  H  N N 178 
LEU HB3  H  N N 179 
LEU HG   H  N N 180 
LEU HD11 H  N N 181 
LEU HD12 H  N N 182 
LEU HD13 H  N N 183 
LEU HD21 H  N N 184 
LEU HD22 H  N N 185 
LEU HD23 H  N N 186 
LEU HXT  H  N N 187 
LYS N    N  N N 188 
LYS CA   C  N S 189 
LYS C    C  N N 190 
LYS O    O  N N 191 
LYS CB   C  N N 192 
LYS CG   C  N N 193 
LYS CD   C  N N 194 
LYS CE   C  N N 195 
LYS NZ   N  N N 196 
LYS OXT  O  N N 197 
LYS H    H  N N 198 
LYS H2   H  N N 199 
LYS HA   H  N N 200 
LYS HB2  H  N N 201 
LYS HB3  H  N N 202 
LYS HG2  H  N N 203 
LYS HG3  H  N N 204 
LYS HD2  H  N N 205 
LYS HD3  H  N N 206 
LYS HE2  H  N N 207 
LYS HE3  H  N N 208 
LYS HZ1  H  N N 209 
LYS HZ2  H  N N 210 
LYS HZ3  H  N N 211 
LYS HXT  H  N N 212 
MSE N    N  N N 213 
MSE CA   C  N S 214 
MSE C    C  N N 215 
MSE O    O  N N 216 
MSE OXT  O  N N 217 
MSE CB   C  N N 218 
MSE CG   C  N N 219 
MSE SE   SE N N 220 
MSE CE   C  N N 221 
MSE H    H  N N 222 
MSE H2   H  N N 223 
MSE HA   H  N N 224 
MSE HXT  H  N N 225 
MSE HB2  H  N N 226 
MSE HB3  H  N N 227 
MSE HG2  H  N N 228 
MSE HG3  H  N N 229 
MSE HE1  H  N N 230 
MSE HE2  H  N N 231 
MSE HE3  H  N N 232 
PHE N    N  N N 233 
PHE CA   C  N S 234 
PHE C    C  N N 235 
PHE O    O  N N 236 
PHE CB   C  N N 237 
PHE CG   C  Y N 238 
PHE CD1  C  Y N 239 
PHE CD2  C  Y N 240 
PHE CE1  C  Y N 241 
PHE CE2  C  Y N 242 
PHE CZ   C  Y N 243 
PHE OXT  O  N N 244 
PHE H    H  N N 245 
PHE H2   H  N N 246 
PHE HA   H  N N 247 
PHE HB2  H  N N 248 
PHE HB3  H  N N 249 
PHE HD1  H  N N 250 
PHE HD2  H  N N 251 
PHE HE1  H  N N 252 
PHE HE2  H  N N 253 
PHE HZ   H  N N 254 
PHE HXT  H  N N 255 
PRO N    N  N N 256 
PRO CA   C  N S 257 
PRO C    C  N N 258 
PRO O    O  N N 259 
PRO CB   C  N N 260 
PRO CG   C  N N 261 
PRO CD   C  N N 262 
PRO OXT  O  N N 263 
PRO H    H  N N 264 
PRO HA   H  N N 265 
PRO HB2  H  N N 266 
PRO HB3  H  N N 267 
PRO HG2  H  N N 268 
PRO HG3  H  N N 269 
PRO HD2  H  N N 270 
PRO HD3  H  N N 271 
PRO HXT  H  N N 272 
SER N    N  N N 273 
SER CA   C  N S 274 
SER C    C  N N 275 
SER O    O  N N 276 
SER CB   C  N N 277 
SER OG   O  N N 278 
SER OXT  O  N N 279 
SER H    H  N N 280 
SER H2   H  N N 281 
SER HA   H  N N 282 
SER HB2  H  N N 283 
SER HB3  H  N N 284 
SER HG   H  N N 285 
SER HXT  H  N N 286 
THR N    N  N N 287 
THR CA   C  N S 288 
THR C    C  N N 289 
THR O    O  N N 290 
THR CB   C  N R 291 
THR OG1  O  N N 292 
THR CG2  C  N N 293 
THR OXT  O  N N 294 
THR H    H  N N 295 
THR H2   H  N N 296 
THR HA   H  N N 297 
THR HB   H  N N 298 
THR HG1  H  N N 299 
THR HG21 H  N N 300 
THR HG22 H  N N 301 
THR HG23 H  N N 302 
THR HXT  H  N N 303 
TRP N    N  N N 304 
TRP CA   C  N S 305 
TRP C    C  N N 306 
TRP O    O  N N 307 
TRP CB   C  N N 308 
TRP CG   C  Y N 309 
TRP CD1  C  Y N 310 
TRP CD2  C  Y N 311 
TRP NE1  N  Y N 312 
TRP CE2  C  Y N 313 
TRP CE3  C  Y N 314 
TRP CZ2  C  Y N 315 
TRP CZ3  C  Y N 316 
TRP CH2  C  Y N 317 
TRP OXT  O  N N 318 
TRP H    H  N N 319 
TRP H2   H  N N 320 
TRP HA   H  N N 321 
TRP HB2  H  N N 322 
TRP HB3  H  N N 323 
TRP HD1  H  N N 324 
TRP HE1  H  N N 325 
TRP HE3  H  N N 326 
TRP HZ2  H  N N 327 
TRP HZ3  H  N N 328 
TRP HH2  H  N N 329 
TRP HXT  H  N N 330 
TYR N    N  N N 331 
TYR CA   C  N S 332 
TYR C    C  N N 333 
TYR O    O  N N 334 
TYR CB   C  N N 335 
TYR CG   C  Y N 336 
TYR CD1  C  Y N 337 
TYR CD2  C  Y N 338 
TYR CE1  C  Y N 339 
TYR CE2  C  Y N 340 
TYR CZ   C  Y N 341 
TYR OH   O  N N 342 
TYR OXT  O  N N 343 
TYR H    H  N N 344 
TYR H2   H  N N 345 
TYR HA   H  N N 346 
TYR HB2  H  N N 347 
TYR HB3  H  N N 348 
TYR HD1  H  N N 349 
TYR HD2  H  N N 350 
TYR HE1  H  N N 351 
TYR HE2  H  N N 352 
TYR HH   H  N N 353 
TYR HXT  H  N N 354 
VAL N    N  N N 355 
VAL CA   C  N S 356 
VAL C    C  N N 357 
VAL O    O  N N 358 
VAL CB   C  N N 359 
VAL CG1  C  N N 360 
VAL CG2  C  N N 361 
VAL OXT  O  N N 362 
VAL H    H  N N 363 
VAL H2   H  N N 364 
VAL HA   H  N N 365 
VAL HB   H  N N 366 
VAL HG11 H  N N 367 
VAL HG12 H  N N 368 
VAL HG13 H  N N 369 
VAL HG21 H  N N 370 
VAL HG22 H  N N 371 
VAL HG23 H  N N 372 
VAL HXT  H  N N 373 
# 
loop_
_chem_comp_bond.comp_id 
_chem_comp_bond.atom_id_1 
_chem_comp_bond.atom_id_2 
_chem_comp_bond.value_order 
_chem_comp_bond.pdbx_aromatic_flag 
_chem_comp_bond.pdbx_stereo_config 
_chem_comp_bond.pdbx_ordinal 
ALA N   CA   sing N N 1   
ALA N   H    sing N N 2   
ALA N   H2   sing N N 3   
ALA CA  C    sing N N 4   
ALA CA  CB   sing N N 5   
ALA CA  HA   sing N N 6   
ALA C   O    doub N N 7   
ALA C   OXT  sing N N 8   
ALA CB  HB1  sing N N 9   
ALA CB  HB2  sing N N 10  
ALA CB  HB3  sing N N 11  
ALA OXT HXT  sing N N 12  
ARG N   CA   sing N N 13  
ARG N   H    sing N N 14  
ARG N   H2   sing N N 15  
ARG CA  C    sing N N 16  
ARG CA  CB   sing N N 17  
ARG CA  HA   sing N N 18  
ARG C   O    doub N N 19  
ARG C   OXT  sing N N 20  
ARG CB  CG   sing N N 21  
ARG CB  HB2  sing N N 22  
ARG CB  HB3  sing N N 23  
ARG CG  CD   sing N N 24  
ARG CG  HG2  sing N N 25  
ARG CG  HG3  sing N N 26  
ARG CD  NE   sing N N 27  
ARG CD  HD2  sing N N 28  
ARG CD  HD3  sing N N 29  
ARG NE  CZ   sing N N 30  
ARG NE  HE   sing N N 31  
ARG CZ  NH1  sing N N 32  
ARG CZ  NH2  doub N N 33  
ARG NH1 HH11 sing N N 34  
ARG NH1 HH12 sing N N 35  
ARG NH2 HH21 sing N N 36  
ARG NH2 HH22 sing N N 37  
ARG OXT HXT  sing N N 38  
ASN N   CA   sing N N 39  
ASN N   H    sing N N 40  
ASN N   H2   sing N N 41  
ASN CA  C    sing N N 42  
ASN CA  CB   sing N N 43  
ASN CA  HA   sing N N 44  
ASN C   O    doub N N 45  
ASN C   OXT  sing N N 46  
ASN CB  CG   sing N N 47  
ASN CB  HB2  sing N N 48  
ASN CB  HB3  sing N N 49  
ASN CG  OD1  doub N N 50  
ASN CG  ND2  sing N N 51  
ASN ND2 HD21 sing N N 52  
ASN ND2 HD22 sing N N 53  
ASN OXT HXT  sing N N 54  
ASP N   CA   sing N N 55  
ASP N   H    sing N N 56  
ASP N   H2   sing N N 57  
ASP CA  C    sing N N 58  
ASP CA  CB   sing N N 59  
ASP CA  HA   sing N N 60  
ASP C   O    doub N N 61  
ASP C   OXT  sing N N 62  
ASP CB  CG   sing N N 63  
ASP CB  HB2  sing N N 64  
ASP CB  HB3  sing N N 65  
ASP CG  OD1  doub N N 66  
ASP CG  OD2  sing N N 67  
ASP OD2 HD2  sing N N 68  
ASP OXT HXT  sing N N 69  
GLN N   CA   sing N N 70  
GLN N   H    sing N N 71  
GLN N   H2   sing N N 72  
GLN CA  C    sing N N 73  
GLN CA  CB   sing N N 74  
GLN CA  HA   sing N N 75  
GLN C   O    doub N N 76  
GLN C   OXT  sing N N 77  
GLN CB  CG   sing N N 78  
GLN CB  HB2  sing N N 79  
GLN CB  HB3  sing N N 80  
GLN CG  CD   sing N N 81  
GLN CG  HG2  sing N N 82  
GLN CG  HG3  sing N N 83  
GLN CD  OE1  doub N N 84  
GLN CD  NE2  sing N N 85  
GLN NE2 HE21 sing N N 86  
GLN NE2 HE22 sing N N 87  
GLN OXT HXT  sing N N 88  
GLU N   CA   sing N N 89  
GLU N   H    sing N N 90  
GLU N   H2   sing N N 91  
GLU CA  C    sing N N 92  
GLU CA  CB   sing N N 93  
GLU CA  HA   sing N N 94  
GLU C   O    doub N N 95  
GLU C   OXT  sing N N 96  
GLU CB  CG   sing N N 97  
GLU CB  HB2  sing N N 98  
GLU CB  HB3  sing N N 99  
GLU CG  CD   sing N N 100 
GLU CG  HG2  sing N N 101 
GLU CG  HG3  sing N N 102 
GLU CD  OE1  doub N N 103 
GLU CD  OE2  sing N N 104 
GLU OE2 HE2  sing N N 105 
GLU OXT HXT  sing N N 106 
GLY N   CA   sing N N 107 
GLY N   H    sing N N 108 
GLY N   H2   sing N N 109 
GLY CA  C    sing N N 110 
GLY CA  HA2  sing N N 111 
GLY CA  HA3  sing N N 112 
GLY C   O    doub N N 113 
GLY C   OXT  sing N N 114 
GLY OXT HXT  sing N N 115 
HIS N   CA   sing N N 116 
HIS N   H    sing N N 117 
HIS N   H2   sing N N 118 
HIS CA  C    sing N N 119 
HIS CA  CB   sing N N 120 
HIS CA  HA   sing N N 121 
HIS C   O    doub N N 122 
HIS C   OXT  sing N N 123 
HIS CB  CG   sing N N 124 
HIS CB  HB2  sing N N 125 
HIS CB  HB3  sing N N 126 
HIS CG  ND1  sing Y N 127 
HIS CG  CD2  doub Y N 128 
HIS ND1 CE1  doub Y N 129 
HIS ND1 HD1  sing N N 130 
HIS CD2 NE2  sing Y N 131 
HIS CD2 HD2  sing N N 132 
HIS CE1 NE2  sing Y N 133 
HIS CE1 HE1  sing N N 134 
HIS NE2 HE2  sing N N 135 
HIS OXT HXT  sing N N 136 
ILE N   CA   sing N N 137 
ILE N   H    sing N N 138 
ILE N   H2   sing N N 139 
ILE CA  C    sing N N 140 
ILE CA  CB   sing N N 141 
ILE CA  HA   sing N N 142 
ILE C   O    doub N N 143 
ILE C   OXT  sing N N 144 
ILE CB  CG1  sing N N 145 
ILE CB  CG2  sing N N 146 
ILE CB  HB   sing N N 147 
ILE CG1 CD1  sing N N 148 
ILE CG1 HG12 sing N N 149 
ILE CG1 HG13 sing N N 150 
ILE CG2 HG21 sing N N 151 
ILE CG2 HG22 sing N N 152 
ILE CG2 HG23 sing N N 153 
ILE CD1 HD11 sing N N 154 
ILE CD1 HD12 sing N N 155 
ILE CD1 HD13 sing N N 156 
ILE OXT HXT  sing N N 157 
LEU N   CA   sing N N 158 
LEU N   H    sing N N 159 
LEU N   H2   sing N N 160 
LEU CA  C    sing N N 161 
LEU CA  CB   sing N N 162 
LEU CA  HA   sing N N 163 
LEU C   O    doub N N 164 
LEU C   OXT  sing N N 165 
LEU CB  CG   sing N N 166 
LEU CB  HB2  sing N N 167 
LEU CB  HB3  sing N N 168 
LEU CG  CD1  sing N N 169 
LEU CG  CD2  sing N N 170 
LEU CG  HG   sing N N 171 
LEU CD1 HD11 sing N N 172 
LEU CD1 HD12 sing N N 173 
LEU CD1 HD13 sing N N 174 
LEU CD2 HD21 sing N N 175 
LEU CD2 HD22 sing N N 176 
LEU CD2 HD23 sing N N 177 
LEU OXT HXT  sing N N 178 
LYS N   CA   sing N N 179 
LYS N   H    sing N N 180 
LYS N   H2   sing N N 181 
LYS CA  C    sing N N 182 
LYS CA  CB   sing N N 183 
LYS CA  HA   sing N N 184 
LYS C   O    doub N N 185 
LYS C   OXT  sing N N 186 
LYS CB  CG   sing N N 187 
LYS CB  HB2  sing N N 188 
LYS CB  HB3  sing N N 189 
LYS CG  CD   sing N N 190 
LYS CG  HG2  sing N N 191 
LYS CG  HG3  sing N N 192 
LYS CD  CE   sing N N 193 
LYS CD  HD2  sing N N 194 
LYS CD  HD3  sing N N 195 
LYS CE  NZ   sing N N 196 
LYS CE  HE2  sing N N 197 
LYS CE  HE3  sing N N 198 
LYS NZ  HZ1  sing N N 199 
LYS NZ  HZ2  sing N N 200 
LYS NZ  HZ3  sing N N 201 
LYS OXT HXT  sing N N 202 
MSE N   CA   sing N N 203 
MSE N   H    sing N N 204 
MSE N   H2   sing N N 205 
MSE CA  C    sing N N 206 
MSE CA  CB   sing N N 207 
MSE CA  HA   sing N N 208 
MSE C   O    doub N N 209 
MSE C   OXT  sing N N 210 
MSE OXT HXT  sing N N 211 
MSE CB  CG   sing N N 212 
MSE CB  HB2  sing N N 213 
MSE CB  HB3  sing N N 214 
MSE CG  SE   sing N N 215 
MSE CG  HG2  sing N N 216 
MSE CG  HG3  sing N N 217 
MSE SE  CE   sing N N 218 
MSE CE  HE1  sing N N 219 
MSE CE  HE2  sing N N 220 
MSE CE  HE3  sing N N 221 
PHE N   CA   sing N N 222 
PHE N   H    sing N N 223 
PHE N   H2   sing N N 224 
PHE CA  C    sing N N 225 
PHE CA  CB   sing N N 226 
PHE CA  HA   sing N N 227 
PHE C   O    doub N N 228 
PHE C   OXT  sing N N 229 
PHE CB  CG   sing N N 230 
PHE CB  HB2  sing N N 231 
PHE CB  HB3  sing N N 232 
PHE CG  CD1  doub Y N 233 
PHE CG  CD2  sing Y N 234 
PHE CD1 CE1  sing Y N 235 
PHE CD1 HD1  sing N N 236 
PHE CD2 CE2  doub Y N 237 
PHE CD2 HD2  sing N N 238 
PHE CE1 CZ   doub Y N 239 
PHE CE1 HE1  sing N N 240 
PHE CE2 CZ   sing Y N 241 
PHE CE2 HE2  sing N N 242 
PHE CZ  HZ   sing N N 243 
PHE OXT HXT  sing N N 244 
PRO N   CA   sing N N 245 
PRO N   CD   sing N N 246 
PRO N   H    sing N N 247 
PRO CA  C    sing N N 248 
PRO CA  CB   sing N N 249 
PRO CA  HA   sing N N 250 
PRO C   O    doub N N 251 
PRO C   OXT  sing N N 252 
PRO CB  CG   sing N N 253 
PRO CB  HB2  sing N N 254 
PRO CB  HB3  sing N N 255 
PRO CG  CD   sing N N 256 
PRO CG  HG2  sing N N 257 
PRO CG  HG3  sing N N 258 
PRO CD  HD2  sing N N 259 
PRO CD  HD3  sing N N 260 
PRO OXT HXT  sing N N 261 
SER N   CA   sing N N 262 
SER N   H    sing N N 263 
SER N   H2   sing N N 264 
SER CA  C    sing N N 265 
SER CA  CB   sing N N 266 
SER CA  HA   sing N N 267 
SER C   O    doub N N 268 
SER C   OXT  sing N N 269 
SER CB  OG   sing N N 270 
SER CB  HB2  sing N N 271 
SER CB  HB3  sing N N 272 
SER OG  HG   sing N N 273 
SER OXT HXT  sing N N 274 
THR N   CA   sing N N 275 
THR N   H    sing N N 276 
THR N   H2   sing N N 277 
THR CA  C    sing N N 278 
THR CA  CB   sing N N 279 
THR CA  HA   sing N N 280 
THR C   O    doub N N 281 
THR C   OXT  sing N N 282 
THR CB  OG1  sing N N 283 
THR CB  CG2  sing N N 284 
THR CB  HB   sing N N 285 
THR OG1 HG1  sing N N 286 
THR CG2 HG21 sing N N 287 
THR CG2 HG22 sing N N 288 
THR CG2 HG23 sing N N 289 
THR OXT HXT  sing N N 290 
TRP N   CA   sing N N 291 
TRP N   H    sing N N 292 
TRP N   H2   sing N N 293 
TRP CA  C    sing N N 294 
TRP CA  CB   sing N N 295 
TRP CA  HA   sing N N 296 
TRP C   O    doub N N 297 
TRP C   OXT  sing N N 298 
TRP CB  CG   sing N N 299 
TRP CB  HB2  sing N N 300 
TRP CB  HB3  sing N N 301 
TRP CG  CD1  doub Y N 302 
TRP CG  CD2  sing Y N 303 
TRP CD1 NE1  sing Y N 304 
TRP CD1 HD1  sing N N 305 
TRP CD2 CE2  doub Y N 306 
TRP CD2 CE3  sing Y N 307 
TRP NE1 CE2  sing Y N 308 
TRP NE1 HE1  sing N N 309 
TRP CE2 CZ2  sing Y N 310 
TRP CE3 CZ3  doub Y N 311 
TRP CE3 HE3  sing N N 312 
TRP CZ2 CH2  doub Y N 313 
TRP CZ2 HZ2  sing N N 314 
TRP CZ3 CH2  sing Y N 315 
TRP CZ3 HZ3  sing N N 316 
TRP CH2 HH2  sing N N 317 
TRP OXT HXT  sing N N 318 
TYR N   CA   sing N N 319 
TYR N   H    sing N N 320 
TYR N   H2   sing N N 321 
TYR CA  C    sing N N 322 
TYR CA  CB   sing N N 323 
TYR CA  HA   sing N N 324 
TYR C   O    doub N N 325 
TYR C   OXT  sing N N 326 
TYR CB  CG   sing N N 327 
TYR CB  HB2  sing N N 328 
TYR CB  HB3  sing N N 329 
TYR CG  CD1  doub Y N 330 
TYR CG  CD2  sing Y N 331 
TYR CD1 CE1  sing Y N 332 
TYR CD1 HD1  sing N N 333 
TYR CD2 CE2  doub Y N 334 
TYR CD2 HD2  sing N N 335 
TYR CE1 CZ   doub Y N 336 
TYR CE1 HE1  sing N N 337 
TYR CE2 CZ   sing Y N 338 
TYR CE2 HE2  sing N N 339 
TYR CZ  OH   sing N N 340 
TYR OH  HH   sing N N 341 
TYR OXT HXT  sing N N 342 
VAL N   CA   sing N N 343 
VAL N   H    sing N N 344 
VAL N   H2   sing N N 345 
VAL CA  C    sing N N 346 
VAL CA  CB   sing N N 347 
VAL CA  HA   sing N N 348 
VAL C   O    doub N N 349 
VAL C   OXT  sing N N 350 
VAL CB  CG1  sing N N 351 
VAL CB  CG2  sing N N 352 
VAL CB  HB   sing N N 353 
VAL CG1 HG11 sing N N 354 
VAL CG1 HG12 sing N N 355 
VAL CG1 HG13 sing N N 356 
VAL CG2 HG21 sing N N 357 
VAL CG2 HG22 sing N N 358 
VAL CG2 HG23 sing N N 359 
VAL OXT HXT  sing N N 360 
# 
_pdbx_audit_support.funding_organization   'Natural Sciences and Engineering Research Council (NSERC, Canada)' 
_pdbx_audit_support.country                Canada 
_pdbx_audit_support.grant_number           2008R00075 
_pdbx_audit_support.ordinal                1 
# 
_pdbx_initial_refinement_model.id               1 
_pdbx_initial_refinement_model.entity_id_list   A 
_pdbx_initial_refinement_model.type             'experimental model' 
_pdbx_initial_refinement_model.source_name      PDB 
_pdbx_initial_refinement_model.accession_code   7UDI 
_pdbx_initial_refinement_model.details          'Chain A, residues 1-96 only' 
# 
_pdbx_related_exp_data_set.ordinal              1 
_pdbx_related_exp_data_set.data_reference       10.5281/zenodo.8309780 
_pdbx_related_exp_data_set.metadata_reference   ? 
_pdbx_related_exp_data_set.data_set_type        'diffraction image data' 
_pdbx_related_exp_data_set.details              ? 
# 
_space_group.name_H-M_alt     'I 41 2 2' 
_space_group.name_Hall        'I 4bw 2bw' 
_space_group.IT_number        98 
_space_group.crystal_system   tetragonal 
_space_group.id               1 
# 
_atom_sites.entry_id                    8U1J 
_atom_sites.Cartn_transf_matrix[1][1]   ? 
_atom_sites.Cartn_transf_matrix[1][2]   ? 
_atom_sites.Cartn_transf_matrix[1][3]   ? 
_atom_sites.Cartn_transf_matrix[2][1]   ? 
_atom_sites.Cartn_transf_matrix[2][2]   ? 
_atom_sites.Cartn_transf_matrix[2][3]   ? 
_atom_sites.Cartn_transf_matrix[3][1]   ? 
_atom_sites.Cartn_transf_matrix[3][2]   ? 
_atom_sites.Cartn_transf_matrix[3][3]   ? 
_atom_sites.Cartn_transf_vector[1]      ? 
_atom_sites.Cartn_transf_vector[2]      ? 
_atom_sites.Cartn_transf_vector[3]      ? 
_atom_sites.Cartn_transform_axes        ? 
_atom_sites.fract_transf_matrix[1][1]   -0.01129184 
_atom_sites.fract_transf_matrix[1][2]   -0.00417445 
_atom_sites.fract_transf_matrix[1][3]   -0.00637394 
_atom_sites.fract_transf_matrix[2][1]   0.00230276 
_atom_sites.fract_transf_matrix[2][2]   -0.01273242 
_atom_sites.fract_transf_matrix[2][3]   0.00425929 
_atom_sites.fract_transf_matrix[3][1]   -0.00483699 
_atom_sites.fract_transf_matrix[3][2]   0.00163379 
_atom_sites.fract_transf_matrix[3][3]   0.00749903 
_atom_sites.fract_transf_vector[1]      0.015666 
_atom_sites.fract_transf_vector[2]      -0.193007 
_atom_sites.fract_transf_vector[3]      -0.252736 
_atom_sites.solution_primary            ? 
_atom_sites.solution_secondary          ? 
_atom_sites.solution_hydrogens          ? 
_atom_sites.special_details             ? 
# 
loop_
_atom_type.symbol 
_atom_type.scat_dispersion_real 
_atom_type.scat_dispersion_imag 
_atom_type.scat_Cromer_Mann_a1 
_atom_type.scat_Cromer_Mann_a2 
_atom_type.scat_Cromer_Mann_a3 
_atom_type.scat_Cromer_Mann_a4 
_atom_type.scat_Cromer_Mann_b1 
_atom_type.scat_Cromer_Mann_b2 
_atom_type.scat_Cromer_Mann_b3 
_atom_type.scat_Cromer_Mann_b4 
_atom_type.scat_Cromer_Mann_c 
_atom_type.scat_source 
_atom_type.scat_dispersion_source 
C   ? ? 3.54356  2.42580 ? ? 25.62398 1.50364  ? ? 0.0 
;2-Gaussian fit: Grosse-Kunstleve RW, Sauter NK, Adams PD: Newsletter of the IUCr Commission on Crystallographic Computing 2004, 3, 22-31.
;
? 
H   ? ? 0.99627  ?       ? ? 14.84254 ?        ? ? 0.0 
;1-Gaussian fit: Grosse-Kunstleve RW, Sauter NK, Adams PD: Newsletter of the IUCr Commission on Crystallographic Computing 2004, 3, 22-31.
;
? 
N   ? ? 6.96715  ?       ? ? 11.43723 ?        ? ? 0.0 
;1-Gaussian fit: Grosse-Kunstleve RW, Sauter NK, Adams PD: Newsletter of the IUCr Commission on Crystallographic Computing 2004, 3, 22-31.
;
? 
O   ? ? 7.96527  ?       ? ? 9.05267  ?        ? ? 0.0 
;1-Gaussian fit: Grosse-Kunstleve RW, Sauter NK, Adams PD: Newsletter of the IUCr Commission on Crystallographic Computing 2004, 3, 22-31.
;
? 
O1- ? ? 5.12366  3.84317 ? ? 3.49406  27.47979 ? ? 0.0 
;2-Gaussian fit: Grosse-Kunstleve RW, Sauter NK, Adams PD: Newsletter of the IUCr Commission on Crystallographic Computing 2004, 3, 22-31.
;
? 
SE  ? ? 33.79294 ?       ? ? 6.51140  ?        ? ? 0.0 
;1-Gaussian fit: Grosse-Kunstleve RW, Sauter NK, Adams PD: Newsletter of the IUCr Commission on Crystallographic Computing 2004, 3, 22-31.
;
? 
# 
loop_
_atom_site.group_PDB 
_atom_site.id 
_atom_site.type_symbol 
_atom_site.label_atom_id 
_atom_site.label_alt_id 
_atom_site.label_comp_id 
_atom_site.label_asym_id 
_atom_site.label_entity_id 
_atom_site.label_seq_id 
_atom_site.pdbx_PDB_ins_code 
_atom_site.Cartn_x 
_atom_site.Cartn_y 
_atom_site.Cartn_z 
_atom_site.occupancy 
_atom_site.B_iso_or_equiv 
_atom_site.pdbx_formal_charge 
_atom_site.auth_seq_id 
_atom_site.auth_comp_id 
_atom_site.auth_asym_id 
_atom_site.auth_atom_id 
_atom_site.pdbx_PDB_model_num 
HETATM 1    N  N    . MSE A 1 32  ? -4.63566  11.70853  -12.43674 1.000 90.32000  ?  1  MSE A N    1 
HETATM 2    C  CA   . MSE A 1 32  ? -4.13689  10.62397  -11.51582 1.000 137.46000 ?  1  MSE A CA   1 
HETATM 3    C  C    . MSE A 1 32  ? -4.70490  9.19031   -11.70776 1.000 128.85000 ?  1  MSE A C    1 
HETATM 4    O  O    . MSE A 1 32  ? -4.49523  8.25221   -10.89633 1.000 103.18000 ?  1  MSE A O    1 
HETATM 5    C  CB   . MSE A 1 32  ? -4.37368  11.03654  -10.03937 1.000 135.27000 ?  1  MSE A CB   1 
HETATM 6    C  CG   . MSE A 1 32  ? -3.71499  10.06293  -9.04914  1.000 120.87000 ?  1  MSE A CG   1 
HETATM 7    SE SE   . MSE A 1 32  ? -2.07866  9.32874   -9.83224  1.000 155.38000 ?  1  MSE A SE   1 
HETATM 8    C  CE   . MSE A 1 32  ? -1.13984  10.88835  -10.51008 1.000 73.36000  ?  1  MSE A CE   1 
HETATM 9    H  H    . MSE A 1 32  ? -5.52267  11.75501  -12.38751 0.000 110.16000 ?  1  MSE A H    1 
HETATM 10   H  HA   . MSE A 1 32  ? -3.19356  10.55637  -11.73220 0.000 166.73000 ?  1  MSE A HA   1 
HETATM 11   H  HB2  . MSE A 1 32  ? -3.99657  11.91812  -9.89141  0.000 164.11000 ?  1  MSE A HB2  1 
HETATM 12   H  HB3  . MSE A 1 32  ? -5.32650  11.04878  -9.86181  0.000 164.11000 ?  1  MSE A HB3  1 
HETATM 13   H  HG2  . MSE A 1 32  ? -3.48651  10.53202  -8.23093  0.000 146.83000 ?  1  MSE A HG2  1 
HETATM 14   H  HG3  . MSE A 1 32  ? -4.32358  9.33327   -8.85446  0.000 146.83000 ?  1  MSE A HG3  1 
HETATM 15   H  HE1  . MSE A 1 32  ? -0.98231  11.50508  -9.77827  0.000 89.81000  ?  1  MSE A HE1  1 
HETATM 16   H  HE2  . MSE A 1 32  ? -0.29376  10.60639  -10.89250 0.000 89.81000  ?  1  MSE A HE2  1 
HETATM 17   H  HE3  . MSE A 1 32  ? -1.68440  11.31450  -11.19008 0.000 89.81000  ?  1  MSE A HE3  1 
ATOM   18   N  N    . LYS A 1 33  ? -5.41763  9.03572   -12.80158 1.000 120.32000 ?  2  LYS A N    1 
ATOM   19   C  CA   . LYS A 1 33  ? -6.00838  7.76529   -13.18408 1.000 127.40000 ?  2  LYS A CA   1 
ATOM   20   C  C    . LYS A 1 33  ? -5.14858  7.01033   -14.21070 1.000 125.11000 ?  2  LYS A C    1 
ATOM   21   O  O    . LYS A 1 33  ? -5.35138  5.79843   -14.40411 1.000 109.37000 ?  2  LYS A O    1 
ATOM   22   C  CB   . LYS A 1 33  ? -7.43673  8.03937   -13.69693 1.000 120.16000 ?  2  LYS A CB   1 
ATOM   23   C  CG   . LYS A 1 33  ? -7.55219  9.38210   -14.50429 1.000 116.14000 ?  2  LYS A CG   1 
ATOM   24   C  CD   . LYS A 1 33  ? -8.91390  9.56546   -15.16126 1.000 122.95000 ?  2  LYS A CD   1 
ATOM   25   C  CE   . LYS A 1 33  ? -9.08516  8.51968   -16.28872 1.000 97.86000  ?  2  LYS A CE   1 
ATOM   26   N  NZ   . LYS A 1 33  ? -10.37734 8.73113   -16.95051 1.000 92.65000  ?  2  LYS A NZ   1 
ATOM   27   H  H    . LYS A 1 33  ? -5.58167  9.66977   -13.36006 0.000 146.15000 ?  2  LYS A H    1 
ATOM   28   H  HA   . LYS A 1 33  ? -6.09189  7.16323   -12.42811 0.000 154.65000 ?  2  LYS A HA   1 
ATOM   29   H  HB2  . LYS A 1 33  ? -7.70554  7.31360   -14.28199 0.000 145.97000 ?  2  LYS A HB2  1 
ATOM   30   H  HB3  . LYS A 1 33  ? -8.03842  8.09353   -12.93788 0.000 145.97000 ?  2  LYS A HB3  1 
ATOM   31   H  HG2  . LYS A 1 33  ? -7.40858  10.12693  -13.90010 0.000 141.14000 ?  2  LYS A HG2  1 
ATOM   32   H  HG3  . LYS A 1 33  ? -6.87958  9.38838   -15.20415 0.000 141.14000 ?  2  LYS A HG3  1 
ATOM   33   H  HD2  . LYS A 1 33  ? -9.61586  9.43675   -14.50447 0.000 149.32000 ?  2  LYS A HD2  1 
ATOM   34   H  HD3  . LYS A 1 33  ? -8.97679  10.45411  -15.54423 0.000 149.32000 ?  2  LYS A HD3  1 
ATOM   35   H  HE2  . LYS A 1 33  ? -8.37574  8.62158   -16.94332 0.000 119.21000 ?  2  LYS A HE2  1 
ATOM   36   H  HE3  . LYS A 1 33  ? -9.06623  7.62504   -15.91586 0.000 119.21000 ?  2  LYS A HE3  1 
ATOM   37   H  HZ1  . LYS A 1 33  ? -10.48788 8.13317   -17.60045 0.000 112.95000 ?  2  LYS A HZ1  1 
ATOM   38   H  HZ2  . LYS A 1 33  ? -11.03867 8.64488   -16.36144 0.000 112.95000 ?  2  LYS A HZ2  1 
ATOM   39   H  HZ3  . LYS A 1 33  ? -10.40848 9.54824   -17.30225 0.000 112.95000 ?  2  LYS A HZ3  1 
ATOM   40   N  N    . ASN A 1 34  ? -4.17920  7.70952   -14.83864 1.000 134.49000 ?  3  ASN A N    1 
ATOM   41   C  CA   . ASN A 1 34  ? -3.19439  7.20019   -15.80305 1.000 118.43000 ?  3  ASN A CA   1 
ATOM   42   C  C    . ASN A 1 34  ? -1.78618  7.39767   -15.22569 1.000 106.54000 ?  3  ASN A C    1 
ATOM   43   O  O    . ASN A 1 34  ? -0.94311  8.10195   -15.82128 1.000 93.86000  ?  3  ASN A O    1 
ATOM   44   C  CB   . ASN A 1 34  ? -3.32302  7.91953   -17.18112 1.000 120.10000 ?  3  ASN A CB   1 
ATOM   45   C  CG   . ASN A 1 34  ? -4.74157  7.86015   -17.76864 1.000 128.55000 ?  3  ASN A CG   1 
ATOM   46   O  OD1  . ASN A 1 34  ? -5.53260  6.98308   -17.40427 1.000 143.94000 ?  3  ASN A OD1  1 
ATOM   47   N  ND2  . ASN A 1 34  ? -5.09219  8.82931   -18.62210 1.000 119.38000 ?  3  ASN A ND2  1 
ATOM   48   H  H    . ASN A 1 34  ? -4.06684  8.55208   -14.70899 0.000 163.17000 ?  3  ASN A H    1 
ATOM   49   H  HA   . ASN A 1 34  ? -3.35187  6.25663   -15.96400 0.000 143.89000 ?  3  ASN A HA   1 
ATOM   50   H  HB2  . ASN A 1 34  ? -3.08564  8.85283   -17.07166 0.000 145.89000 ?  3  ASN A HB2  1 
ATOM   51   H  HB3  . ASN A 1 34  ? -2.72127  7.49581   -17.81364 0.000 145.89000 ?  3  ASN A HB3  1 
ATOM   52   H  HD21 . ASN A 1 34  ? -5.87751  8.83134   -18.97182 0.000 145.03000 ?  3  ASN A HD21 1 
ATOM   53   H  HD22 . ASN A 1 34  ? -4.53182  9.45053   -18.82062 0.000 145.03000 ?  3  ASN A HD22 1 
ATOM   54   N  N    . ALA A 1 35  ? -1.53341  6.78095   -14.06210 1.000 78.90000  ?  4  ALA A N    1 
ATOM   55   C  CA   . ALA A 1 35  ? -0.30183  7.04649   -13.34249 1.000 59.76000  ?  4  ALA A CA   1 
ATOM   56   C  C    . ALA A 1 35  ? 0.90299   6.68116   -14.20968 1.000 68.80000  ?  4  ALA A C    1 
ATOM   57   O  O    . ALA A 1 35  ? 0.92838   5.58180   -14.78489 1.000 70.16000  ?  4  ALA A O    1 
ATOM   58   C  CB   . ALA A 1 35  ? -0.28742  6.23620   -12.05942 1.000 69.13000  ?  4  ALA A CB   1 
ATOM   59   H  H    . ALA A 1 35  ? -2.05569  6.21403   -13.68026 0.000 96.46000  ?  4  ALA A H    1 
ATOM   60   H  HA   . ALA A 1 35  ? -0.23884  7.98972   -13.12508 0.000 73.48000  ?  4  ALA A HA   1 
ATOM   61   H  HB1  . ALA A 1 35  ? 0.55448   6.38464   -11.60074 0.000 84.73000  ?  4  ALA A HB1  1 
ATOM   62   H  HB2  . ALA A 1 35  ? -1.02495  6.52182   -11.49769 0.000 84.73000  ?  4  ALA A HB2  1 
ATOM   63   H  HB3  . ALA A 1 35  ? -0.38285  5.29600   -12.27906 0.000 84.73000  ?  4  ALA A HB3  1 
ATOM   64   N  N    . PRO A 1 36  ? 1.92807   7.55421   -14.30002 1.000 65.95000  ?  5  PRO A N    1 
ATOM   65   C  CA   . PRO A 1 36  ? 3.12507   7.24509   -15.13247 1.000 48.79000  ?  5  PRO A CA   1 
ATOM   66   C  C    . PRO A 1 36  ? 4.05714   6.17944   -14.55557 1.000 52.74000  ?  5  PRO A C    1 
ATOM   67   O  O    . PRO A 1 36  ? 4.88613   5.70632   -15.32110 1.000 68.23000  ?  5  PRO A O    1 
ATOM   68   C  CB   . PRO A 1 36  ? 3.87346   8.57656   -15.20598 1.000 43.29000  ?  5  PRO A CB   1 
ATOM   69   C  CG   . PRO A 1 36  ? 3.53797   9.15076   -13.85502 1.000 76.19000  ?  5  PRO A CG   1 
ATOM   70   C  CD   . PRO A 1 36  ? 2.12113   8.77709   -13.51524 1.000 53.63000  ?  5  PRO A CD   1 
ATOM   71   H  HA   . PRO A 1 36  ? 2.81697   6.97251   -16.01098 0.000 60.33000  ?  5  PRO A HA   1 
ATOM   72   H  HB2  . PRO A 1 36  ? 4.82652   8.43464   -15.31400 0.000 53.73000  ?  5  PRO A HB2  1 
ATOM   73   H  HB3  . PRO A 1 36  ? 3.53508   9.12728   -15.92892 0.000 53.73000  ?  5  PRO A HB3  1 
ATOM   74   H  HG2  . PRO A 1 36  ? 4.14734   8.78296   -13.19554 0.000 93.20000  ?  5  PRO A HG2  1 
ATOM   75   H  HG3  . PRO A 1 36  ? 3.63025   10.11557  -13.88956 0.000 93.20000  ?  5  PRO A HG3  1 
ATOM   76   H  HD2  . PRO A 1 36  ? 2.02312   8.60175   -12.56641 0.000 66.14000  ?  5  PRO A HD2  1 
ATOM   77   H  HD3  . PRO A 1 36  ? 1.50046   9.47028   -13.79078 0.000 66.14000  ?  5  PRO A HD3  1 
ATOM   78   N  N    . LEU A 1 37  ? 4.01624   5.79018   -13.27287 1.000 31.74000  ?  6  LEU A N    1 
ATOM   79   C  CA   . LEU A 1 37  ? 4.72221   4.59311   -12.80350 1.000 37.23000  ?  6  LEU A CA   1 
ATOM   80   C  C    . LEU A 1 37  ? 3.83139   3.73650   -11.94663 1.000 46.13000  ?  6  LEU A C    1 
ATOM   81   O  O    . LEU A 1 37  ? 3.42422   4.17283   -10.86350 1.000 43.08000  ?  6  LEU A O    1 
ATOM   82   C  CB   . LEU A 1 37  ? 5.98360   4.87357   -11.96267 1.000 36.35000  ?  6  LEU A CB   1 
ATOM   83   C  CG   . LEU A 1 37  ? 7.22412   5.42991   -12.62051 1.000 57.83000  ?  6  LEU A CG   1 
ATOM   84   C  CD1  . LEU A 1 37  ? 8.21365   5.77633   -11.53147 1.000 56.76000  ?  6  LEU A CD1  1 
ATOM   85   C  CD2  . LEU A 1 37  ? 7.88697   4.42143   -13.61730 1.000 61.83000  ?  6  LEU A CD2  1 
ATOM   86   H  H    . LEU A 1 37  ? 3.58513   6.20646   -12.65569 0.000 39.86000  ?  6  LEU A H    1 
ATOM   87   H  HA   . LEU A 1 37  ? 4.96682   4.13443   -13.62247 0.000 46.45000  ?  6  LEU A HA   1 
ATOM   88   H  HB2  . LEU A 1 37  ? 5.73299   5.51152   -11.27615 0.000 45.39000  ?  6  LEU A HB2  1 
ATOM   89   H  HB3  . LEU A 1 37  ? 6.24875   4.03387   -11.55548 0.000 45.39000  ?  6  LEU A HB3  1 
ATOM   90   H  HG   . LEU A 1 37  ? 6.97699   6.21108   -13.13883 0.000 71.17000  ?  6  LEU A HG   1 
ATOM   91   H  HD11 . LEU A 1 37  ? 9.00574   6.16165   -11.93683 0.000 69.88000  ?  6  LEU A HD11 1 
ATOM   92   H  HD12 . LEU A 1 37  ? 7.80629   6.41523   -10.92690 0.000 69.88000  ?  6  LEU A HD12 1 
ATOM   93   H  HD13 . LEU A 1 37  ? 8.44844   4.96769   -11.05022 0.000 69.88000  ?  6  LEU A HD13 1 
ATOM   94   H  HD21 . LEU A 1 37  ? 8.69288   4.82056   -13.97925 0.000 75.97000  ?  6  LEU A HD21 1 
ATOM   95   H  HD22 . LEU A 1 37  ? 8.10657   3.60532   -13.14059 0.000 75.97000  ?  6  LEU A HD22 1 
ATOM   96   H  HD23 . LEU A 1 37  ? 7.26184   4.22939   -14.33314 0.000 75.97000  ?  6  LEU A HD23 1 
ATOM   97   N  N    . THR A 1 38  ? 3.65311   2.48286   -12.32925 1.000 35.70000  ?  7  THR A N    1 
ATOM   98   C  CA   . THR A 1 38  ? 2.87900   1.62237   -11.45433 1.000 45.30000  ?  7  THR A CA   1 
ATOM   99   C  C    . THR A 1 38  ? 3.61020   0.36058   -11.05136 1.000 33.83000  ?  7  THR A C    1 
ATOM   100  O  O    . THR A 1 38  ? 4.20771   -0.32377  -11.87541 1.000 52.07000  ?  7  THR A O    1 
ATOM   101  C  CB   . THR A 1 38  ? 1.52379   1.29578   -12.10729 1.000 54.80000  ?  7  THR A CB   1 
ATOM   102  O  OG1  . THR A 1 38  ? 1.75210   0.67343   -13.39713 1.000 38.74000  ?  7  THR A OG1  1 
ATOM   103  C  CG2  . THR A 1 38  ? 0.74259   2.60385   -12.24895 1.000 44.38000  ?  7  THR A CG2  1 
ATOM   104  H  H    . THR A 1 38  ? 3.95462   2.12771   -13.05182 0.000 44.61000  ?  7  THR A H    1 
ATOM   105  H  HA   . THR A 1 38  ? 2.73403   2.08935   -10.61644 0.000 56.14000  ?  7  THR A HA   1 
ATOM   106  H  HB   . THR A 1 38  ? 1.00149   0.67688   -11.57382 0.000 67.54000  ?  7  THR A HB   1 
ATOM   107  H  HG1  . THR A 1 38  ? 2.17118   -0.04768  -13.29755 0.000 48.26000  ?  7  THR A HG1  1 
ATOM   108  H  HG21 . THR A 1 38  ? -0.12918  2.42952   -12.63777 0.000 55.03000  ?  7  THR A HG21 1 
ATOM   109  H  HG22 . THR A 1 38  ? 0.62174   3.01444   -11.37838 0.000 55.03000  ?  7  THR A HG22 1 
ATOM   110  H  HG23 . THR A 1 38  ? 1.22518   3.21913   -12.82297 0.000 55.03000  ?  7  THR A HG23 1 
ATOM   111  N  N    . LEU A 1 39  ? 3.50795   0.04083   -9.79313  1.000 31.49000  ?  8  LEU A N    1 
ATOM   112  C  CA   . LEU A 1 39  ? 3.78199   -1.29055  -9.31905  1.000 40.09000  ?  8  LEU A CA   1 
ATOM   113  C  C    . LEU A 1 39  ? 2.59322   -2.21584  -9.62897  1.000 50.42000  ?  8  LEU A C    1 
ATOM   114  O  O    . LEU A 1 39  ? 1.52267   -2.08554  -9.03167  1.000 50.30000  ?  8  LEU A O    1 
ATOM   115  C  CB   . LEU A 1 39  ? 4.06766   -1.18211  -7.82526  1.000 37.22000  ?  8  LEU A CB   1 
ATOM   116  C  CG   . LEU A 1 39  ? 4.09721   -2.50858  -7.16274  1.000 65.66000  ?  8  LEU A CG   1 
ATOM   117  C  CD1  . LEU A 1 39  ? 5.17559   -3.33918  -7.71493  1.000 83.16000  ?  8  LEU A CD1  1 
ATOM   118  C  CD2  . LEU A 1 39  ? 4.13983   -2.33382  -5.70711  1.000 59.28000  ?  8  LEU A CD2  1 
ATOM   119  H  H    . LEU A 1 39  ? 3.27468   0.58921   -9.17269  0.000 39.56000  ?  8  LEU A H    1 
ATOM   120  H  HA   . LEU A 1 39  ? 4.54398   -1.68062  -9.77449  0.000 49.89000  ?  8  LEU A HA   1 
ATOM   121  H  HB2  . LEU A 1 39  ? 4.93145   -0.76060  -7.69746  0.000 46.44000  ?  8  LEU A HB2  1 
ATOM   122  H  HB3  . LEU A 1 39  ? 3.37285   -0.64904  -7.40724  0.000 46.44000  ?  8  LEU A HB3  1 
ATOM   123  H  HG   . LEU A 1 39  ? 3.28529   -3.00817  -7.34412  0.000 80.57000  ?  8  LEU A HG   1 
ATOM   124  H  HD11 . LEU A 1 39  ? 5.17809   -4.19662  -7.26037  0.000 101.57000 ?  8  LEU A HD11 1 
ATOM   125  H  HD12 . LEU A 1 39  ? 5.02069   -3.46849  -8.66375  0.000 101.57000 ?  8  LEU A HD12 1 
ATOM   126  H  HD13 . LEU A 1 39  ? 6.02355   -2.88892  -7.57578  0.000 101.57000 ?  8  LEU A HD13 1 
ATOM   127  H  HD21 . LEU A 1 39  ? 4.23530   -3.20240  -5.28814  0.000 72.91000  ?  8  LEU A HD21 1 
ATOM   128  H  HD22 . LEU A 1 39  ? 4.89636   -1.77106  -5.47965  0.000 72.91000  ?  8  LEU A HD22 1 
ATOM   129  H  HD23 . LEU A 1 39  ? 3.31487   -1.91387  -5.41613  0.000 72.91000  ?  8  LEU A HD23 1 
ATOM   130  N  N    . ASN A 1 40  ? 2.78297   -3.13929  -10.56354 1.000 49.03000  ?  9  ASN A N    1 
ATOM   131  C  CA   . ASN A 1 40  ? 1.73251   -4.00830  -11.10622 1.000 41.90000  ?  9  ASN A CA   1 
ATOM   132  C  C    . ASN A 1 40  ? 1.79297   -5.34192  -10.37624 1.000 49.89000  ?  9  ASN A C    1 
ATOM   133  O  O    . ASN A 1 40  ? 2.65030   -6.16054  -10.67076 1.000 73.14000  ?  9  ASN A O    1 
ATOM   134  C  CB   . ASN A 1 40  ? 1.99333   -4.19249  -12.57820 1.000 40.01000  ?  9  ASN A CB   1 
ATOM   135  C  CG   . ASN A 1 40  ? 2.11207   -2.89198  -13.28337 1.000 49.99000  ?  9  ASN A CG   1 
ATOM   136  O  OD1  . ASN A 1 40  ? 1.31356   -2.02269  -13.05146 1.000 51.09000  ?  9  ASN A OD1  1 
ATOM   137  N  ND2  . ASN A 1 40  ? 3.14652   -2.71616  -14.11341 1.000 54.56000  ?  9  ASN A ND2  1 
ATOM   138  H  H    . ASN A 1 40  ? 3.54945   -3.29259  -10.92129 0.000 60.62000  ?  9  ASN A H    1 
ATOM   139  H  HA   . ASN A 1 40  ? 0.85518   -3.62261  -10.95649 0.000 52.05000  ?  9  ASN A HA   1 
ATOM   140  H  HB2  . ASN A 1 40  ? 2.82358   -4.68025  -12.69735 0.000 49.78000  ?  9  ASN A HB2  1 
ATOM   141  H  HB3  . ASN A 1 40  ? 1.25830   -4.68768  -12.97346 0.000 49.78000  ?  9  ASN A HB3  1 
ATOM   142  H  HD21 . ASN A 1 40  ? 3.23818   -1.97176  -14.53463 0.000 67.25000  ?  9  ASN A HD21 1 
ATOM   143  H  HD22 . ASN A 1 40  ? 3.72009   -3.34779  -14.22644 0.000 67.25000  ?  9  ASN A HD22 1 
ATOM   144  N  N    . PHE A 1 41  ? 0.94671   -5.55878  -9.38684  1.000 57.86000  ?  10 PHE A N    1 
ATOM   145  C  CA   . PHE A 1 41  ? 1.17397   -6.66896  -8.46609  1.000 68.88000  ?  10 PHE A CA   1 
ATOM   146  C  C    . PHE A 1 41  ? 0.33316   -7.88063  -8.83517  1.000 85.84000  ?  10 PHE A C    1 
ATOM   147  O  O    . PHE A 1 41  ? 0.87584   -8.97982  -9.02112  1.000 108.96000 ?  10 PHE A O    1 
ATOM   148  C  CB   . PHE A 1 41  ? 0.87799   -6.25931  -7.01751  1.000 69.13000  ?  10 PHE A CB   1 
ATOM   149  C  CG   . PHE A 1 41  ? 1.16453   -7.32530  -5.98710  1.000 62.45000  ?  10 PHE A CG   1 
ATOM   150  C  CD1  . PHE A 1 41  ? 2.47039   -7.65069  -5.60619  1.000 63.87000  ?  10 PHE A CD1  1 
ATOM   151  C  CD2  . PHE A 1 41  ? 0.11375   -7.97688  -5.36154  1.000 74.40000  ?  10 PHE A CD2  1 
ATOM   152  C  CE1  . PHE A 1 41  ? 2.70732   -8.63943  -4.62824  1.000 74.75000  ?  10 PHE A CE1  1 
ATOM   153  C  CE2  . PHE A 1 41  ? 0.34426   -8.94589  -4.37872  1.000 74.04000  ?  10 PHE A CE2  1 
ATOM   154  C  CZ   . PHE A 1 41  ? 1.64297   -9.26595  -4.00359  1.000 73.78000  ?  10 PHE A CZ   1 
ATOM   155  H  H    . PHE A 1 41  ? 0.24465   -5.08783  -9.22732  0.000 71.21000  ?  10 PHE A H    1 
ATOM   156  H  HA   . PHE A 1 41  ? 2.11179   -6.90728  -8.51817  0.000 84.43000  ?  10 PHE A HA   1 
ATOM   157  H  HB2  . PHE A 1 41  ? 1.42421   -5.48701  -6.79836  0.000 84.73000  ?  10 PHE A HB2  1 
ATOM   158  H  HB3  . PHE A 1 41  ? -0.06198  -6.03109  -6.94646  0.000 84.73000  ?  10 PHE A HB3  1 
ATOM   159  H  HD1  . PHE A 1 41  ? 3.18925   -7.21174  -6.00030  0.000 78.42000  ?  10 PHE A HD1  1 
ATOM   160  H  HD2  . PHE A 1 41  ? -0.76124  -7.76635  -5.59918  0.000 91.06000  ?  10 PHE A HD2  1 
ATOM   161  H  HE1  . PHE A 1 41  ? 3.57935   -8.87091  -4.40367  0.000 91.48000  ?  10 PHE A HE1  1 
ATOM   162  H  HE2  . PHE A 1 41  ? -0.37427  -9.37734  -3.97515  0.000 90.62000  ?  10 PHE A HE2  1 
ATOM   163  H  HZ   . PHE A 1 41  ? 1.79538   -9.89602  -3.33734  0.000 90.32000  ?  10 PHE A HZ   1 
ATOM   164  N  N    . GLY A 1 42  ? -0.97842  -7.72434  -8.93492  1.000 68.86000  ?  11 GLY A N    1 
ATOM   165  C  CA   . GLY A 1 42  ? -1.72949  -8.82411  -9.47858  1.000 75.94000  ?  11 GLY A CA   1 
ATOM   166  C  C    . GLY A 1 42  ? -2.49031  -8.28857  -10.64853 1.000 90.01000  ?  11 GLY A C    1 
ATOM   167  O  O    . GLY A 1 42  ? -1.92810  -7.83999  -11.66476 1.000 79.58000  ?  11 GLY A O    1 
ATOM   168  H  H    . GLY A 1 42  ? -1.42578  -7.02597  -8.70663  0.000 84.41000  ?  11 GLY A H    1 
ATOM   169  H  HA2  . GLY A 1 42  ? -1.13646  -9.53499  -9.76867  0.000 92.90000  ?  11 GLY A HA2  1 
ATOM   170  H  HA3  . GLY A 1 42  ? -2.34650  -9.17808  -8.81833  0.000 92.90000  ?  11 GLY A HA3  1 
ATOM   171  N  N    . SER A 1 43  ? -3.80415  -8.33356  -10.48208 1.000 94.00000  ?  12 SER A N    1 
ATOM   172  C  CA   . SER A 1 43  ? -4.67064  -7.44317  -11.23134 1.000 97.53000  ?  12 SER A CA   1 
ATOM   173  C  C    . SER A 1 43  ? -4.54343  -6.00104  -10.70859 1.000 100.47000 ?  12 SER A C    1 
ATOM   174  O  O    . SER A 1 43  ? -4.81665  -5.05964  -11.47583 1.000 62.75000  ?  12 SER A O    1 
ATOM   175  C  CB   . SER A 1 43  ? -6.09352  -8.00256  -11.13323 1.000 81.45000  ?  12 SER A CB   1 
ATOM   176  O  OG   . SER A 1 43  ? -6.50631  -7.95602  -9.75710  1.000 101.29000 ?  12 SER A OG   1 
ATOM   177  H  H    . SER A 1 43  ? -4.21460  -8.86576  -9.94495  0.000 114.57000 ?  12 SER A H    1 
ATOM   178  H  HA   . SER A 1 43  ? -4.44767  -7.40503  -12.17493 0.000 118.81000 ?  12 SER A HA   1 
ATOM   179  H  HB2  . SER A 1 43  ? -6.69287  -7.46187  -11.67150 0.000 99.52000  ?  12 SER A HB2  1 
ATOM   180  H  HB3  . SER A 1 43  ? -6.10476  -8.92026  -11.44623 0.000 99.52000  ?  12 SER A HB3  1 
ATOM   181  H  HG   . SER A 1 43  ? -7.32553  -8.13312  -9.69649  0.000 123.33000 ?  12 SER A HG   1 
ATOM   182  N  N    . VAL A 1 44  ? -4.07151  -5.84893  -9.43444  1.000 94.26000  ?  13 VAL A N    1 
ATOM   183  C  CA   . VAL A 1 44  ? -3.84969  -4.56146  -8.74076  1.000 67.44000  ?  13 VAL A CA   1 
ATOM   184  C  C    . VAL A 1 44  ? -2.70188  -3.79271  -9.36918  1.000 69.73000  ?  13 VAL A C    1 
ATOM   185  O  O    . VAL A 1 44  ? -1.66484  -4.38216  -9.70902  1.000 72.26000  ?  13 VAL A O    1 
ATOM   186  C  CB   . VAL A 1 44  ? -3.52140  -4.77758  -7.25523  1.000 70.57000  ?  13 VAL A CB   1 
ATOM   187  C  CG1  . VAL A 1 44  ? -3.18631  -3.47649  -6.61727  1.000 64.73000  ?  13 VAL A CG1  1 
ATOM   188  C  CG2  . VAL A 1 44  ? -4.69512  -5.39736  -6.54170  1.000 84.11000  ?  13 VAL A CG2  1 
ATOM   189  H  H    . VAL A 1 44  ? -3.86546  -6.51531  -8.93134  0.000 114.89000 ?  13 VAL A H    1 
ATOM   190  H  HA   . VAL A 1 44  ? -4.67310  -4.05741  -8.83246  0.000 82.70000  ?  13 VAL A HA   1 
ATOM   191  H  HB   . VAL A 1 44  ? -2.76160  -5.37495  -7.18423  0.000 86.46000  ?  13 VAL A HB   1 
ATOM   192  H  HG11 . VAL A 1 44  ? -3.31532  -3.55271  -5.65921  0.000 79.45000  ?  13 VAL A HG11 1 
ATOM   193  H  HG12 . VAL A 1 44  ? -2.26113  -3.25937  -6.81061  0.000 79.45000  ?  13 VAL A HG12 1 
ATOM   194  H  HG13 . VAL A 1 44  ? -3.76965  -2.78949  -6.97626  0.000 79.45000  ?  13 VAL A HG13 1 
ATOM   195  H  HG21 . VAL A 1 44  ? -4.46217  -5.53609  -5.61117  0.000 102.71000 ?  13 VAL A HG21 1 
ATOM   196  H  HG22 . VAL A 1 44  ? -5.45660  -4.79973  -6.60779  0.000 102.71000 ?  13 VAL A HG22 1 
ATOM   197  H  HG23 . VAL A 1 44  ? -4.90485  -6.24711  -6.96002  0.000 102.71000 ?  13 VAL A HG23 1 
ATOM   198  N  N    . ARG A 1 45  ? -2.87378  -2.45394  -9.48623  1.000 80.51000  ?  14 ARG A N    1 
ATOM   199  C  CA   . ARG A 1 45  ? -1.88640  -1.53926  -10.08418 1.000 62.35000  ?  14 ARG A CA   1 
ATOM   200  C  C    . ARG A 1 45  ? -1.79080  -0.28907  -9.21942  1.000 52.13000  ?  14 ARG A C    1 
ATOM   201  O  O    . ARG A 1 45  ? -2.60885  0.61233   -9.35431  1.000 64.49000  ?  14 ARG A O    1 
ATOM   202  C  CB   . ARG A 1 45  ? -2.24287  -1.15938  -11.51590 1.000 32.45000  ?  14 ARG A CB   1 
ATOM   203  C  CG   . ARG A 1 45  ? -2.28419  -2.33331  -12.37073 1.000 51.35000  ?  14 ARG A CG   1 
ATOM   204  C  CD   . ARG A 1 45  ? -2.55265  -1.97223  -13.78151 1.000 61.02000  ?  14 ARG A CD   1 
ATOM   205  N  NE   . ARG A 1 45  ? -1.49164  -1.12766  -14.30581 1.000 71.77000  ?  14 ARG A NE   1 
ATOM   206  C  CZ   . ARG A 1 45  ? -1.62773  -0.35585  -15.37590 1.000 98.73000  ?  14 ARG A CZ   1 
ATOM   207  N  NH1  . ARG A 1 45  ? -2.76901  -0.31112  -16.04195 1.000 131.91000 ?  14 ARG A NH1  1 
ATOM   208  N  NH2  . ARG A 1 45  ? -0.59027  0.37204   -15.80771 1.000 82.94000  ?  14 ARG A NH2  1 
ATOM   209  H  H    . ARG A 1 45  ? -3.58014  -2.04439  -9.21690  0.000 98.39000  ?  14 ARG A H    1 
ATOM   210  H  HA   . ARG A 1 45  ? -1.02957  -1.99346  -10.08220 0.000 76.59000  ?  14 ARG A HA   1 
ATOM   211  H  HB2  . ARG A 1 45  ? -3.11611  -0.73683  -11.53004 0.000 40.72000  ?  14 ARG A HB2  1 
ATOM   212  H  HB3  . ARG A 1 45  ? -1.57334  -0.54925  -11.86419 0.000 40.72000  ?  14 ARG A HB3  1 
ATOM   213  H  HG2  . ARG A 1 45  ? -1.43016  -2.79006  -12.33008 0.000 63.39000  ?  14 ARG A HG2  1 
ATOM   214  H  HG3  . ARG A 1 45  ? -2.99164  -2.92484  -12.06789 0.000 63.39000  ?  14 ARG A HG3  1 
ATOM   215  H  HD2  . ARG A 1 45  ? -2.59883  -2.77880  -14.31908 0.000 74.99000  ?  14 ARG A HD2  1 
ATOM   216  H  HD3  . ARG A 1 45  ? -3.39091  -1.48715  -13.83873 0.000 74.99000  ?  14 ARG A HD3  1 
ATOM   217  H  HE   . ARG A 1 45  ? -0.73374  -1.12802  -13.89793 0.000 87.90000  ?  14 ARG A HE   1 
ATOM   218  H  HH11 . ARG A 1 45  ? -3.43744  -0.78675  -15.78153 0.000 160.06000 ?  14 ARG A HH11 1 
ATOM   219  H  HH12 . ARG A 1 45  ? -2.84369  0.19296   -16.73345 0.000 160.06000 ?  14 ARG A HH12 1 
ATOM   220  H  HH21 . ARG A 1 45  ? 0.16142   0.33836   -15.39053 0.000 101.30000 ?  14 ARG A HH21 1 
ATOM   221  H  HH22 . ARG A 1 45  ? -0.67551  0.87236   -16.50157 0.000 101.30000 ?  14 ARG A HH22 1 
ATOM   222  N  N    . LEU A 1 46  ? -0.78221  -0.21145  -8.38133  1.000 46.99000  ?  15 LEU A N    1 
ATOM   223  C  CA   . LEU A 1 46  ? -0.64318  0.90855   -7.47833  1.000 45.99000  ?  15 LEU A CA   1 
ATOM   224  C  C    . LEU A 1 46  ? 0.29669   1.93726   -8.09669  1.000 61.16000  ?  15 LEU A C    1 
ATOM   225  O  O    . LEU A 1 46  ? 1.29422   1.54647   -8.74241  1.000 52.60000  ?  15 LEU A O    1 
ATOM   226  C  CB   . LEU A 1 46  ? -0.03239  0.40751   -6.19128  1.000 53.78000  ?  15 LEU A CB   1 
ATOM   227  C  CG   . LEU A 1 46  ? -0.70769  -0.84851  -5.68543  1.000 52.25000  ?  15 LEU A CG   1 
ATOM   228  C  CD1  . LEU A 1 46  ? -0.01789  -1.20120  -4.48377  1.000 47.45000  ?  15 LEU A CD1  1 
ATOM   229  C  CD2  . LEU A 1 46  ? -2.16080  -0.58810  -5.39106  1.000 68.62000  ?  15 LEU A CD2  1 
ATOM   230  H  H    . LEU A 1 46  ? -0.15773  -0.79777  -8.31291  0.000 58.17000  ?  15 LEU A H    1 
ATOM   231  H  HA   . LEU A 1 46  ? -1.49715  1.32912   -7.29452  0.000 56.96000  ?  15 LEU A HA   1 
ATOM   232  H  HB2  . LEU A 1 46  ? 0.90472   0.20684   -6.34155  0.000 66.31000  ?  15 LEU A HB2  1 
ATOM   233  H  HB3  . LEU A 1 46  ? -0.12039  1.09284   -5.51181  0.000 66.31000  ?  15 LEU A HB3  1 
ATOM   234  H  HG   . LEU A 1 46  ? -0.67748  -1.56440  -6.33866  0.000 64.48000  ?  15 LEU A HG   1 
ATOM   235  H  HD11 . LEU A 1 46  ? -0.40958  -2.01082  -4.12089  0.000 58.72000  ?  15 LEU A HD11 1 
ATOM   236  H  HD12 . LEU A 1 46  ? 0.91897   -1.34973  -4.68912  0.000 58.72000  ?  15 LEU A HD12 1 
ATOM   237  H  HD13 . LEU A 1 46  ? -0.10492  -0.47583  -3.84507  0.000 58.72000  ?  15 LEU A HD13 1 
ATOM   238  H  HD21 . LEU A 1 46  ? -2.52156  -1.34045  -4.89609  0.000 84.11000  ?  15 LEU A HD21 1 
ATOM   239  H  HD22 . LEU A 1 46  ? -2.23678  0.22273   -4.86425  0.000 84.11000  ?  15 LEU A HD22 1 
ATOM   240  H  HD23 . LEU A 1 46  ? -2.63846  -0.48397  -6.22873  0.000 84.11000  ?  15 LEU A HD23 1 
ATOM   241  N  N    . PRO A 1 47  ? 0.02573   3.24954   -7.98031  1.000 57.98000  ?  16 PRO A N    1 
ATOM   242  C  CA   . PRO A 1 47  ? 0.98613   4.25826   -8.45526  1.000 40.50000  ?  16 PRO A CA   1 
ATOM   243  C  C    . PRO A 1 47  ? 2.18106   4.39728   -7.51519  1.000 49.16000  ?  16 PRO A C    1 
ATOM   244  O  O    . PRO A 1 47  ? 2.08463   4.20929   -6.29159  1.000 44.43000  ?  16 PRO A O    1 
ATOM   245  C  CB   . PRO A 1 47  ? 0.14690   5.53268   -8.48063  1.000 47.40000  ?  16 PRO A CB   1 
ATOM   246  C  CG   . PRO A 1 47  ? -1.16682  5.10409   -8.59104  1.000 43.54000  ?  16 PRO A CG   1 
ATOM   247  C  CD   . PRO A 1 47  ? -1.31282  3.83357   -7.84224  1.000 52.77000  ?  16 PRO A CD   1 
ATOM   248  H  HA   . PRO A 1 47  ? 1.30436   4.05336   -9.34858  0.000 50.37000  ?  16 PRO A HA   1 
ATOM   249  H  HB2  . PRO A 1 47  ? 0.28098   6.03064   -7.65943  0.000 58.66000  ?  16 PRO A HB2  1 
ATOM   250  H  HB3  . PRO A 1 47  ? 0.39927   6.07641   -9.24322  0.000 58.66000  ?  16 PRO A HB3  1 
ATOM   251  H  HG2  . PRO A 1 47  ? -1.75149  5.78148   -8.21689  0.000 54.03000  ?  16 PRO A HG2  1 
ATOM   252  H  HG3  . PRO A 1 47  ? -1.37576  4.96578   -9.52799  0.000 54.03000  ?  16 PRO A HG3  1 
ATOM   253  H  HD2  . PRO A 1 47  ? -1.53061  3.99649   -6.91128  0.000 65.09000  ?  16 PRO A HD2  1 
ATOM   254  H  HD3  . PRO A 1 47  ? -1.98652  3.26330   -8.24569  0.000 65.09000  ?  16 PRO A HD3  1 
ATOM   255  N  N    . VAL A 1 48  ? 3.32575   4.74568   -8.10001  1.000 49.43000  ?  17 VAL A N    1 
ATOM   256  C  CA   . VAL A 1 48  ? 4.59273   4.66743   -7.37825  1.000 49.25000  ?  17 VAL A CA   1 
ATOM   257  C  C    . VAL A 1 48  ? 5.42675   5.90288   -7.71796  1.000 38.17000  ?  17 VAL A C    1 
ATOM   258  O  O    . VAL A 1 48  ? 5.41843   6.39690   -8.84958  1.000 41.12000  ?  17 VAL A O    1 
ATOM   259  C  CB   . VAL A 1 48  ? 5.33697   3.33345   -7.72902  1.000 48.51000  ?  17 VAL A CB   1 
ATOM   260  C  CG1  . VAL A 1 48  ? 6.55627   3.15946   -6.99900  1.000 40.75000  ?  17 VAL A CG1  1 
ATOM   261  C  CG2  . VAL A 1 48  ? 4.52122   2.21477   -7.37634  1.000 62.56000  ?  17 VAL A CG2  1 
ATOM   262  H  H    . VAL A 1 48  ? 3.39328   5.02853   -8.90926  0.000 61.09000  ?  17 VAL A H    1 
ATOM   263  H  HA   . VAL A 1 48  ? 4.44166   4.68673   -6.42015  0.000 60.88000  ?  17 VAL A HA   1 
ATOM   264  H  HB   . VAL A 1 48  ? 5.52822   3.38110   -8.67821  0.000 59.98000  ?  17 VAL A HB   1 
ATOM   265  H  HG11 . VAL A 1 48  ? 6.88534   2.25838   -7.14571  0.000 50.67000  ?  17 VAL A HG11 1 
ATOM   266  H  HG12 . VAL A 1 48  ? 7.20789   3.80549   -7.31344  0.000 50.67000  ?  17 VAL A HG12 1 
ATOM   267  H  HG13 . VAL A 1 48  ? 6.38148   3.29795   -6.05556  0.000 50.67000  ?  17 VAL A HG13 1 
ATOM   268  H  HG21 . VAL A 1 48  ? 5.02793   1.39844   -7.51283  0.000 76.85000  ?  17 VAL A HG21 1 
ATOM   269  H  HG22 . VAL A 1 48  ? 4.26413   2.29200   -6.44360  0.000 76.85000  ?  17 VAL A HG22 1 
ATOM   270  H  HG23 . VAL A 1 48  ? 3.72996   2.21017   -7.93773  0.000 76.85000  ?  17 VAL A HG23 1 
ATOM   271  N  N    . SER A 1 49  ? 6.13514   6.40068   -6.73437  1.000 35.59000  ?  18 SER A N    1 
ATOM   272  C  CA   . SER A 1 49  ? 7.11664   7.45838   -6.91120  1.000 46.25000  ?  18 SER A CA   1 
ATOM   273  C  C    . SER A 1 49  ? 8.43478   6.90322   -7.43166  1.000 40.51000  ?  18 SER A C    1 
ATOM   274  O  O    . SER A 1 49  ? 8.76206   5.74778   -7.21199  1.000 44.61000  ?  18 SER A O    1 
ATOM   275  C  CB   . SER A 1 49  ? 7.33013   8.13040   -5.57103  1.000 32.90000  ?  18 SER A CB   1 
ATOM   276  O  OG   . SER A 1 49  ? 8.09967   7.24957   -4.78235  1.000 44.40000  ?  18 SER A OG   1 
ATOM   277  H  H    . SER A 1 49  ? 6.06993   6.13666   -5.91806  0.000 44.48000  ?  18 SER A H    1 
ATOM   278  H  HA   . SER A 1 49  ? 6.80581   8.10786   -7.56168  0.000 57.28000  ?  18 SER A HA   1 
ATOM   279  H  HB2  . SER A 1 49  ? 7.80637   8.96643   -5.69278  0.000 41.25000  ?  18 SER A HB2  1 
ATOM   280  H  HB3  . SER A 1 49  ? 6.47542   8.29443   -5.14308  0.000 41.25000  ?  18 SER A HB3  1 
ATOM   281  H  HG   . SER A 1 49  ? 8.49489   7.67671   -4.17651  0.000 55.06000  ?  18 SER A HG   1 
ATOM   282  N  N    . ALA A 1 50  ? 9.25590   7.76767   -8.02913  1.000 47.18000  ?  19 ALA A N    1 
ATOM   283  C  CA   . ALA A 1 50  ? 10.56563  7.31339   -8.51530  1.000 28.97000  ?  19 ALA A CA   1 
ATOM   284  C  C    . ALA A 1 50  ? 11.43554  6.64477   -7.44075  1.000 38.32000  ?  19 ALA A C    1 
ATOM   285  O  O    . ALA A 1 50  ? 12.32844  5.83758   -7.75234  1.000 43.45000  ?  19 ALA A O    1 
ATOM   286  C  CB   . ALA A 1 50  ? 11.30648  8.48935   -9.08482  1.000 25.56000  ?  19 ALA A CB   1 
ATOM   287  H  H    . ALA A 1 50  ? 9.08670   8.60039   -8.16363  0.000 58.39000  ?  19 ALA A H    1 
ATOM   288  H  HA   . ALA A 1 50  ? 10.41291  6.64767   -9.20429  0.000 36.54000  ?  19 ALA A HA   1 
ATOM   289  H  HB1  . ALA A 1 50  ? 12.15602  8.18517   -9.43960  0.000 32.45000  ?  19 ALA A HB1  1 
ATOM   290  H  HB2  . ALA A 1 50  ? 10.77352  8.88465   -9.79295  0.000 32.45000  ?  19 ALA A HB2  1 
ATOM   291  H  HB3  . ALA A 1 50  ? 11.45518  9.13917   -8.38043  0.000 32.45000  ?  19 ALA A HB3  1 
ATOM   292  N  N    . ASP A 1 51  ? 11.20496  6.95005   -6.17646  1.000 28.84000  ?  20 ASP A N    1 
ATOM   293  C  CA   . ASP A 1 51  ? 11.93766  6.27435   -5.13202  1.000 32.36000  ?  20 ASP A CA   1 
ATOM   294  C  C    . ASP A 1 51  ? 11.11350  5.24683   -4.42235  1.000 51.32000  ?  20 ASP A C    1 
ATOM   295  O  O    . ASP A 1 51  ? 11.47579  4.85775   -3.30909  1.000 45.31000  ?  20 ASP A O    1 
ATOM   296  C  CB   . ASP A 1 51  ? 12.52532  7.23631   -4.10604  1.000 35.20000  ?  20 ASP A CB   1 
ATOM   297  C  CG   . ASP A 1 51  ? 11.46309  8.17014   -3.41712  1.000 62.60000  ?  20 ASP A CG   1 
ATOM   298  O  OD1  . ASP A 1 51  ? 10.39541  8.50620   -4.01327  1.000 47.99000  ?  20 ASP A OD1  1 
ATOM   299  O  OD2  . ASP A 1 51  ? 11.59288  8.39149   -2.18276  1.000 65.01000  -1 20 ASP A OD2  1 
ATOM   300  H  H    . ASP A 1 51  ? 10.63672  7.53579   -5.90603  0.000 36.38000  ?  20 ASP A H    1 
ATOM   301  H  HA   . ASP A 1 51  ? 12.68557  5.83811   -5.57076  0.000 40.61000  ?  20 ASP A HA   1 
ATOM   302  H  HB2  . ASP A 1 51  ? 12.95948  6.72005   -3.40867  0.000 44.02000  ?  20 ASP A HB2  1 
ATOM   303  H  HB3  . ASP A 1 51  ? 13.17351  7.80527   -4.54986  0.000 44.02000  ?  20 ASP A HB3  1 
ATOM   304  N  N    . GLY A 1 52  ? 10.02261  4.79379   -5.03333  1.000 39.34000  ?  21 GLY A N    1 
ATOM   305  C  CA   . GLY A 1 52  ? 9.40991   3.55937   -4.60552  1.000 34.46000  ?  21 GLY A CA   1 
ATOM   306  C  C    . GLY A 1 52  ? 8.43852   3.70051   -3.48571  1.000 45.41000  ?  21 GLY A C    1 
ATOM   307  O  O    . GLY A 1 52  ? 8.26191   2.74995   -2.70417  1.000 46.90000  ?  21 GLY A O    1 
ATOM   308  H  H    . GLY A 1 52  ? 9.62755   5.18512   -5.69037  0.000 48.99000  ?  21 GLY A H    1 
ATOM   309  H  HA2  . GLY A 1 52  ? 8.93948   3.16887   -5.35860  0.000 43.13000  ?  21 GLY A HA2  1 
ATOM   310  H  HA3  . GLY A 1 52  ? 10.10738  2.95036   -4.31814  0.000 43.13000  ?  21 GLY A HA3  1 
ATOM   311  N  N    . LEU A 1 53  ? 7.83427   4.87220   -3.34076  1.000 46.07000  ?  22 LEU A N    1 
ATOM   312  C  CA   . LEU A 1 53  ? 6.76103   5.00832   -2.39200  1.000 47.66000  ?  22 LEU A CA   1 
ATOM   313  C  C    . LEU A 1 53  ? 5.48183   4.86883   -3.15042  1.000 47.99000  ?  22 LEU A C    1 
ATOM   314  O  O    . LEU A 1 53  ? 5.42565   5.19017   -4.34060  1.000 58.30000  ?  22 LEU A O    1 
ATOM   315  C  CB   . LEU A 1 53  ? 6.78833   6.33383   -1.64577  1.000 59.60000  ?  22 LEU A CB   1 
ATOM   316  C  CG   . LEU A 1 53  ? 8.05667   6.65464   -0.84797  1.000 43.33000  ?  22 LEU A CG   1 
ATOM   317  C  CD1  . LEU A 1 53  ? 7.72378   7.94222   -0.14192  1.000 47.74000  ?  22 LEU A CD1  1 
ATOM   318  C  CD2  . LEU A 1 53  ? 8.33380   5.55692   0.05748   1.000 41.56000  ?  22 LEU A CD2  1 
ATOM   319  H  H    . LEU A 1 53  ? 8.03087   5.58622   -3.77841  0.000 57.06000  ?  22 LEU A H    1 
ATOM   320  H  HA   . LEU A 1 53  ? 6.83485   4.32718   -1.70482  0.000 58.97000  ?  22 LEU A HA   1 
ATOM   321  H  HB2  . LEU A 1 53  ? 6.67389   7.04476   -2.29547  0.000 73.30000  ?  22 LEU A HB2  1 
ATOM   322  H  HB3  . LEU A 1 53  ? 6.04919   6.33790   -1.01649  0.000 73.30000  ?  22 LEU A HB3  1 
ATOM   323  H  HG   . LEU A 1 53  ? 8.86267   6.76039   -1.37699  0.000 53.78000  ?  22 LEU A HG   1 
ATOM   324  H  HD11 . LEU A 1 53  ? 8.50026   8.23767   0.35988   0.000 59.07000  ?  22 LEU A HD11 1 
ATOM   325  H  HD12 . LEU A 1 53  ? 7.48285   8.61204   -0.80134  0.000 59.07000  ?  22 LEU A HD12 1 
ATOM   326  H  HD13 . LEU A 1 53  ? 6.97898   7.78986   0.46094   0.000 59.07000  ?  22 LEU A HD13 1 
ATOM   327  H  HD21 . LEU A 1 53  ? 9.02494   5.82851   0.68121   0.000 51.65000  ?  22 LEU A HD21 1 
ATOM   328  H  HD22 . LEU A 1 53  ? 7.52272   5.33169   0.53910   0.000 51.65000  ?  22 LEU A HD22 1 
ATOM   329  H  HD23 . LEU A 1 53  ? 8.63475   4.79178   -0.45757  0.000 51.65000  ?  22 LEU A HD23 1 
ATOM   330  N  N    . LEU A 1 54  ? 4.47191   4.35572   -2.44642  1.000 45.75000  ?  23 LEU A N    1 
ATOM   331  C  CA   . LEU A 1 54  ? 3.12736   4.13830   -2.96749  1.000 48.62000  ?  23 LEU A CA   1 
ATOM   332  C  C    . LEU A 1 54  ? 2.27209   5.38519   -2.78187  1.000 39.04000  ?  23 LEU A C    1 
ATOM   333  O  O    . LEU A 1 54  ? 2.41929   6.11676   -1.80350  1.000 53.57000  ?  23 LEU A O    1 
ATOM   334  C  CB   . LEU A 1 54  ? 2.46746   2.98611   -2.22996  1.000 31.20000  ?  23 LEU A CB   1 
ATOM   335  C  CG   . LEU A 1 54  ? 3.15668   1.66970   -2.24260  1.000 43.76000  ?  23 LEU A CG   1 
ATOM   336  C  CD1  . LEU A 1 54  ? 2.36579   0.70160   -1.38287  1.000 58.14000  ?  23 LEU A CD1  1 
ATOM   337  C  CD2  . LEU A 1 54  ? 3.26382   1.20749   -3.64064  1.000 42.72000  ?  23 LEU A CD2  1 
ATOM   338  H  H    . LEU A 1 54  ? 4.54635   4.11344   -1.62460  0.000 56.67000  ?  23 LEU A H    1 
ATOM   339  H  HA   . LEU A 1 54  ? 3.17976   3.93391   -3.91383  0.000 60.13000  ?  23 LEU A HA   1 
ATOM   340  H  HB2  . LEU A 1 54  ? 2.37645   3.24446   -1.29972  0.000 39.22000  ?  23 LEU A HB2  1 
ATOM   341  H  HB3  . LEU A 1 54  ? 1.59279   2.84612   -2.62330  0.000 39.22000  ?  23 LEU A HB3  1 
ATOM   342  H  HG   . LEU A 1 54  ? 4.05381   1.72397   -1.87779  0.000 54.29000  ?  23 LEU A HG   1 
ATOM   343  H  HD11 . LEU A 1 54  ? 2.81574   -0.15845  -1.37950  0.000 71.55000  ?  23 LEU A HD11 1 
ATOM   344  H  HD12 . LEU A 1 54  ? 2.31343   1.05081   -0.48016  0.000 71.55000  ?  23 LEU A HD12 1 
ATOM   345  H  HD13 . LEU A 1 54  ? 1.47396   0.60574   -1.75335  0.000 71.55000  ?  23 LEU A HD13 1 
ATOM   346  H  HD21 . LEU A 1 54  ? 3.60378   0.29932   -3.64812  0.000 53.04000  ?  23 LEU A HD21 1 
ATOM   347  H  HD22 . LEU A 1 54  ? 2.38582   1.23660   -4.05120  0.000 53.04000  ?  23 LEU A HD22 1 
ATOM   348  H  HD23 . LEU A 1 54  ? 3.87249   1.79149   -4.12048  0.000 53.04000  ?  23 LEU A HD23 1 
ATOM   349  N  N    . HIS A 1 55  ? 1.33400   5.58199   -3.70444  1.000 56.09000  ?  24 HIS A N    1 
ATOM   350  C  CA   . HIS A 1 55  ? 0.27351   6.59445   -3.60012  1.000 47.57000  ?  24 HIS A CA   1 
ATOM   351  C  C    . HIS A 1 55  ? -0.68629  6.25936   -2.46464  1.000 48.25000  ?  24 HIS A C    1 
ATOM   352  O  O    . HIS A 1 55  ? -1.42740  5.28061   -2.54313  1.000 48.67000  ?  24 HIS A O    1 
ATOM   353  C  CB   . HIS A 1 55  ? -0.45008  6.61457   -4.93016  1.000 45.65000  ?  24 HIS A CB   1 
ATOM   354  C  CG   . HIS A 1 55  ? -1.49344  7.64104   -5.02350  1.000 59.40000  ?  24 HIS A CG   1 
ATOM   355  N  ND1  . HIS A 1 55  ? -2.80286  7.34493   -5.29669  1.000 65.20000  ?  24 HIS A ND1  1 
ATOM   356  C  CD2  . HIS A 1 55  ? -1.40896  8.98283   -4.98551  1.000 68.18000  ?  24 HIS A CD2  1 
ATOM   357  C  CE1  . HIS A 1 55  ? -3.49394  8.46670   -5.38197  1.000 70.83000  ?  24 HIS A CE1  1 
ATOM   358  N  NE2  . HIS A 1 55  ? -2.66901  9.47523   -5.18937  1.000 51.82000  ?  24 HIS A NE2  1 
ATOM   359  H  H    . HIS A 1 55  ? 1.28252   5.12505   -4.43170  0.000 69.08000  ?  24 HIS A H    1 
ATOM   360  H  HA   . HIS A 1 55  ? 0.65250   7.46403   -3.39632  0.000 58.86000  ?  24 HIS A HA   1 
ATOM   361  H  HB2  . HIS A 1 55  ? 0.19600   6.78606   -5.63353  0.000 56.56000  ?  24 HIS A HB2  1 
ATOM   362  H  HB3  . HIS A 1 55  ? -0.87113  5.75188   -5.06823  0.000 56.56000  ?  24 HIS A HB3  1 
ATOM   363  H  HD2  . HIS A 1 55  ? -0.63689  9.48235   -4.84676  0.000 83.60000  ?  24 HIS A HD2  1 
ATOM   364  H  HE1  . HIS A 1 55  ? -4.40611  8.53351   -5.54938  0.000 86.77000  ?  24 HIS A HE1  1 
ATOM   365  H  HE2  . HIS A 1 55  ? -2.88673  10.30741  -5.19052  0.000 63.96000  ?  24 HIS A HE2  1 
ATOM   366  N  N    . ALA A 1 56  ? -0.66902  7.05259   -1.39479  1.000 48.25000  ?  25 ALA A N    1 
ATOM   367  C  CA   . ALA A 1 56  ? -1.41887  6.69748   -0.18002  1.000 56.38000  ?  25 ALA A CA   1 
ATOM   368  C  C    . ALA A 1 56  ? -2.93747  6.66707   -0.36778  1.000 55.51000  ?  25 ALA A C    1 
ATOM   369  O  O    . ALA A 1 56  ? -3.57799  5.76373   0.18529   1.000 50.86000  ?  25 ALA A O    1 
ATOM   370  C  CB   . ALA A 1 56  ? -1.06645  7.64802   0.97738   1.000 46.64000  ?  25 ALA A CB   1 
ATOM   371  H  H    . ALA A 1 56  ? -0.23845  7.79584   -1.34069  0.000 59.67000  ?  25 ALA A H    1 
ATOM   372  H  HA   . ALA A 1 56  ? -1.12794  5.80157   0.05161   0.000 69.43000  ?  25 ALA A HA   1 
ATOM   373  H  HB1  . ALA A 1 56  ? -1.59883  7.41195   1.75243   0.000 57.74000  ?  25 ALA A HB1  1 
ATOM   374  H  HB2  . ALA A 1 56  ? -0.12287  7.55807   1.18340   0.000 57.74000  ?  25 ALA A HB2  1 
ATOM   375  H  HB3  . ALA A 1 56  ? -1.25952  8.55952   0.70750   0.000 57.74000  ?  25 ALA A HB3  1 
ATOM   376  N  N    . PRO A 1 57  ? -3.57849  7.59921   -1.06296  1.000 58.76000  ?  26 PRO A N    1 
ATOM   377  C  CA   . PRO A 1 57  ? -4.98703  7.34812   -1.44861  1.000 50.88000  ?  26 PRO A CA   1 
ATOM   378  C  C    . PRO A 1 57  ? -5.23055  5.90539   -1.89745  1.000 47.21000  ?  26 PRO A C    1 
ATOM   379  O  O    . PRO A 1 57  ? -5.98307  5.16217   -1.23375  1.000 61.10000  ?  26 PRO A O    1 
ATOM   380  C  CB   . PRO A 1 57  ? -5.19564  8.35033   -2.59028  1.000 53.92000  ?  26 PRO A CB   1 
ATOM   381  C  CG   . PRO A 1 57  ? -4.23467  9.49078   -2.25278  1.000 53.96000  ?  26 PRO A CG   1 
ATOM   382  C  CD   . PRO A 1 57  ? -3.02673  8.82564   -1.68318  1.000 48.58000  ?  26 PRO A CD   1 
ATOM   383  H  HA   . PRO A 1 57  ? -5.59058  7.55243   -0.71622  0.000 62.83000  ?  26 PRO A HA   1 
ATOM   384  H  HB2  . PRO A 1 57  ? -4.97106  7.94081   -3.44014  0.000 66.48000  ?  26 PRO A HB2  1 
ATOM   385  H  HB3  . PRO A 1 57  ? -6.11635  8.65688   -2.60251  0.000 66.48000  ?  26 PRO A HB3  1 
ATOM   386  H  HG2  . PRO A 1 57  ? -4.01138  9.98428   -3.05705  0.000 66.53000  ?  26 PRO A HG2  1 
ATOM   387  H  HG3  . PRO A 1 57  ? -4.64259  10.08395  -1.60231  0.000 66.53000  ?  26 PRO A HG3  1 
ATOM   388  H  HD2  . PRO A 1 57  ? -2.39219  8.60389   -2.38211  0.000 60.07000  ?  26 PRO A HD2  1 
ATOM   389  H  HD3  . PRO A 1 57  ? -2.60263  9.38942   -1.01710  0.000 60.07000  ?  26 PRO A HD3  1 
ATOM   390  N  N    . THR A 1 58  ? -4.58532  5.48194   -3.00041  1.000 55.81000  ?  27 THR A N    1 
ATOM   391  C  CA   . THR A 1 58  ? -4.75101  4.12096   -3.51243  1.000 46.29000  ?  27 THR A CA   1 
ATOM   392  C  C    . THR A 1 58  ? -4.44865  3.07074   -2.44984  1.000 44.26000  ?  27 THR A C    1 
ATOM   393  O  O    . THR A 1 58  ? -5.12974  2.05316   -2.36986  1.000 56.75000  ?  27 THR A O    1 
ATOM   394  C  CB   . THR A 1 58  ? -3.84859  3.86282   -4.69842  1.000 43.59000  ?  27 THR A CB   1 
ATOM   395  O  OG1  . THR A 1 58  ? -4.14718  4.73323   -5.80166  1.000 39.08000  ?  27 THR A OG1  1 
ATOM   396  C  CG2  . THR A 1 58  ? -4.05399  2.45734   -5.09812  1.000 48.91000  ?  27 THR A CG2  1 
ATOM   397  H  H    . THR A 1 58  ? -4.04714  5.96619   -3.46527  0.000 68.75000  ?  27 THR A H    1 
ATOM   398  H  HA   . THR A 1 58  ? -5.67566  4.04206   -3.79526  0.000 57.33000  ?  27 THR A HA   1 
ATOM   399  H  HB   . THR A 1 58  ? -2.92244  4.03132   -4.46197  0.000 54.08000  ?  27 THR A HB   1 
ATOM   400  H  HG1  . THR A 1 58  ? -4.29969  5.51085   -5.52144  0.000 48.67000  ?  27 THR A HG1  1 
ATOM   401  H  HG21 . THR A 1 58  ? -3.62730  2.28997   -5.95386  0.000 60.47000  ?  27 THR A HG21 1 
ATOM   402  H  HG22 . THR A 1 58  ? -3.67001  1.86401   -4.43448  0.000 60.47000  ?  27 THR A HG22 1 
ATOM   403  H  HG23 . THR A 1 58  ? -5.00244  2.26982   -5.17788  0.000 60.47000  ?  27 THR A HG23 1 
ATOM   404  N  N    . ALA A 1 59  ? -3.41388  3.27326   -1.65231  1.000 49.89000  ?  28 ALA A N    1 
ATOM   405  C  CA   . ALA A 1 59  ? -3.21614  2.40523   -0.51302  1.000 39.25000  ?  28 ALA A CA   1 
ATOM   406  C  C    . ALA A 1 59  ? -4.47034  2.28089   0.33705   1.000 54.85000  ?  28 ALA A C    1 
ATOM   407  O  O    . ALA A 1 59  ? -4.78917  1.18721   0.81245   1.000 79.45000  ?  28 ALA A O    1 
ATOM   408  C  CB   . ALA A 1 59  ? -2.07690  2.91822   0.32780   1.000 36.52000  ?  28 ALA A CB   1 
ATOM   409  H  H    . ALA A 1 59  ? -2.82485  3.89221   -1.74838  0.000 61.64000  ?  28 ALA A H    1 
ATOM   410  H  HA   . ALA A 1 59  ? -2.99120  1.52007   -0.84045  0.000 48.87000  ?  28 ALA A HA   1 
ATOM   411  H  HB1  . ALA A 1 59  ? -1.92933  2.30827   1.06639   0.000 45.60000  ?  28 ALA A HB1  1 
ATOM   412  H  HB2  . ALA A 1 59  ? -1.27893  2.97281   -0.22188  0.000 45.60000  ?  28 ALA A HB2  1 
ATOM   413  H  HB3  . ALA A 1 59  ? -2.30599  3.79863   0.66568   0.000 45.60000  ?  28 ALA A HB3  1 
ATOM   414  N  N    . GLN A 1 60  ? -5.18541  3.38518   0.56433   1.000 71.07000  ?  29 GLN A N    1 
ATOM   415  C  CA   . GLN A 1 60  ? -6.36326  3.35426   1.44450   1.000 77.76000  ?  29 GLN A CA   1 
ATOM   416  C  C    . GLN A 1 60  ? -7.45674  2.50380   0.83980   1.000 68.38000  ?  29 GLN A C    1 
ATOM   417  O  O    . GLN A 1 60  ? -8.07272  1.68007   1.52805   1.000 67.30000  ?  29 GLN A O    1 
ATOM   418  C  CB   . GLN A 1 60  ? -6.88952  4.77076   1.70982   1.000 79.00000  ?  29 GLN A CB   1 
ATOM   419  C  CG   . GLN A 1 60  ? -6.00652  5.59720   2.62193   1.000 66.23000  ?  29 GLN A CG   1 
ATOM   420  C  CD   . GLN A 1 60  ? -6.50645  6.99857   2.70306   1.000 81.34000  ?  29 GLN A CD   1 
ATOM   421  O  OE1  . GLN A 1 60  ? -6.68874  7.64430   1.65846   1.000 93.91000  ?  29 GLN A OE1  1 
ATOM   422  N  NE2  . GLN A 1 60  ? -6.71115  7.51078   3.90994   1.000 93.61000  ?  29 GLN A NE2  1 
ATOM   423  H  H    . GLN A 1 60  ? -5.01465  4.15831   0.22778   0.000 87.05000  ?  29 GLN A H    1 
ATOM   424  H  HA   . GLN A 1 60  ? -6.09698  2.97629   2.29743   0.000 95.08000  ?  29 GLN A HA   1 
ATOM   425  H  HB2  . GLN A 1 60  ? -6.95918  5.23998   0.86342   0.000 96.57000  ?  29 GLN A HB2  1 
ATOM   426  H  HB3  . GLN A 1 60  ? -7.76347  4.70480   2.12586   0.000 96.57000  ?  29 GLN A HB3  1 
ATOM   427  H  HG2  . GLN A 1 60  ? -6.01223  5.21397   3.51348   0.000 81.25000  ?  29 GLN A HG2  1 
ATOM   428  H  HG3  . GLN A 1 60  ? -5.10153  5.61178   2.27218   0.000 81.25000  ?  29 GLN A HG3  1 
ATOM   429  H  HE21 . GLN A 1 60  ? -6.55465  7.03622   4.61027   0.000 114.11000 ?  29 GLN A HE21 1 
ATOM   430  H  HE22 . GLN A 1 60  ? -6.99988  8.31629   3.99219   0.000 114.11000 ?  29 GLN A HE22 1 
ATOM   431  N  N    . GLN A 1 61  ? -7.70489  2.68545   -0.45951  1.000 65.99000  ?  30 GLN A N    1 
ATOM   432  C  CA   . GLN A 1 61  ? -8.66417  1.80702   -1.12762  1.000 59.07000  ?  30 GLN A CA   1 
ATOM   433  C  C    . GLN A 1 61  ? -8.29458  0.34729   -0.93534  1.000 71.77000  ?  30 GLN A C    1 
ATOM   434  O  O    . GLN A 1 61  ? -9.11502  -0.46305  -0.48350  1.000 83.38000  ?  30 GLN A O    1 
ATOM   435  C  CB   . GLN A 1 61  ? -8.75269  2.12268   -2.59874  1.000 57.05000  ?  30 GLN A CB   1 
ATOM   436  C  CG   . GLN A 1 61  ? -9.41616  3.47008   -2.79521  1.000 91.54000  ?  30 GLN A CG   1 
ATOM   437  C  CD   . GLN A 1 61  ? -9.55988  3.85145   -4.27995  1.000 124.89000 ?  30 GLN A CD   1 
ATOM   438  O  OE1  . GLN A 1 61  ? -8.97362  3.18957   -5.17786  1.000 111.41000 ?  30 GLN A OE1  1 
ATOM   439  N  NE2  . GLN A 1 61  ? -10.43571 4.84070   -4.55593  1.000 91.44000  ?  30 GLN A NE2  1 
ATOM   440  H  H    . GLN A 1 61  ? -7.34326  3.28620   -0.95718  0.000 80.96000  ?  30 GLN A H    1 
ATOM   441  H  HA   . GLN A 1 61  ? -9.53673  1.96650   -0.73560  0.000 72.66000  ?  30 GLN A HA   1 
ATOM   442  H  HB2  . GLN A 1 61  ? -7.86177  2.15456   -2.98190  0.000 70.24000  ?  30 GLN A HB2  1 
ATOM   443  H  HB3  . GLN A 1 61  ? -9.28246  1.44537   -3.04815  0.000 70.24000  ?  30 GLN A HB3  1 
ATOM   444  H  HG2  . GLN A 1 61  ? -10.30295 3.44560   -2.40495  0.000 111.63000 ?  30 GLN A HG2  1 
ATOM   445  H  HG3  . GLN A 1 61  ? -8.88056  4.15186   -2.36116  0.000 111.63000 ?  30 GLN A HG3  1 
ATOM   446  H  HE21 . GLN A 1 61  ? -10.87358 5.21713   -3.91991  0.000 111.50000 ?  30 GLN A HE21 1 
ATOM   447  H  HE22 . GLN A 1 61  ? -10.55515 5.09374   -5.36920  0.000 111.50000 ?  30 GLN A HE22 1 
ATOM   448  N  N    . GLN A 1 62  ? -7.03959  0.00347   -1.22804  1.000 65.94000  ?  31 GLN A N    1 
ATOM   449  C  CA   . GLN A 1 62  ? -6.62157  -1.38867  -1.17651  1.000 60.76000  ?  31 GLN A CA   1 
ATOM   450  C  C    . GLN A 1 62  ? -6.62432  -1.93584  0.25956   1.000 68.97000  ?  31 GLN A C    1 
ATOM   451  O  O    . GLN A 1 62  ? -6.67539  -3.15557  0.45002   1.000 70.27000  ?  31 GLN A O    1 
ATOM   452  C  CB   . GLN A 1 62  ? -5.22811  -1.51239  -1.74965  1.000 60.52000  ?  31 GLN A CB   1 
ATOM   453  C  CG   . GLN A 1 62  ? -5.11992  -1.15116  -3.19091  1.000 56.52000  ?  31 GLN A CG   1 
ATOM   454  C  CD   . GLN A 1 62  ? -5.88012  -1.98882  -4.12299  1.000 53.58000  ?  31 GLN A CD   1 
ATOM   455  O  OE1  . GLN A 1 62  ? -5.92724  -3.22164  -4.00576  1.000 74.92000  ?  31 GLN A OE1  1 
ATOM   456  N  NE2  . GLN A 1 62  ? -6.44133  -1.33895  -5.13587  1.000 63.79000  ?  31 GLN A NE2  1 
ATOM   457  H  H    . GLN A 1 62  ? -6.41966  0.55487   -1.45640  0.000 80.90000  ?  31 GLN A H    1 
ATOM   458  H  HA   . GLN A 1 62  ? -7.23062  -1.92315  -1.70939  0.000 74.69000  ?  31 GLN A HA   1 
ATOM   459  H  HB2  . GLN A 1 62  ? -4.63691  -0.92422  -1.25450  0.000 74.40000  ?  31 GLN A HB2  1 
ATOM   460  H  HB3  . GLN A 1 62  ? -4.93597  -2.43279  -1.65586  0.000 74.40000  ?  31 GLN A HB3  1 
ATOM   461  H  HG2  . GLN A 1 62  ? -5.43723  -0.24045  -3.30002  0.000 69.60000  ?  31 GLN A HG2  1 
ATOM   462  H  HG3  . GLN A 1 62  ? -4.18627  -1.20997  -3.44932  0.000 69.60000  ?  31 GLN A HG3  1 
ATOM   463  H  HE21 . GLN A 1 62  ? -6.34382  -0.48831  -5.20749  0.000 78.32000  ?  31 GLN A HE21 1 
ATOM   464  H  HE22 . GLN A 1 62  ? -6.90241  -1.77083  -5.72026  0.000 78.32000  ?  31 GLN A HE22 1 
ATOM   465  N  N    . LEU A 1 63  ? -6.51435  -1.09016  1.27616   1.000 46.12000  ?  32 LEU A N    1 
ATOM   466  C  CA   . LEU A 1 63  ? -6.59951  -1.57158  2.63991   1.000 57.43000  ?  32 LEU A CA   1 
ATOM   467  C  C    . LEU A 1 63  ? -7.93181  -1.31093  3.32065   1.000 76.78000  ?  32 LEU A C    1 
ATOM   468  O  O    . LEU A 1 63  ? -8.00326  -1.43357  4.55338   1.000 82.28000  ?  32 LEU A O    1 
ATOM   469  C  CB   . LEU A 1 63  ? -5.49984  -0.98291  3.50768   1.000 54.14000  ?  32 LEU A CB   1 
ATOM   470  C  CG   . LEU A 1 63  ? -4.10438  -1.40393  3.13852   1.000 76.54000  ?  32 LEU A CG   1 
ATOM   471  C  CD1  . LEU A 1 63  ? -3.13547  -0.67868  4.10147   1.000 74.93000  ?  32 LEU A CD1  1 
ATOM   472  C  CD2  . LEU A 1 63  ? -3.94804  -2.95931  3.21772   1.000 62.87000  ?  32 LEU A CD2  1 
ATOM   473  H  H    . LEU A 1 63  ? -6.39177  -0.24240  1.19835   0.000 57.12000  ?  32 LEU A H    1 
ATOM   474  H  HA   . LEU A 1 63  ? -6.47405  -2.53192  2.58286   0.000 70.69000  ?  32 LEU A HA   1 
ATOM   475  H  HB2  . LEU A 1 63  ? -5.54001  -0.01595  3.43925   0.000 66.74000  ?  32 LEU A HB2  1 
ATOM   476  H  HB3  . LEU A 1 63  ? -5.65347  -1.25689  4.42519   0.000 66.74000  ?  32 LEU A HB3  1 
ATOM   477  H  HG   . LEU A 1 63  ? -3.89530  -1.16354  2.22174   0.000 93.63000  ?  32 LEU A HG   1 
ATOM   478  H  HD11 . LEU A 1 63  ? -2.22296  -0.89952  3.85626   0.000 91.70000  ?  32 LEU A HD11 1 
ATOM   479  H  HD12 . LEU A 1 63  ? -3.27488  0.27867   4.02920   0.000 91.70000  ?  32 LEU A HD12 1 
ATOM   480  H  HD13 . LEU A 1 63  ? -3.31418  -0.97115  5.00926   0.000 91.70000  ?  32 LEU A HD13 1 
ATOM   481  H  HD21 . LEU A 1 63  ? -3.00378  -3.17954  3.25778   0.000 77.22000  ?  32 LEU A HD21 1 
ATOM   482  H  HD22 . LEU A 1 63  ? -4.39702  -3.28111  4.01442   0.000 77.22000  ?  32 LEU A HD22 1 
ATOM   483  H  HD23 . LEU A 1 63  ? -4.34664  -3.35763  2.42800   0.000 77.22000  ?  32 LEU A HD23 1 
ATOM   484  N  N    . GLY A 1 64  ? -8.97670  -0.93493  2.58532   1.000 67.95000  ?  33 GLY A N    1 
ATOM   485  C  CA   . GLY A 1 64  ? -10.26563 -0.78372  3.24166   1.000 86.45000  ?  33 GLY A CA   1 
ATOM   486  C  C    . GLY A 1 64  ? -10.35243 0.31380   4.30512   1.000 103.32000 ?  33 GLY A C    1 
ATOM   487  O  O    . GLY A 1 64  ? -11.17376 0.20763   5.24414   1.000 94.48000  ?  33 GLY A O    1 
ATOM   488  H  H    . GLY A 1 64  ? -8.96317  -0.76970  1.74147   0.000 83.32000  ?  33 GLY A H    1 
ATOM   489  H  HA2  . GLY A 1 64  ? -10.93308 -0.58689  2.56623   0.000 105.52000 ?  33 GLY A HA2  1 
ATOM   490  H  HA3  . GLY A 1 64  ? -10.49125 -1.62406  3.67239   0.000 105.52000 ?  33 GLY A HA3  1 
ATOM   491  N  N    . LEU A 1 65  ? -9.52999  1.37009   4.18448   1.000 95.00000  ?  34 LEU A N    1 
ATOM   492  C  CA   . LEU A 1 65  ? -9.68639  2.57722   4.98318   1.000 81.90000  ?  34 LEU A CA   1 
ATOM   493  C  C    . LEU A 1 65  ? -10.63360 3.56157   4.30898   1.000 109.72000 ?  34 LEU A C    1 
ATOM   494  O  O    . LEU A 1 65  ? -10.62472 3.76381   3.07299   1.000 81.33000  ?  34 LEU A O    1 
ATOM   495  C  CB   . LEU A 1 65  ? -8.35639  3.29835   5.25569   1.000 82.14000  ?  34 LEU A CB   1 
ATOM   496  C  CG   . LEU A 1 65  ? -7.28139  2.60470   6.09657   1.000 85.59000  ?  34 LEU A CG   1 
ATOM   497  C  CD1  . LEU A 1 65  ? -5.97934  3.42156   6.32173   1.000 68.17000  ?  34 LEU A CD1  1 
ATOM   498  C  CD2  . LEU A 1 65  ? -7.85356  2.21057   7.38970   1.000 88.03000  ?  34 LEU A CD2  1 
ATOM   499  H  H    . LEU A 1 65  ? -8.86749  1.40299   3.63683   0.000 115.77000 ?  34 LEU A H    1 
ATOM   500  H  HA   . LEU A 1 65  ? -10.05389 2.29767   5.83655   0.000 100.05000 ?  34 LEU A HA   1 
ATOM   501  H  HB2  . LEU A 1 65  ? -7.94938  3.48616   4.39456   0.000 100.35000 ?  34 LEU A HB2  1 
ATOM   502  H  HB3  . LEU A 1 65  ? -8.56594  4.12866   5.71146   0.000 100.35000 ?  34 LEU A HB3  1 
ATOM   503  H  HG   . LEU A 1 65  ? -6.99974  1.82998   5.58568   0.000 104.48000 ?  34 LEU A HG   1 
ATOM   504  H  HD11 . LEU A 1 65  ? -5.34743  2.87690   6.81774   0.000 83.58000  ?  34 LEU A HD11 1 
ATOM   505  H  HD12 . LEU A 1 65  ? -5.60445  3.66115   5.46006   0.000 83.58000  ?  34 LEU A HD12 1 
ATOM   506  H  HD13 . LEU A 1 65  ? -6.19151  4.22321   6.82439   0.000 83.58000  ?  34 LEU A HD13 1 
ATOM   507  H  HD21 . LEU A 1 65  ? -7.13921  1.90628   7.97120   0.000 107.41000 ?  34 LEU A HD21 1 
ATOM   508  H  HD22 . LEU A 1 65  ? -8.29767  2.97731   7.78544   0.000 107.41000 ?  34 LEU A HD22 1 
ATOM   509  H  HD23 . LEU A 1 65  ? -8.49240  1.49469   7.24853   0.000 107.41000 ?  34 LEU A HD23 1 
ATOM   510  N  N    . THR A 1 66  ? -11.45498 4.17120   5.16823   1.000 119.80000 ?  35 THR A N    1 
ATOM   511  C  CA   . THR A 1 66  ? -12.30869 5.29929   4.84119   1.000 116.03000 ?  35 THR A CA   1 
ATOM   512  C  C    . THR A 1 66  ? -11.98606 6.53886   5.68897   1.000 108.87000 ?  35 THR A C    1 
ATOM   513  O  O    . THR A 1 66  ? -12.32801 7.65901   5.25339   1.000 81.22000  ?  35 THR A O    1 
ATOM   514  C  CB   . THR A 1 66  ? -13.78737 4.87579   4.99830   1.000 120.57000 ?  35 THR A CB   1 
ATOM   515  O  OG1  . THR A 1 66  ? -14.04062 4.48551   6.36080   1.000 114.86000 ?  35 THR A OG1  1 
ATOM   516  C  CG2  . THR A 1 66  ? -14.12603 3.67345   4.04981   1.000 80.17000  ?  35 THR A CG2  1 
ATOM   517  H  H    . THR A 1 66  ? -11.53415 3.93236   5.99063   0.000 145.53000 ?  35 THR A H    1 
ATOM   518  H  HA   . THR A 1 66  ? -12.20393 5.56660   3.91418   0.000 141.01000 ?  35 THR A HA   1 
ATOM   519  H  HB   . THR A 1 66  ? -14.35851 5.62462   4.76315   0.000 146.45000 ?  35 THR A HB   1 
ATOM   520  H  HG1  . THR A 1 66  ? -14.86004 4.33017   6.46735   0.000 139.61000 ?  35 THR A HG1  1 
ATOM   521  H  HG21 . THR A 1 66  ? -15.07182 3.46756   4.09917   0.000 97.98000  ?  35 THR A HG21 1 
ATOM   522  H  HG22 . THR A 1 66  ? -13.90010 3.89997   3.13362   0.000 97.98000  ?  35 THR A HG22 1 
ATOM   523  H  HG23 . THR A 1 66  ? -13.61882 2.88969   4.31424   0.000 97.98000  ?  35 THR A HG23 1 
ATOM   524  N  N    . GLN A 1 67  ? -11.27425 6.36076   6.83775   1.000 98.55000  ?  36 GLN A N    1 
ATOM   525  C  CA   . GLN A 1 67  ? -10.74066 7.44588   7.68225   1.000 104.52000 ?  36 GLN A CA   1 
ATOM   526  C  C    . GLN A 1 67  ? -9.75079  8.32476   6.88320   1.000 109.85000 ?  36 GLN A C    1 
ATOM   527  O  O    . GLN A 1 67  ? -9.32618  7.99492   5.76998   1.000 104.57000 ?  36 GLN A O    1 
ATOM   528  C  CB   . GLN A 1 67  ? -10.06935 6.88993   8.97070   1.000 75.04000  ?  36 GLN A CB   1 
ATOM   529  C  CG   . GLN A 1 67  ? -8.69558  6.21499   8.79772   1.000 91.55000  ?  36 GLN A CG   1 
ATOM   530  C  CD   . GLN A 1 67  ? -8.08816  5.57052   10.07998  1.000 108.03000 ?  36 GLN A CD   1 
ATOM   531  O  OE1  . GLN A 1 67  ? -7.31722  4.58680   9.98465   1.000 114.20000 ?  36 GLN A OE1  1 
ATOM   532  N  NE2  . GLN A 1 67  ? -8.36248  6.14830   11.25185  1.000 95.51000  ?  36 GLN A NE2  1 
ATOM   533  H  H    . GLN A 1 67  ? -11.08338 5.58465   7.15536   0.000 120.04000 ?  36 GLN A H    1 
ATOM   534  H  HA   . GLN A 1 67  ? -11.47831 8.00820   7.96465   0.000 127.20000 ?  36 GLN A HA   1 
ATOM   535  H  HB2  . GLN A 1 67  ? -9.94773  7.62695   9.58903   0.000 91.83000  ?  36 GLN A HB2  1 
ATOM   536  H  HB3  . GLN A 1 67  ? -10.66371 6.22701   9.35720   0.000 91.83000  ?  36 GLN A HB3  1 
ATOM   537  H  HG2  . GLN A 1 67  ? -8.78298  5.51178   8.13725   0.000 111.63000 ?  36 GLN A HG2  1 
ATOM   538  H  HG3  . GLN A 1 67  ? -8.06548  6.88554   8.48826   0.000 111.63000 ?  36 GLN A HG3  1 
ATOM   539  H  HE21 . GLN A 1 67  ? -8.85766  6.85034   11.28034  0.000 116.39000 ?  36 GLN A HE21 1 
ATOM   540  H  HE22 . GLN A 1 67  ? -8.04277  5.81809   11.97883  0.000 116.39000 ?  36 GLN A HE22 1 
ATOM   541  N  N    . SER A 1 68  ? -9.42102  9.48858   7.43030   1.000 107.06000 ?  37 SER A N    1 
ATOM   542  C  CA   . SER A 1 68  ? -8.55600  10.40312  6.69659   1.000 99.61000  ?  37 SER A CA   1 
ATOM   543  C  C    . SER A 1 68  ? -7.10752  9.92059   6.71618   1.000 95.08000  ?  37 SER A C    1 
ATOM   544  O  O    . SER A 1 68  ? -6.66841  9.20818   7.63369   1.000 89.76000  ?  37 SER A O    1 
ATOM   545  C  CB   . SER A 1 68  ? -8.66786  11.80407  7.28944   1.000 90.32000  ?  37 SER A CB   1 
ATOM   546  O  OG   . SER A 1 68  ? -8.14964  11.82355  8.60904   1.000 86.16000  ?  37 SER A OG   1 
ATOM   547  H  H    . SER A 1 68  ? -9.67706  9.76494   8.20298   0.000 130.24000 ?  37 SER A H    1 
ATOM   548  H  HA   . SER A 1 68  ? -8.83100  10.44479  5.76734   0.000 121.31000 ?  37 SER A HA   1 
ATOM   549  H  HB2  . SER A 1 68  ? -8.16301  12.42299  6.73986   0.000 110.16000 ?  37 SER A HB2  1 
ATOM   550  H  HB3  . SER A 1 68  ? -9.60181  12.06505  7.31126   0.000 110.16000 ?  37 SER A HB3  1 
ATOM   551  H  HG   . SER A 1 68  ? -8.16024  12.60782  8.90919   0.000 105.17000 ?  37 SER A HG   1 
ATOM   552  N  N    . TRP A 1 69  ? -6.35209  10.30058  5.68468   1.000 71.58000  ?  38 TRP A N    1 
ATOM   553  C  CA   . TRP A 1 69  ? -4.96072  9.88998   5.71346   1.000 65.31000  ?  38 TRP A CA   1 
ATOM   554  C  C    . TRP A 1 69  ? -4.24174  10.52161  6.91547   1.000 80.80000  ?  38 TRP A C    1 
ATOM   555  O  O    . TRP A 1 69  ? -3.34545  9.89529   7.49455   1.000 76.66000  ?  38 TRP A O    1 
ATOM   556  C  CB   . TRP A 1 69  ? -4.26109  10.20633  4.37796   1.000 71.65000  ?  38 TRP A CB   1 
ATOM   557  C  CG   . TRP A 1 69  ? -2.87248  9.66555   4.42849   1.000 66.69000  ?  38 TRP A CG   1 
ATOM   558  C  CD1  . TRP A 1 69  ? -1.72397  10.38765  4.44701   1.000 65.98000  ?  38 TRP A CD1  1 
ATOM   559  C  CD2  . TRP A 1 69  ? -2.47747  8.28143   4.44286   1.000 72.42000  ?  38 TRP A CD2  1 
ATOM   560  N  NE1  . TRP A 1 69  ? -0.63431  9.55836   4.55146   1.000 77.06000  ?  38 TRP A NE1  1 
ATOM   561  C  CE2  . TRP A 1 69  ? -1.06915  8.25469   4.55138   1.000 81.64000  ?  38 TRP A CE2  1 
ATOM   562  C  CE3  . TRP A 1 69  ? -3.17480  7.06791   4.42561   1.000 64.08000  ?  38 TRP A CE3  1 
ATOM   563  C  CZ2  . TRP A 1 69  ? -0.34741  7.05586   4.61998   1.000 71.85000  ?  38 TRP A CZ2  1 
ATOM   564  C  CZ3  . TRP A 1 69  ? -2.47499  5.89520   4.50100   1.000 66.14000  ?  38 TRP A CZ3  1 
ATOM   565  C  CH2  . TRP A 1 69  ? -1.06896  5.88941   4.59985   1.000 78.13000  ?  38 TRP A CH2  1 
ATOM   566  H  H    . TRP A 1 69  ? -6.60685  10.76347  5.00577   0.000 87.67000  ?  38 TRP A H    1 
ATOM   567  H  HA   . TRP A 1 69  ? -4.90800  8.92671   5.80853   0.000 80.15000  ?  38 TRP A HA   1 
ATOM   568  H  HB2  . TRP A 1 69  ? -4.73862  9.78633   3.64609   0.000 87.75000  ?  38 TRP A HB2  1 
ATOM   569  H  HB3  . TRP A 1 69  ? -4.22349  11.16607  4.24272   0.000 87.75000  ?  38 TRP A HB3  1 
ATOM   570  H  HD1  . TRP A 1 69  ? -1.68008  11.31489  4.39671   0.000 80.95000  ?  38 TRP A HD1  1 
ATOM   571  H  HE1  . TRP A 1 69  ? 0.18530   9.81237   4.60862   0.000 94.25000  ?  38 TRP A HE1  1 
ATOM   572  H  HE3  . TRP A 1 69  ? -4.10278  7.05934   4.36121   0.000 78.67000  ?  38 TRP A HE3  1 
ATOM   573  H  HZ2  . TRP A 1 69  ? 0.58125   7.05131   4.67680   0.000 88.00000  ?  38 TRP A HZ2  1 
ATOM   574  H  HZ3  . TRP A 1 69  ? -2.93488  5.08664   4.48819   0.000 81.14000  ?  38 TRP A HZ3  1 
ATOM   575  H  HH2  . TRP A 1 69  ? -0.62073  5.07651   4.65233   0.000 95.54000  ?  38 TRP A HH2  1 
ATOM   576  N  N    . GLU A 1 70  ? -4.65438  11.73431  7.34807   1.000 94.59000  ?  39 GLU A N    1 
ATOM   577  C  CA   . GLU A 1 70  ? -4.07594  12.36060  8.55253   1.000 90.16000  ?  39 GLU A CA   1 
ATOM   578  C  C    . GLU A 1 70  ? -4.41627  11.55124  9.81588   1.000 96.83000  ?  39 GLU A C    1 
ATOM   579  O  O    . GLU A 1 70  ? -3.58416  11.38661  10.73204  1.000 86.19000  ?  39 GLU A O    1 
ATOM   580  C  CB   . GLU A 1 70  ? -4.58575  13.81187  8.68901   1.000 82.78000  ?  39 GLU A CB   1 
ATOM   581  C  CG   . GLU A 1 70  ? -3.96340  14.59604  9.90675   1.000 130.77000 ?  39 GLU A CG   1 
ATOM   582  C  CD   . GLU A 1 70  ? -4.47670  16.06641  10.15659  1.000 118.04000 ?  39 GLU A CD   1 
ATOM   583  O  OE1  . GLU A 1 70  ? -4.94667  16.76930  9.22731   1.000 99.39000  ?  39 GLU A OE1  1 
ATOM   584  O  OE2  . GLU A 1 70  ? -4.36165  16.51364  11.32256  1.000 123.48000 -1 39 GLU A OE2  1 
ATOM   585  H  H    . GLU A 1 70  ? -5.26218  12.20683  6.96559   0.000 115.29000 ?  39 GLU A H    1 
ATOM   586  H  HA   . GLU A 1 70  ? -3.11023  12.38650  8.45966   0.000 109.96000 ?  39 GLU A HA   1 
ATOM   587  H  HB2  . GLU A 1 70  ? -4.36239  14.29715  7.87932   0.000 101.11000 ?  39 GLU A HB2  1 
ATOM   588  H  HB3  . GLU A 1 70  ? -5.54793  13.79357  8.80912   0.000 101.11000 ?  39 GLU A HB3  1 
ATOM   589  H  HG2  . GLU A 1 70  ? -4.15201  14.09262  10.71378  0.000 158.70000 ?  39 GLU A HG2  1 
ATOM   590  H  HG3  . GLU A 1 70  ? -3.00575  14.65390  9.76664   0.000 158.70000 ?  39 GLU A HG3  1 
ATOM   591  N  N    . ALA A 1 71  ? -5.64259  11.01693  9.86352   1.000 102.77000 ?  40 ALA A N    1 
ATOM   592  C  CA   . ALA A 1 71  ? -6.06601  10.16433  10.96898  1.000 97.31000  ?  40 ALA A CA   1 
ATOM   593  C  C    . ALA A 1 71  ? -5.26346  8.86599   11.01945  1.000 97.60000  ?  40 ALA A C    1 
ATOM   594  O  O    . ALA A 1 71  ? -4.78256  8.46124   12.09528  1.000 93.58000  ?  40 ALA A O    1 
ATOM   595  C  CB   . ALA A 1 71  ? -7.55976  9.86484   10.83651  1.000 99.50000  ?  40 ALA A CB   1 
ATOM   596  H  H    . ALA A 1 71  ? -6.24839  11.13452  9.26327   0.000 125.10000 ?  40 ALA A H    1 
ATOM   597  H  HA   . ALA A 1 71  ? -5.91343  10.63470  11.80328  0.000 118.55000 ?  40 ALA A HA   1 
ATOM   598  H  HB1  . ALA A 1 71  ? -7.83682  9.30161   11.57653  0.000 121.18000 ?  40 ALA A HB1  1 
ATOM   599  H  HB2  . ALA A 1 71  ? -8.05224  10.70118  10.85563  0.000 121.18000 ?  40 ALA A HB2  1 
ATOM   600  H  HB3  . ALA A 1 71  ? -7.71736  9.40756   9.99612   0.000 121.18000 ?  40 ALA A HB3  1 
ATOM   601  N  N    . ALA A 1 72  ? -5.13371  8.19263   9.86709   1.000 85.43000  ?  41 ALA A N    1 
ATOM   602  C  CA   . ALA A 1 72  ? -4.33269  6.97433   9.78663   1.000 80.28000  ?  41 ALA A CA   1 
ATOM   603  C  C    . ALA A 1 72  ? -2.88869  7.22551   10.22054  1.000 79.94000  ?  41 ALA A C    1 
ATOM   604  O  O    . ALA A 1 72  ? -2.29703  6.42913   10.97408  1.000 72.88000  ?  41 ALA A O    1 
ATOM   605  C  CB   . ALA A 1 72  ? -4.37723  6.44933   8.35646   1.000 77.62000  ?  41 ALA A CB   1 
ATOM   606  H  H    . ALA A 1 72  ? -5.49930  8.42209   9.12279   0.000 104.29000 ?  41 ALA A H    1 
ATOM   607  H  HA   . ALA A 1 72  ? -4.70356  6.30358   10.38070  0.000 98.11000  ?  41 ALA A HA   1 
ATOM   608  H  HB1  . ALA A 1 72  ? -3.86622  5.62634   8.30647   0.000 94.92000  ?  41 ALA A HB1  1 
ATOM   609  H  HB2  . ALA A 1 72  ? -5.29938  6.28153   8.11034   0.000 94.92000  ?  41 ALA A HB2  1 
ATOM   610  H  HB3  . ALA A 1 72  ? -3.99200  7.11377   7.76457   0.000 94.92000  ?  41 ALA A HB3  1 
ATOM   611  N  N    . LEU A 1 73  ? -2.29816  8.32952   9.73789   1.000 71.01000  ?  42 LEU A N    1 
ATOM   612  C  CA   . LEU A 1 73  ? -0.91055  8.61543   10.07584  1.000 65.15000  ?  42 LEU A CA   1 
ATOM   613  C  C    . LEU A 1 73  ? -0.75679  8.73903   11.56472  1.000 74.20000  ?  42 LEU A C    1 
ATOM   614  O  O    . LEU A 1 73  ? 0.22648   8.26135   12.14454  1.000 80.13000  ?  42 LEU A O    1 
ATOM   615  C  CB   . LEU A 1 73  ? -0.42005  9.91107   9.43974   1.000 62.58000  ?  42 LEU A CB   1 
ATOM   616  C  CG   . LEU A 1 73  ? -0.21194  9.99279   7.95324   1.000 69.05000  ?  42 LEU A CG   1 
ATOM   617  C  CD1  . LEU A 1 73  ? 0.13283   11.40441  7.60193   1.000 80.21000  ?  42 LEU A CD1  1 
ATOM   618  C  CD2  . LEU A 1 73  ? 0.89501   9.01508   7.50234   1.000 76.51000  ?  42 LEU A CD2  1 
ATOM   619  H  H    . LEU A 1 73  ? -2.67393  8.90994   9.22631   0.000 86.98000  ?  42 LEU A H    1 
ATOM   620  H  HA   . LEU A 1 73  ? -0.37129  7.88897   9.72665   0.000 79.96000  ?  42 LEU A HA   1 
ATOM   621  H  HB2  . LEU A 1 73  ? -1.06810  10.59975  9.65804   0.000 76.88000  ?  42 LEU A HB2  1 
ATOM   622  H  HB3  . LEU A 1 73  ? 0.43605   10.12170  9.84322   0.000 76.88000  ?  42 LEU A HB3  1 
ATOM   623  H  HG   . LEU A 1 73  ? -1.01976  9.73775   7.48049   0.000 84.63000  ?  42 LEU A HG   1 
ATOM   624  H  HD11 . LEU A 1 73  ? 0.25253   11.47059  6.64127   0.000 98.02000  ?  42 LEU A HD11 1 
ATOM   625  H  HD12 . LEU A 1 73  ? -0.58864  11.98616  7.88569   0.000 98.02000  ?  42 LEU A HD12 1 
ATOM   626  H  HD13 . LEU A 1 73  ? 0.95519   11.65102  8.05444   0.000 98.02000  ?  42 LEU A HD13 1 
ATOM   627  H  HD21 . LEU A 1 73  ? 1.13187   9.20806   6.58236   0.000 93.59000  ?  42 LEU A HD21 1 
ATOM   628  H  HD22 . LEU A 1 73  ? 1.67003   9.12934   8.07413   0.000 93.59000  ?  42 LEU A HD22 1 
ATOM   629  H  HD23 . LEU A 1 73  ? 0.56145   8.10697   7.57456   0.000 93.59000  ?  42 LEU A HD23 1 
ATOM   630  N  N    . VAL A 1 74  ? -1.69544  9.43835   12.20539  1.000 91.95000  ?  43 VAL A N    1 
ATOM   631  C  CA   . VAL A 1 74  ? -1.56911  9.62032   13.64692  1.000 105.61000 ?  43 VAL A CA   1 
ATOM   632  C  C    . VAL A 1 74  ? -1.74557  8.29273   14.36310  1.000 96.58000  ?  43 VAL A C    1 
ATOM   633  O  O    . VAL A 1 74  ? -0.90663  7.88927   15.18206  1.000 88.23000  ?  43 VAL A O    1 
ATOM   634  C  CB   . VAL A 1 74  ? -2.58464  10.64805  14.15315  1.000 97.06000  ?  43 VAL A CB   1 
ATOM   635  C  CG1  . VAL A 1 74  ? -2.48379  10.68821  15.65148  1.000 82.20000  ?  43 VAL A CG1  1 
ATOM   636  C  CG2  . VAL A 1 74  ? -2.31843  12.01014  13.51396  1.000 98.24000  ?  43 VAL A CG2  1 
ATOM   637  H  H    . VAL A 1 74  ? -2.38544  9.79984   11.84248  0.000 112.11000 ?  43 VAL A H    1 
ATOM   638  H  HA   . VAL A 1 74  ? -0.67755  9.95642   13.83060  0.000 128.51000 ?  43 VAL A HA   1 
ATOM   639  H  HB   . VAL A 1 74  ? -3.49125  10.40565  13.90910  0.000 118.25000 ?  43 VAL A HB   1 
ATOM   640  H  HG11 . VAL A 1 74  ? -2.83271  11.53581  15.96882  0.000 100.42000 ?  43 VAL A HG11 1 
ATOM   641  H  HG12 . VAL A 1 74  ? -3.00232  9.95702   16.02313  0.000 100.42000 ?  43 VAL A HG12 1 
ATOM   642  H  HG13 . VAL A 1 74  ? -1.55250  10.59687  15.90794  0.000 100.42000 ?  43 VAL A HG13 1 
ATOM   643  H  HG21 . VAL A 1 74  ? -2.97714  12.64542  13.83742  0.000 119.67000 ?  43 VAL A HG21 1 
ATOM   644  H  HG22 . VAL A 1 74  ? -1.42772  12.30530  13.75803  0.000 119.67000 ?  43 VAL A HG22 1 
ATOM   645  H  HG23 . VAL A 1 74  ? -2.38607  11.92577  12.54994  0.000 119.67000 ?  43 VAL A HG23 1 
ATOM   646  N  N    . GLU A 1 75  ? -2.84104  7.59296   14.04365  1.000 84.56000  ?  44 GLU A N    1 
ATOM   647  C  CA   . GLU A 1 75  ? -3.19848  6.38134   14.76301  1.000 92.25000  ?  44 GLU A CA   1 
ATOM   648  C  C    . GLU A 1 75  ? -2.07323  5.34389   14.73130  1.000 92.96000  ?  44 GLU A C    1 
ATOM   649  O  O    . GLU A 1 75  ? -1.79013  4.72390   15.76636  1.000 85.50000  ?  44 GLU A O    1 
ATOM   650  C  CB   . GLU A 1 75  ? -4.51904  5.84062   14.19960  1.000 95.10000  ?  44 GLU A CB   1 
ATOM   651  C  CG   . GLU A 1 75  ? -5.06742  4.57328   14.86842  1.000 92.66000  ?  44 GLU A CG   1 
ATOM   652  C  CD   . GLU A 1 75  ? -6.42115  4.15816   14.29860  1.000 115.79000 ?  44 GLU A CD   1 
ATOM   653  O  OE1  . GLU A 1 75  ? -6.95146  4.90161   13.43043  1.000 119.57000 ?  44 GLU A OE1  1 
ATOM   654  O  OE2  . GLU A 1 75  ? -6.91825  3.06768   14.67525  1.000 107.00000 -1 44 GLU A OE2  1 
ATOM   655  H  H    . GLU A 1 75  ? -3.38819  7.80228   13.41407  0.000 103.25000 ?  44 GLU A H    1 
ATOM   656  H  HA   . GLU A 1 75  ? -3.33957  6.58398   15.70091  0.000 112.48000 ?  44 GLU A HA   1 
ATOM   657  H  HB2  . GLU A 1 75  ? -5.19446  6.53025   14.29479  0.000 115.90000 ?  44 GLU A HB2  1 
ATOM   658  H  HB3  . GLU A 1 75  ? -4.38584  5.63420   13.26106  0.000 115.90000 ?  44 GLU A HB3  1 
ATOM   659  H  HG2  . GLU A 1 75  ? -4.44358  3.84422   14.72799  0.000 112.96000 ?  44 GLU A HG2  1 
ATOM   660  H  HG3  . GLU A 1 75  ? -5.17822  4.73734   15.81853  0.000 112.96000 ?  44 GLU A HG3  1 
ATOM   661  N  N    . HIS A 1 76  ? -1.37589  5.17386   13.58376  1.000 94.76000  ?  45 HIS A N    1 
ATOM   662  C  CA   . HIS A 1 76  ? -0.43985  4.05197   13.43389  1.000 93.52000  ?  45 HIS A CA   1 
ATOM   663  C  C    . HIS A 1 76  ? 1.03602   4.43091   13.50969  1.000 64.81000  ?  45 HIS A C    1 
ATOM   664  O  O    . HIS A 1 76  ? 1.89091   3.54796   13.37277  1.000 87.00000  ?  45 HIS A O    1 
ATOM   665  C  CB   . HIS A 1 76  ? -0.72317  3.31131   12.12775  1.000 72.80000  ?  45 HIS A CB   1 
ATOM   666  C  CG   . HIS A 1 76  ? -2.07963  2.70782   12.10289  1.000 78.90000  ?  45 HIS A CG   1 
ATOM   667  N  ND1  . HIS A 1 76  ? -2.41576  1.59263   12.83675  1.000 70.38000  ?  45 HIS A ND1  1 
ATOM   668  C  CD2  . HIS A 1 76  ? -3.21371  3.11627   11.48080  1.000 103.58000 ?  45 HIS A CD2  1 
ATOM   669  C  CE1  . HIS A 1 76  ? -3.69892  1.32460   12.63970  1.000 102.39000 ?  45 HIS A CE1  1 
ATOM   670  N  NE2  . HIS A 1 76  ? -4.20318  2.22992   11.81598  1.000 97.89000  ?  45 HIS A NE2  1 
ATOM   671  H  H    . HIS A 1 76  ? -1.43341  5.68914   12.89726  0.000 115.49000 ?  45 HIS A H    1 
ATOM   672  H  HA   . HIS A 1 76  ? -0.59485  3.44413   14.17284  0.000 114.00000 ?  45 HIS A HA   1 
ATOM   673  H  HB2  . HIS A 1 76  ? -0.65726  3.93599   11.38815  0.000 89.13000  ?  45 HIS A HB2  1 
ATOM   674  H  HB3  . HIS A 1 76  ? -0.07404  2.59863   12.01942  0.000 89.13000  ?  45 HIS A HB3  1 
ATOM   675  H  HD2  . HIS A 1 76  ? -3.30240  3.85927   10.92904  0.000 126.07000 ?  45 HIS A HD2  1 
ATOM   676  H  HE1  . HIS A 1 76  ? -4.16697  0.61562   13.01851  0.000 124.64000 ?  45 HIS A HE1  1 
ATOM   677  H  HE2  . HIS A 1 76  ? -5.01654  2.25636   11.53842  0.000 119.25000 ?  45 HIS A HE2  1 
ATOM   678  N  N    . GLY A 1 77  ? 1.37393   5.68195   13.79503  1.000 75.54000  ?  46 GLY A N    1 
ATOM   679  C  CA   . GLY A 1 77  ? 2.79093   6.02866   13.93424  1.000 78.44000  ?  46 GLY A CA   1 
ATOM   680  C  C    . GLY A 1 77  ? 3.53517   6.01276   12.61764  1.000 94.44000  ?  46 GLY A C    1 
ATOM   681  O  O    . GLY A 1 77  ? 4.67671   5.52615   12.55748  1.000 88.00000  ?  46 GLY A O    1 
ATOM   682  H  H    . GLY A 1 77  ? 0.82279   6.33120   13.91022  0.000 92.43000  ?  46 GLY A H    1 
ATOM   683  H  HA2  . GLY A 1 77  ? 2.86408   6.91882   14.31374  0.000 95.91000  ?  46 GLY A HA2  1 
ATOM   684  H  HA3  . GLY A 1 77  ? 3.21629   5.39502   14.53175  0.000 95.91000  ?  46 GLY A HA3  1 
ATOM   685  N  N    . LEU A 1 78  ? 2.85174   6.53075   11.48449  1.000 96.23000  ?  47 LEU A N    1 
ATOM   686  C  CA   . LEU A 1 78  ? 3.38775   6.63120   10.14855  1.000 74.50000  ?  47 LEU A CA   1 
ATOM   687  C  C    . LEU A 1 78  ? 3.90030   8.03904   9.86153   1.000 78.65000  ?  47 LEU A C    1 
ATOM   688  O  O    . LEU A 1 78  ? 3.30559   9.01339   10.31330  1.000 74.62000  ?  47 LEU A O    1 
ATOM   689  C  CB   . LEU A 1 78  ? 2.33249   6.29115   9.10768   1.000 61.26000  ?  47 LEU A CB   1 
ATOM   690  C  CG   . LEU A 1 78  ? 1.81013   4.89528   9.20551   1.000 73.72000  ?  47 LEU A CG   1 
ATOM   691  C  CD1  . LEU A 1 78  ? 0.73787   4.76258   8.15084   1.000 70.03000  ?  47 LEU A CD1  1 
ATOM   692  C  CD2  . LEU A 1 78  ? 2.97199   3.91915   9.01107   1.000 69.79000  ?  47 LEU A CD2  1 
ATOM   693  H  H    . LEU A 1 78  ? 2.04499   6.82763   11.52247  0.000 117.25000 ?  47 LEU A H    1 
ATOM   694  H  HA   . LEU A 1 78  ? 4.12343   6.00558   10.06498  0.000 91.18000  ?  47 LEU A HA   1 
ATOM   695  H  HB2  . LEU A 1 78  ? 1.58238   6.89532   9.21807   0.000 75.28000  ?  47 LEU A HB2  1 
ATOM   696  H  HB3  . LEU A 1 78  ? 2.72089   6.40034   8.22627   0.000 75.28000  ?  47 LEU A HB3  1 
ATOM   697  H  HG   . LEU A 1 78  ? 1.42091   4.68421   10.06745  0.000 90.24000  ?  47 LEU A HG   1 
ATOM   698  H  HD11 . LEU A 1 78  ? 0.38309   3.85924   8.17204   0.000 85.82000  ?  47 LEU A HD11 1 
ATOM   699  H  HD12 . LEU A 1 78  ? 0.03038   5.39985   8.33715   0.000 85.82000  ?  47 LEU A HD12 1 
ATOM   700  H  HD13 . LEU A 1 78  ? 1.12610   4.94383   7.28024   0.000 85.82000  ?  47 LEU A HD13 1 
ATOM   701  H  HD21 . LEU A 1 78  ? 2.61612   3.03828   8.81859   0.000 85.52000  ?  47 LEU A HD21 1 
ATOM   702  H  HD22 . LEU A 1 78  ? 3.52013   4.22398   8.26992   0.000 85.52000  ?  47 LEU A HD22 1 
ATOM   703  H  HD23 . LEU A 1 78  ? 3.50120   3.89304   9.82386   0.000 85.52000  ?  47 LEU A HD23 1 
ATOM   704  N  N    . PRO A 1 79  ? 4.98539   8.16917   9.08500   1.000 77.83000  ?  48 PRO A N    1 
ATOM   705  C  CA   . PRO A 1 79  ? 5.49571   9.49488   8.71038   1.000 56.83000  ?  48 PRO A CA   1 
ATOM   706  C  C    . PRO A 1 79  ? 4.62366   10.18766  7.68364   1.000 77.83000  ?  48 PRO A C    1 
ATOM   707  O  O    . PRO A 1 79  ? 4.12837   9.56573   6.73510   1.000 77.84000  ?  48 PRO A O    1 
ATOM   708  C  CB   . PRO A 1 79  ? 6.85993   9.18840   8.09288   1.000 56.34000  ?  48 PRO A CB   1 
ATOM   709  C  CG   . PRO A 1 79  ? 6.72778   7.82489   7.56797   1.000 79.40000  ?  48 PRO A CG   1 
ATOM   710  C  CD   . PRO A 1 79  ? 5.80273   7.08698   8.50393   1.000 81.63000  ?  48 PRO A CD   1 
ATOM   711  H  HA   . PRO A 1 79  ? 5.57795   10.04452  9.50624   0.000 69.97000  ?  48 PRO A HA   1 
ATOM   712  H  HB2  . PRO A 1 79  ? 7.05163   9.81844   7.38124   0.000 69.38000  ?  48 PRO A HB2  1 
ATOM   713  H  HB3  . PRO A 1 79  ? 7.55060   9.23573   8.77243   0.000 69.38000  ?  48 PRO A HB3  1 
ATOM   714  H  HG2  . PRO A 1 79  ? 6.35307   7.85627   6.67464   0.000 97.05000  ?  48 PRO A HG2  1 
ATOM   715  H  HG3  . PRO A 1 79  ? 7.59952   7.40019   7.54773   0.000 97.05000  ?  48 PRO A HG3  1 
ATOM   716  H  HD2  . PRO A 1 79  ? 5.24854   6.45708   8.01755   0.000 99.73000  ?  48 PRO A HD2  1 
ATOM   717  H  HD3  . PRO A 1 79  ? 6.30476   6.62423   9.19349   0.000 99.73000  ?  48 PRO A HD3  1 
ATOM   718  N  N    . GLU A 1 80  ? 4.50649   11.50643  7.84820   1.000 65.04000  ?  49 GLU A N    1 
ATOM   719  C  CA   . GLU A 1 80  ? 3.91872   12.39088  6.85055   1.000 52.25000  ?  49 GLU A CA   1 
ATOM   720  C  C    . GLU A 1 80  ? 4.87968   12.48030  5.65805   1.000 62.12000  ?  49 GLU A C    1 
ATOM   721  O  O    . GLU A 1 80  ? 5.92524   13.12240  5.74252   1.000 69.39000  ?  49 GLU A O    1 
ATOM   722  C  CB   . GLU A 1 80  ? 3.67383   13.76612  7.46724   1.000 55.83000  ?  49 GLU A CB   1 
ATOM   723  C  CG   . GLU A 1 80  ? 2.98682   14.79496  6.54228   1.000 68.76000  ?  49 GLU A CG   1 
ATOM   724  C  CD   . GLU A 1 80  ? 2.87487   16.20151  7.14232   1.000 73.42000  ?  49 GLU A CD   1 
ATOM   725  O  OE1  . GLU A 1 80  ? 3.49091   16.46944  8.24345   1.000 71.41000  ?  49 GLU A OE1  1 
ATOM   726  O  OE2  . GLU A 1 80  ? 2.15402   17.00633  6.48388   1.000 42.34000  -1 49 GLU A OE2  1 
ATOM   727  H  H    . GLU A 1 80  ? 4.76870   11.92340  8.55314   0.000 79.83000  ?  49 GLU A H    1 
ATOM   728  H  HA   . GLU A 1 80  ? 3.06738   12.04145  6.54450   0.000 64.48000  ?  49 GLU A HA   1 
ATOM   729  H  HB2  . GLU A 1 80  ? 3.10665   13.65444  8.24597   0.000 68.77000  ?  49 GLU A HB2  1 
ATOM   730  H  HB3  . GLU A 1 80  ? 4.52909   14.13908  7.72956   0.000 68.77000  ?  49 GLU A HB3  1 
ATOM   731  H  HG2  . GLU A 1 80  ? 3.49981   14.86575  5.72178   0.000 84.29000  ?  49 GLU A HG2  1 
ATOM   732  H  HG3  . GLU A 1 80  ? 2.08889   14.48704  6.34714   0.000 84.29000  ?  49 GLU A HG3  1 
ATOM   733  N  N    . THR A 1 81  ? 4.54353   11.84915  4.53834   1.000 57.58000  ?  50 THR A N    1 
ATOM   734  C  CA   . THR A 1 81  ? 5.37863   11.91395  3.34986   1.000 41.73000  ?  50 THR A CA   1 
ATOM   735  C  C    . THR A 1 81  ? 4.50654   12.25837  2.13888   1.000 57.03000  ?  50 THR A C    1 
ATOM   736  O  O    . THR A 1 81  ? 3.29460   11.97876  2.12458   1.000 54.84000  ?  50 THR A O    1 
ATOM   737  C  CB   . THR A 1 81  ? 6.06666   10.60630  3.14340   1.000 36.09000  ?  50 THR A CB   1 
ATOM   738  O  OG1  . THR A 1 81  ? 6.68513   10.26273  4.37569   1.000 63.62000  ?  50 THR A OG1  1 
ATOM   739  C  CG2  . THR A 1 81  ? 7.17026   10.76809  2.14448   1.000 47.32000  ?  50 THR A CG2  1 
ATOM   740  H  H    . THR A 1 81  ? 3.83232   11.37453  4.44431   0.000 70.87000  ?  50 THR A H    1 
ATOM   741  H  HA   . THR A 1 81  ? 6.04847   12.61028  3.43181   0.000 51.86000  ?  50 THR A HA   1 
ATOM   742  H  HB   . THR A 1 81  ? 5.43962   9.93199   2.83868   0.000 45.08000  ?  50 THR A HB   1 
ATOM   743  H  HG1  . THR A 1 81  ? 7.04359   9.50515   4.31588   0.000 78.12000  ?  50 THR A HG1  1 
ATOM   744  H  HG21 . THR A 1 81  ? 7.69649   9.95520   2.09726   0.000 58.56000  ?  50 THR A HG21 1 
ATOM   745  H  HG22 . THR A 1 81  ? 6.79934   10.95419  1.26706   0.000 58.56000  ?  50 THR A HG22 1 
ATOM   746  H  HG23 . THR A 1 81  ? 7.74747   11.50276  2.40391   0.000 58.56000  ?  50 THR A HG23 1 
ATOM   747  N  N    . TYR A 1 82  ? 5.11910   12.91126  1.14328   1.000 43.00000  ?  51 TYR A N    1 
ATOM   748  C  CA   . TYR A 1 82  ? 4.45467   13.27967  -0.09866  1.000 38.11000  ?  51 TYR A CA   1 
ATOM   749  C  C    . TYR A 1 82  ? 5.38013   13.00557  -1.28084  1.000 53.37000  ?  51 TYR A C    1 
ATOM   750  O  O    . TYR A 1 82  ? 6.60990   13.12734  -1.18193  1.000 39.28000  ?  51 TYR A O    1 
ATOM   751  C  CB   . TYR A 1 82  ? 4.02594   14.77317  -0.13562  1.000 37.87000  ?  51 TYR A CB   1 
ATOM   752  C  CG   . TYR A 1 82  ? 3.08949   15.22124  0.97132   1.000 47.26000  ?  51 TYR A CG   1 
ATOM   753  C  CD1  . TYR A 1 82  ? 3.58632   15.69152  2.17890   1.000 50.33000  ?  51 TYR A CD1  1 
ATOM   754  C  CD2  . TYR A 1 82  ? 1.69533   15.17059  0.80290   1.000 43.06000  ?  51 TYR A CD2  1 
ATOM   755  C  CE1  . TYR A 1 82  ? 2.74625   16.07517  3.19147   1.000 47.07000  ?  51 TYR A CE1  1 
ATOM   756  C  CE2  . TYR A 1 82  ? 0.85392   15.55235  1.80413   1.000 50.40000  ?  51 TYR A CE2  1 
ATOM   757  C  CZ   . TYR A 1 82  ? 1.38290   16.01824  3.00679   1.000 64.11000  ?  51 TYR A CZ   1 
ATOM   758  O  OH   . TYR A 1 82  ? 0.55451   16.41933  4.03640   1.000 46.23000  ?  51 TYR A OH   1 
ATOM   759  H  H    . TYR A 1 82  ? 5.94269   13.15718  1.17091   0.000 53.37000  ?  51 TYR A H    1 
ATOM   760  H  HA   . TYR A 1 82  ? 3.65782   12.73263  -0.18376  0.000 47.51000  ?  51 TYR A HA   1 
ATOM   761  H  HB2  . TYR A 1 82  ? 4.82469   15.31897  -0.07444  0.000 47.22000  ?  51 TYR A HB2  1 
ATOM   762  H  HB3  . TYR A 1 82  ? 3.57386   14.93834  -0.97736  0.000 47.22000  ?  51 TYR A HB3  1 
ATOM   763  H  HD1  . TYR A 1 82  ? 4.50585   15.74628  2.30280   0.000 62.18000  ?  51 TYR A HD1  1 
ATOM   764  H  HD2  . TYR A 1 82  ? 1.34175   14.87211  -0.00372  0.000 53.44000  ?  51 TYR A HD2  1 
ATOM   765  H  HE1  . TYR A 1 82  ? 3.09538   16.37251  4.00031   0.000 58.26000  ?  51 TYR A HE1  1 
ATOM   766  H  HE2  . TYR A 1 82  ? -0.06720  15.50163  1.68680   0.000 62.25000  ?  51 TYR A HE2  1 
ATOM   767  H  HH   . TYR A 1 82  ? 1.01406   16.68992  4.68639   0.000 57.26000  ?  51 TYR A HH   1 
ATOM   768  N  N    . ARG A 1 83  ? 4.77662   12.63566  -2.41216  1.000 39.19000  ?  52 ARG A N    1 
ATOM   769  C  CA   . ARG A 1 83  ? 5.57884   12.47417  -3.61004  1.000 43.60000  ?  52 ARG A CA   1 
ATOM   770  C  C    . ARG A 1 83  ? 4.73316   12.88142  -4.78501  1.000 51.41000  ?  52 ARG A C    1 
ATOM   771  O  O    . ARG A 1 83  ? 3.50361   12.92037  -4.70103  1.000 45.61000  ?  52 ARG A O    1 
ATOM   772  C  CB   . ARG A 1 83  ? 6.09254   11.04469  -3.78264  1.000 50.47000  ?  52 ARG A CB   1 
ATOM   773  C  CG   . ARG A 1 83  ? 7.12151   10.57881  -2.80210  1.000 40.33000  ?  52 ARG A CG   1 
ATOM   774  C  CD   . ARG A 1 83  ? 8.38946   11.34063  -3.15796  1.000 54.69000  ?  52 ARG A CD   1 
ATOM   775  N  NE   . ARG A 1 83  ? 9.53352   10.83849  -2.38321  1.000 71.98000  ?  52 ARG A NE   1 
ATOM   776  C  CZ   . ARG A 1 83  ? 9.89502   11.27094  -1.16757  1.000 58.32000  ?  52 ARG A CZ   1 
ATOM   777  N  NH1  . ARG A 1 83  ? 9.36534   12.34784  -0.61393  1.000 55.26000  ?  52 ARG A NH1  1 
ATOM   778  N  NH2  . ARG A 1 83  ? 10.82411  10.60993  -0.49565  1.000 59.65000  ?  52 ARG A NH2  1 
ATOM   779  H  H    . ARG A 1 83  ? 3.93570   12.47923  -2.50190  0.000 48.81000  ?  52 ARG A H    1 
ATOM   780  H  HA   . ARG A 1 83  ? 6.35716   13.04996  -3.56010  0.000 54.09000  ?  52 ARG A HA   1 
ATOM   781  H  HB2  . ARG A 1 83  ? 5.33653   10.44216  -3.70712  0.000 62.34000  ?  52 ARG A HB2  1 
ATOM   782  H  HB3  . ARG A 1 83  ? 6.48812   10.97207  -4.66456  0.000 62.34000  ?  52 ARG A HB3  1 
ATOM   783  H  HG2  . ARG A 1 83  ? 6.85285   10.79015  -1.89394  0.000 50.18000  ?  52 ARG A HG2  1 
ATOM   784  H  HG3  . ARG A 1 83  ? 7.27366   9.62496   -2.88932  0.000 50.18000  ?  52 ARG A HG3  1 
ATOM   785  H  HD2  . ARG A 1 83  ? 8.58247   11.22556  -4.10201  0.000 67.41000  ?  52 ARG A HD2  1 
ATOM   786  H  HD3  . ARG A 1 83  ? 8.27028   12.28110  -2.95582  0.000 67.41000  ?  52 ARG A HD3  1 
ATOM   787  H  HE   . ARG A 1 83  ? 10.00840  10.21564  -2.73964  0.000 88.15000  ?  52 ARG A HE   1 
ATOM   788  H  HH11 . ARG A 1 83  ? 8.76617   12.79811  -1.03559  0.000 68.08000  ?  52 ARG A HH11 1 
ATOM   789  H  HH12 . ARG A 1 83  ? 9.62051   12.59867  0.16743   0.000 68.08000  ?  52 ARG A HH12 1 
ATOM   790  H  HH21 . ARG A 1 83  ? 11.18842  9.91049   -0.83897  0.000 73.35000  ?  52 ARG A HH21 1 
ATOM   791  H  HH22 . ARG A 1 83  ? 11.06341  10.87898  0.28480   0.000 73.35000  ?  52 ARG A HH22 1 
ATOM   792  N  N    . ASP A 1 84  ? 5.42368   13.23876  -5.86192  1.000 49.73000  ?  53 ASP A N    1 
ATOM   793  C  CA   . ASP A 1 84  ? 4.78009   13.62884  -7.09514  1.000 53.14000  ?  53 ASP A CA   1 
ATOM   794  C  C    . ASP A 1 84  ? 4.56769   12.36591  -7.92843  1.000 67.15000  ?  53 ASP A C    1 
ATOM   795  O  O    . ASP A 1 84  ? 5.52492   11.81608  -8.49048  1.000 54.73000  ?  53 ASP A O    1 
ATOM   796  C  CB   . ASP A 1 84  ? 5.65512   14.61287  -7.84721  1.000 57.64000  ?  53 ASP A CB   1 
ATOM   797  C  CG   . ASP A 1 84  ? 4.96888   15.21458  -9.04517  1.000 77.72000  ?  53 ASP A CG   1 
ATOM   798  O  OD1  . ASP A 1 84  ? 3.88680   14.70751  -9.43546  1.000 71.30000  ?  53 ASP A OD1  1 
ATOM   799  O  OD2  . ASP A 1 84  ? 5.55957   16.14200  -9.63683  1.000 98.48000  -1 53 ASP A OD2  1 
ATOM   800  H  H    . ASP A 1 84  ? 6.28222   13.26129  -5.89736  0.000 61.45000  ?  53 ASP A H    1 
ATOM   801  H  HA   . ASP A 1 84  ? 3.92341   14.04418  -6.90952  0.000 65.55000  ?  53 ASP A HA   1 
ATOM   802  H  HB2  . ASP A 1 84  ? 5.90110   15.33551  -7.24957  0.000 70.94000  ?  53 ASP A HB2  1 
ATOM   803  H  HB3  . ASP A 1 84  ? 6.45061   14.15308  -8.15819  0.000 70.94000  ?  53 ASP A HB3  1 
ATOM   804  N  N    . PHE A 1 85  ? 3.30969   11.91798  -8.01803  1.000 67.39000  ?  54 PHE A N    1 
ATOM   805  C  CA   . PHE A 1 85  ? 2.93892   10.74151  -8.77269  1.000 48.85000  ?  54 PHE A CA   1 
ATOM   806  C  C    . PHE A 1 85  ? 2.43729   11.12582  -10.15746 1.000 67.25000  ?  54 PHE A C    1 
ATOM   807  O  O    . PHE A 1 85  ? 1.70554   10.35897  -10.77813 1.000 79.38000  ?  54 PHE A O    1 
ATOM   808  C  CB   . PHE A 1 85  ? 1.85350   10.00040  -8.03142  1.000 46.82000  ?  54 PHE A CB   1 
ATOM   809  C  CG   . PHE A 1 85  ? 2.28155   9.48864   -6.72562  1.000 40.76000  ?  54 PHE A CG   1 
ATOM   810  C  CD1  . PHE A 1 85  ? 2.87056   8.29972   -6.59719  1.000 45.04000  ?  54 PHE A CD1  1 
ATOM   811  C  CD2  . PHE A 1 85  ? 2.09559   10.25349  -5.59558  1.000 46.17000  ?  54 PHE A CD2  1 
ATOM   812  C  CE1  . PHE A 1 85  ? 3.25722   7.81619   -5.36053  1.000 44.06000  ?  54 PHE A CE1  1 
ATOM   813  C  CE2  . PHE A 1 85  ? 2.48703   9.78387   -4.33588  1.000 51.69000  ?  54 PHE A CE2  1 
ATOM   814  C  CZ   . PHE A 1 85  ? 3.07762   8.53558   -4.24189  1.000 37.61000  ?  54 PHE A CZ   1 
ATOM   815  H  H    . PHE A 1 85  ? 2.64121   12.29875  -7.63453  0.000 82.64000  ?  54 PHE A H    1 
ATOM   816  H  HA   . PHE A 1 85  ? 3.70496   10.15423  -8.86681  0.000 60.40000  ?  54 PHE A HA   1 
ATOM   817  H  HB2  . PHE A 1 85  ? 1.10824   10.60296  -7.88368  0.000 57.95000  ?  54 PHE A HB2  1 
ATOM   818  H  HB3  . PHE A 1 85  ? 1.56816   9.24423   -8.56729  0.000 57.95000  ?  54 PHE A HB3  1 
ATOM   819  H  HD1  . PHE A 1 85  ? 3.02583   7.78337   -7.35477  0.000 55.83000  ?  54 PHE A HD1  1 
ATOM   820  H  HD2  . PHE A 1 85  ? 1.70506   11.09406  -5.67010  0.000 57.18000  ?  54 PHE A HD2  1 
ATOM   821  H  HE1  . PHE A 1 85  ? 3.64791   6.97438   -5.30257  0.000 54.65000  ?  54 PHE A HE1  1 
ATOM   822  H  HE2  . PHE A 1 85  ? 2.35364   10.30192  -3.57545  0.000 63.80000  ?  54 PHE A HE2  1 
ATOM   823  H  HZ   . PHE A 1 85  ? 3.34633   8.20095   -3.41739  0.000 46.91000  ?  54 PHE A HZ   1 
ATOM   824  N  N    . GLY A 1 86  ? 2.81539   12.30224  -10.65742 1.000 67.38000  ?  55 GLY A N    1 
ATOM   825  C  CA   . GLY A 1 86  ? 2.38198   12.78860  -11.95630 1.000 61.50000  ?  55 GLY A CA   1 
ATOM   826  C  C    . GLY A 1 86  ? 1.28679   13.83818  -11.89817 1.000 78.07000  ?  55 GLY A C    1 
ATOM   827  O  O    . GLY A 1 86  ? 0.90252   14.35966  -12.93953 1.000 76.68000  ?  55 GLY A O    1 
ATOM   828  H  H    . GLY A 1 86  ? 3.33727   12.84932  -10.24764 0.000 82.63000  ?  55 GLY A H    1 
ATOM   829  H  HA2  . GLY A 1 86  ? 3.14308   13.17759  -12.41390 0.000 75.57000  ?  55 GLY A HA2  1 
ATOM   830  H  HA3  . GLY A 1 86  ? 2.04975   12.03916  -12.47549 0.000 75.57000  ?  55 GLY A HA3  1 
ATOM   831  N  N    . ALA A 1 87  ? 0.81077   14.18188  -10.69653 1.000 80.52000  ?  56 ALA A N    1 
ATOM   832  C  CA   . ALA A 1 87  ? -0.24778  15.13966  -10.41451 1.000 52.56000  ?  56 ALA A CA   1 
ATOM   833  C  C    . ALA A 1 87  ? 0.19621   16.08949  -9.30557  1.000 78.34000  ?  56 ALA A C    1 
ATOM   834  O  O    . ALA A 1 87  ? -0.63143  16.51303  -8.47150  1.000 76.67000  ?  56 ALA A O    1 
ATOM   835  C  CB   . ALA A 1 87  ? -1.53080  14.42247  -9.99705  1.000 64.26000  ?  56 ALA A CB   1 
ATOM   836  H  H    . ALA A 1 87  ? 1.11620   13.84068  -9.96910  0.000 98.40000  ?  56 ALA A H    1 
ATOM   837  H  HA   . ALA A 1 87  ? -0.43655  15.65283  -11.21545 0.000 64.84000  ?  56 ALA A HA   1 
ATOM   838  H  HB1  . ALA A 1 87  ? -2.22091  15.08256  -9.82868  0.000 78.89000  ?  56 ALA A HB1  1 
ATOM   839  H  HB2  . ALA A 1 87  ? -1.80740  13.82917  -10.71277 0.000 78.89000  ?  56 ALA A HB2  1 
ATOM   840  H  HB3  . ALA A 1 87  ? -1.35858  13.91108  -9.19144  0.000 78.89000  ?  56 ALA A HB3  1 
ATOM   841  N  N    . GLY A 1 88  ? 1.50109   16.40133  -9.24196  1.000 59.92000  ?  57 GLY A N    1 
ATOM   842  C  CA   . GLY A 1 88  ? 2.03207   17.15855  -8.13535  1.000 49.82000  ?  57 GLY A CA   1 
ATOM   843  C  C    . GLY A 1 88  ? 1.97844   16.35391  -6.84658  1.000 62.93000  ?  57 GLY A C    1 
ATOM   844  O  O    . GLY A 1 88  ? 1.44586   15.24064  -6.79392  1.000 69.67000  ?  57 GLY A O    1 
ATOM   845  H  H    . GLY A 1 88  ? 2.08411   16.17973  -9.83261  0.000 73.67000  ?  57 GLY A H    1 
ATOM   846  H  HA2  . GLY A 1 88  ? 2.95485   17.39640  -8.31661  0.000 61.56000  ?  57 GLY A HA2  1 
ATOM   847  H  HA3  . GLY A 1 88  ? 1.51361   17.96975  -8.01743  0.000 61.56000  ?  57 GLY A HA3  1 
ATOM   848  N  N    . PRO A 1 89  ? 2.51465   16.91005  -5.77142  1.000 66.95000  ?  58 PRO A N    1 
ATOM   849  C  CA   . PRO A 1 89  ? 2.64246   16.13177  -4.53710  1.000 53.59000  ?  58 PRO A CA   1 
ATOM   850  C  C    . PRO A 1 89  ? 1.29183   15.72192  -3.94470  1.000 54.69000  ?  58 PRO A C    1 
ATOM   851  O  O    . PRO A 1 89  ? 0.34524   16.51953  -3.88221  1.000 61.53000  ?  58 PRO A O    1 
ATOM   852  C  CB   . PRO A 1 89  ? 3.44389   17.08517  -3.63631  1.000 49.36000  ?  58 PRO A CB   1 
ATOM   853  C  CG   . PRO A 1 89  ? 3.26938   18.42423  -4.21481  1.000 42.99000  ?  58 PRO A CG   1 
ATOM   854  C  CD   . PRO A 1 89  ? 3.11888   18.25332  -5.65498  1.000 36.13000  ?  58 PRO A CD   1 
ATOM   855  H  HA   . PRO A 1 89  ? 3.14751   15.31804  -4.68732  0.000 66.09000  ?  58 PRO A HA   1 
ATOM   856  H  HB2  . PRO A 1 89  ? 3.09264   17.05245  -2.73188  0.000 61.01000  ?  58 PRO A HB2  1 
ATOM   857  H  HB3  . PRO A 1 89  ? 4.37840   16.82782  -3.63799  0.000 61.01000  ?  58 PRO A HB3  1 
ATOM   858  H  HG2  . PRO A 1 89  ? 2.47663   18.83719  -3.83742  0.000 53.36000  ?  58 PRO A HG2  1 
ATOM   859  H  HG3  . PRO A 1 89  ? 4.05100   18.96447  -4.01708  0.000 53.36000  ?  58 PRO A HG3  1 
ATOM   860  H  HD2  . PRO A 1 89  ? 2.53018   18.93071  -6.02381  0.000 45.14000  ?  58 PRO A HD2  1 
ATOM   861  H  HD3  . PRO A 1 89  ? 3.98130   18.28540  -6.09891  0.000 45.14000  ?  58 PRO A HD3  1 
ATOM   862  N  N    . GLU A 1 90  ? 1.21984   14.44470  -3.52778  1.000 50.12000  ?  59 GLU A N    1 
ATOM   863  C  CA   . GLU A 1 90  ? 0.07468   13.78190  -2.86872  1.000 44.63000  ?  59 GLU A CA   1 
ATOM   864  C  C    . GLU A 1 90  ? 0.64066   12.93091  -1.74966  1.000 45.42000  ?  59 GLU A C    1 
ATOM   865  O  O    . GLU A 1 90  ? 1.84279   12.63816  -1.74280  1.000 50.94000  ?  59 GLU A O    1 
ATOM   866  C  CB   . GLU A 1 90  ? -0.67668  12.87745  -3.83256  1.000 36.93000  ?  59 GLU A CB   1 
ATOM   867  C  CG   . GLU A 1 90  ? -1.12014  13.62919  -5.02033  1.000 39.67000  ?  59 GLU A CG   1 
ATOM   868  C  CD   . GLU A 1 90  ? -1.81827  12.77496  -6.05151  1.000 62.57000  ?  59 GLU A CD   1 
ATOM   869  O  OE1  . GLU A 1 90  ? -2.88995  12.22677  -5.76440  1.000 47.31000  ?  59 GLU A OE1  1 
ATOM   870  O  OE2  . GLU A 1 90  ? -1.29247  12.75488  -7.21776  1.000 62.87000  -1 59 GLU A OE2  1 
ATOM   871  H  H    . GLU A 1 90  ? 1.87472   13.89544  -3.62083  0.000 61.92000  ?  59 GLU A H    1 
ATOM   872  H  HA   . GLU A 1 90  ? -0.54310  14.44379  -2.51980  0.000 55.33000  ?  59 GLU A HA   1 
ATOM   873  H  HB2  . GLU A 1 90  ? -0.09270  12.15938  -4.12328  0.000 46.10000  ?  59 GLU A HB2  1 
ATOM   874  H  HB3  . GLU A 1 90  ? -1.45855  12.51184  -3.38983  0.000 46.10000  ?  59 GLU A HB3  1 
ATOM   875  H  HG2  . GLU A 1 90  ? -1.73996  14.32070  -4.73847  0.000 49.38000  ?  59 GLU A HG2  1 
ATOM   876  H  HG3  . GLU A 1 90  ? -0.34497  14.03044  -5.44248  0.000 49.38000  ?  59 GLU A HG3  1 
ATOM   877  N  N    . ALA A 1 91  ? -0.19000  12.53026  -0.79363  1.000 50.35000  ?  60 ALA A N    1 
ATOM   878  C  CA   . ALA A 1 91  ? 0.36909   11.76177  0.31994   1.000 53.38000  ?  60 ALA A CA   1 
ATOM   879  C  C    . ALA A 1 91  ? 0.98635   10.47103  -0.19111  1.000 52.99000  ?  60 ALA A C    1 
ATOM   880  O  O    . ALA A 1 91  ? 0.46666   9.87692   -1.13604  1.000 58.09000  ?  60 ALA A O    1 
ATOM   881  C  CB   . ALA A 1 91  ? -0.69306  11.41102  1.34563   1.000 59.36000  ?  60 ALA A CB   1 
ATOM   882  H  H    . ALA A 1 91  ? -1.03698  12.67972  -0.76521  0.000 62.20000  ?  60 ALA A H    1 
ATOM   883  H  HA   . ALA A 1 91  ? 1.04567   12.30476  0.75539   0.000 65.83000  ?  60 ALA A HA   1 
ATOM   884  H  HB1  . ALA A 1 91  ? -0.29462  10.86201  2.03799   0.000 73.00000  ?  60 ALA A HB1  1 
ATOM   885  H  HB2  . ALA A 1 91  ? -1.04099  12.22936  1.73169   0.000 73.00000  ?  60 ALA A HB2  1 
ATOM   886  H  HB3  . ALA A 1 91  ? -1.40674  10.92296  0.90574   0.000 73.00000  ?  60 ALA A HB3  1 
ATOM   887  N  N    . ALA A 1 92  ? 2.08002   10.00948  0.45398   1.000 55.88000  ?  61 ALA A N    1 
ATOM   888  C  CA   . ALA A 1 92  ? 2.78493   8.78003   0.06596   1.000 39.35000  ?  61 ALA A CA   1 
ATOM   889  C  C    . ALA A 1 92  ? 2.98479   7.84869   1.25792   1.000 49.14000  ?  61 ALA A C    1 
ATOM   890  O  O    . ALA A 1 92  ? 3.03195   8.29682   2.40893   1.000 58.39000  ?  61 ALA A O    1 
ATOM   891  C  CB   . ALA A 1 92  ? 4.14552   9.09609   -0.54676  1.000 56.08000  ?  61 ALA A CB   1 
ATOM   892  H  H    . ALA A 1 92  ? 2.43408   10.40283  1.13137   0.000 68.83000  ?  61 ALA A H    1 
ATOM   893  H  HA   . ALA A 1 92  ? 2.23555   8.30937   -0.58024  0.000 49.00000  ?  61 ALA A HA   1 
ATOM   894  H  HB1  . ALA A 1 92  ? 4.58558   8.26556   -0.78242  0.000 69.08000  ?  61 ALA A HB1  1 
ATOM   895  H  HB2  . ALA A 1 92  ? 4.01556   9.63978   -1.33940  0.000 69.08000  ?  61 ALA A HB2  1 
ATOM   896  H  HB3  . ALA A 1 92  ? 4.67962   9.58096   0.10221   0.000 69.08000  ?  61 ALA A HB3  1 
ATOM   897  N  N    . VAL A 1 93  ? 3.07913   6.53257   0.98248   1.000 41.09000  ?  62 VAL A N    1 
ATOM   898  C  CA   . VAL A 1 93  ? 3.36584   5.52828   2.02134   1.000 48.94000  ?  62 VAL A CA   1 
ATOM   899  C  C    . VAL A 1 93  ? 4.39358   4.53242   1.49185   1.000 61.08000  ?  62 VAL A C    1 
ATOM   900  O  O    . VAL A 1 93  ? 4.34740   4.13311   0.31994   1.000 55.08000  ?  62 VAL A O    1 
ATOM   901  C  CB   . VAL A 1 93  ? 2.09564   4.81298   2.54949   1.000 50.00000  ?  62 VAL A CB   1 
ATOM   902  C  CG1  . VAL A 1 93  ? 1.35648   4.08521   1.47397   1.000 47.72000  ?  62 VAL A CG1  1 
ATOM   903  C  CG2  . VAL A 1 93  ? 2.47637   3.83770   3.72977   1.000 50.55000  ?  62 VAL A CG2  1 
ATOM   904  H  H    . VAL A 1 93  ? 2.98067   6.19911   0.19560   0.000 51.08000  ?  62 VAL A H    1 
ATOM   905  H  HA   . VAL A 1 93  ? 3.76260   5.98807   2.77833   0.000 60.51000  ?  62 VAL A HA   1 
ATOM   906  H  HB   . VAL A 1 93  ? 1.48882   5.49283   2.88220   0.000 61.78000  ?  62 VAL A HB   1 
ATOM   907  H  HG11 . VAL A 1 93  ? 0.51813   3.75583   1.83488   0.000 59.04000  ?  62 VAL A HG11 1 
ATOM   908  H  HG12 . VAL A 1 93  ? 1.18442   4.69551   0.74007   0.000 59.04000  ?  62 VAL A HG12 1 
ATOM   909  H  HG13 . VAL A 1 93  ? 1.89874   3.34225   1.16659   0.000 59.04000  ?  62 VAL A HG13 1 
ATOM   910  H  HG21 . VAL A 1 93  ? 1.66374   3.45870   4.10114   0.000 62.44000  ?  62 VAL A HG21 1 
ATOM   911  H  HG22 . VAL A 1 93  ? 3.04273   3.13021   3.38425   0.000 62.44000  ?  62 VAL A HG22 1 
ATOM   912  H  HG23 . VAL A 1 93  ? 2.95048   4.33812   4.41288   0.000 62.44000  ?  62 VAL A HG23 1 
ATOM   913  N  N    . SER A 1 94  ? 5.37356   4.19270   2.34192   1.000 64.63000  ?  63 SER A N    1 
ATOM   914  C  CA   . SER A 1 94  ? 6.38103   3.24178   1.91296   1.000 56.46000  ?  63 SER A CA   1 
ATOM   915  C  C    . SER A 1 94  ? 5.75590   1.84529   1.84061   1.000 54.31000  ?  63 SER A C    1 
ATOM   916  O  O    . SER A 1 94  ? 4.74035   1.57722   2.46461   1.000 56.06000  ?  63 SER A O    1 
ATOM   917  C  CB   . SER A 1 94  ? 7.56045   3.19757   2.88295   1.000 60.60000  ?  63 SER A CB   1 
ATOM   918  O  OG   . SER A 1 94  ? 7.21790   2.58854   4.13872   1.000 60.46000  ?  63 SER A OG   1 
ATOM   919  H  H    . SER A 1 94  ? 5.46534   4.49418   3.14235   0.000 79.33000  ?  63 SER A H    1 
ATOM   920  H  HA   . SER A 1 94  ? 6.71989   3.50638   1.04317   0.000 69.53000  ?  63 SER A HA   1 
ATOM   921  H  HB2  . SER A 1 94  ? 8.27674   2.68479   2.47557   0.000 74.49000  ?  63 SER A HB2  1 
ATOM   922  H  HB3  . SER A 1 94  ? 7.85725   4.10651   3.05056   0.000 74.49000  ?  63 SER A HB3  1 
ATOM   923  H  HG   . SER A 1 94  ? 6.55472   2.97949   4.47624   0.000 74.33000  ?  63 SER A HG   1 
ATOM   924  N  N    . VAL A 1 95  ? 6.39602   0.93710   1.08554   1.000 56.35000  ?  64 VAL A N    1 
ATOM   925  C  CA   . VAL A 1 95  ? 5.88963   -0.43205  1.04994   1.000 59.79000  ?  64 VAL A CA   1 
ATOM   926  C  C    . VAL A 1 95  ? 5.99308   -1.13151  2.41470   1.000 63.51000  ?  64 VAL A C    1 
ATOM   927  O  O    . VAL A 1 95  ? 4.96097   -1.62647  2.88752   1.000 42.75000  ?  64 VAL A O    1 
ATOM   928  C  CB   . VAL A 1 95  ? 6.61544   -1.21074  -0.10631  1.000 46.59000  ?  64 VAL A CB   1 
ATOM   929  C  CG1  . VAL A 1 95  ? 6.27943   -2.68227  -0.04116  1.000 75.91000  ?  64 VAL A CG1  1 
ATOM   930  C  CG2  . VAL A 1 95  ? 6.15450   -0.61674  -1.34358  1.000 50.20000  ?  64 VAL A CG2  1 
ATOM   931  H  H    . VAL A 1 95  ? 7.09361   1.08700   0.60641   0.000 69.40000  ?  64 VAL A H    1 
ATOM   932  H  HA   . VAL A 1 95  ? 4.94386   -0.39668  0.83868   0.000 73.52000  ?  64 VAL A HA   1 
ATOM   933  H  HB   . VAL A 1 95  ? 7.58091   -1.14983  -0.04002  0.000 57.68000  ?  64 VAL A HB   1 
ATOM   934  H  HG11 . VAL A 1 95  ? 6.50734   -3.09554  -0.88806  0.000 92.87000  ?  64 VAL A HG11 1 
ATOM   935  H  HG12 . VAL A 1 95  ? 6.79080   -3.09049  0.67521   0.000 92.87000  ?  64 VAL A HG12 1 
ATOM   936  H  HG13 . VAL A 1 95  ? 5.33053   -2.78109  0.13167   0.000 92.87000  ?  64 VAL A HG13 1 
ATOM   937  H  HG21 . VAL A 1 95  ? 6.57033   -1.07566  -2.08957  0.000 62.02000  ?  64 VAL A HG21 1 
ATOM   938  H  HG22 . VAL A 1 95  ? 5.18978   -0.70540  -1.39729  0.000 62.02000  ?  64 VAL A HG22 1 
ATOM   939  H  HG23 . VAL A 1 95  ? 6.40090   0.32194   -1.35407  0.000 62.02000  ?  64 VAL A HG23 1 
ATOM   940  N  N    . PRO A 1 96  ? 7.13856   -1.14400  3.08853   1.000 62.27000  ?  65 PRO A N    1 
ATOM   941  C  CA   . PRO A 1 96  ? 7.13172   -1.65265  4.47243   1.000 49.54000  ?  65 PRO A CA   1 
ATOM   942  C  C    . PRO A 1 96  ? 5.92767   -1.13047  5.26118   1.000 62.53000  ?  65 PRO A C    1 
ATOM   943  O  O    . PRO A 1 96  ? 5.26637   -1.91465  5.94183   1.000 72.22000  ?  65 PRO A O    1 
ATOM   944  C  CB   . PRO A 1 96  ? 8.44527   -1.11017  5.03214   1.000 52.77000  ?  65 PRO A CB   1 
ATOM   945  C  CG   . PRO A 1 96  ? 9.31465   -0.99634  3.84058   1.000 51.75000  ?  65 PRO A CG   1 
ATOM   946  C  CD   . PRO A 1 96  ? 8.43355   -0.55517  2.73820   1.000 51.57000  ?  65 PRO A CD   1 
ATOM   947  H  HA   . PRO A 1 96  ? 7.14286   -2.62245  4.49372   0.000 61.23000  ?  65 PRO A HA   1 
ATOM   948  H  HB2  . PRO A 1 96  ? 8.30069   -0.24470  5.44594   0.000 65.10000  ?  65 PRO A HB2  1 
ATOM   949  H  HB3  . PRO A 1 96  ? 8.81560   -1.72964  5.67938   0.000 65.10000  ?  65 PRO A HB3  1 
ATOM   950  H  HG2  . PRO A 1 96  ? 10.01189  -0.34196  4.00619   0.000 63.88000  ?  65 PRO A HG2  1 
ATOM   951  H  HG3  . PRO A 1 96  ? 9.70983   -1.85827  3.64088   0.000 63.88000  ?  65 PRO A HG3  1 
ATOM   952  H  HD2  . PRO A 1 96  ? 8.37618   0.41293   2.70804   0.000 63.66000  ?  65 PRO A HD2  1 
ATOM   953  H  HD3  . PRO A 1 96  ? 8.74915   -0.89612  1.88735   0.000 63.66000  ?  65 PRO A HD3  1 
ATOM   954  N  N    . ASP A 1 97  ? 5.59426   0.17168   5.15076   1.000 60.79000  ?  66 ASP A N    1 
ATOM   955  C  CA   . ASP A 1 97  ? 4.55515   0.74166   6.00282   1.000 59.93000  ?  66 ASP A CA   1 
ATOM   956  C  C    . ASP A 1 97  ? 3.16111   0.29893   5.55456   1.000 55.20000  ?  66 ASP A C    1 
ATOM   957  O  O    . ASP A 1 97  ? 2.34785   -0.07693  6.39301   1.000 65.31000  ?  66 ASP A O    1 
ATOM   958  C  CB   . ASP A 1 97  ? 4.67326   2.27669   6.04701   1.000 71.38000  ?  66 ASP A CB   1 
ATOM   959  C  CG   . ASP A 1 97  ? 5.96483   2.75149   6.80326   1.000 84.00000  ?  66 ASP A CG   1 
ATOM   960  O  OD1  . ASP A 1 97  ? 6.49946   1.98200   7.64239   1.000 76.38000  ?  66 ASP A OD1  1 
ATOM   961  O  OD2  . ASP A 1 97  ? 6.34591   3.94294   6.66005   1.000 84.75000  -1 66 ASP A OD2  1 
ATOM   962  H  H    . ASP A 1 97  ? 5.95112   0.72688   4.59946   0.000 74.72000  ?  66 ASP A H    1 
ATOM   963  H  HA   . ASP A 1 97  ? 4.68554   0.42118   6.90922   0.000 73.70000  ?  66 ASP A HA   1 
ATOM   964  H  HB2  . ASP A 1 97  ? 4.71110   2.61894   5.14034   0.000 87.44000  ?  66 ASP A HB2  1 
ATOM   965  H  HB3  . ASP A 1 97  ? 3.90172   2.64218   6.50770   0.000 87.44000  ?  66 ASP A HB3  1 
ATOM   966  N  N    . PHE A 1 98  ? 2.86509   0.31115   4.24798   1.000 61.18000  ?  67 PHE A N    1 
ATOM   967  C  CA   . PHE A 1 98  ? 1.64810   -0.31096  3.71468   1.000 39.15000  ?  67 PHE A CA   1 
ATOM   968  C  C    . PHE A 1 98  ? 1.46749   -1.69694  4.29694   1.000 58.48000  ?  67 PHE A C    1 
ATOM   969  O  O    . PHE A 1 98  ? 0.35485   -2.09171  4.63308   1.000 79.33000  ?  67 PHE A O    1 
ATOM   970  C  CB   . PHE A 1 98  ? 1.77819   -0.43709  2.21830   1.000 43.63000  ?  67 PHE A CB   1 
ATOM   971  C  CG   . PHE A 1 98  ? 0.63952   -1.08041  1.53448   1.000 54.19000  ?  67 PHE A CG   1 
ATOM   972  C  CD1  . PHE A 1 98  ? 0.58750   -2.44198  1.38141   1.000 46.78000  ?  67 PHE A CD1  1 
ATOM   973  C  CD2  . PHE A 1 98  ? -0.42001  -0.32383  1.05883   1.000 60.89000  ?  67 PHE A CD2  1 
ATOM   974  C  CE1  . PHE A 1 98  ? -0.49294  -3.05894  0.71609   1.000 66.80000  ?  67 PHE A CE1  1 
ATOM   975  C  CE2  . PHE A 1 98  ? -1.52454  -0.93474  0.37666   1.000 71.27000  ?  67 PHE A CE2  1 
ATOM   976  C  CZ   . PHE A 1 98  ? -1.54919  -2.30086  0.21441   1.000 65.23000  ?  67 PHE A CZ   1 
ATOM   977  H  H    . PHE A 1 98  ? 3.35725   0.67531   3.64410   0.000 75.19000  ?  67 PHE A H    1 
ATOM   978  H  HA   . PHE A 1 98  ? 0.88110   0.24014   3.93462   0.000 48.75000  ?  67 PHE A HA   1 
ATOM   979  H  HB2  . PHE A 1 98  ? 1.87482   0.45258   1.84485   0.000 54.13000  ?  67 PHE A HB2  1 
ATOM   980  H  HB3  . PHE A 1 98  ? 2.56770   -0.96561  2.02490   0.000 54.13000  ?  67 PHE A HB3  1 
ATOM   981  H  HD1  . PHE A 1 98  ? 1.27531   -2.96722  1.72294   0.000 57.91000  ?  67 PHE A HD1  1 
ATOM   982  H  HD2  . PHE A 1 98  ? -0.41488  0.59785   1.18556   0.000 74.84000  ?  67 PHE A HD2  1 
ATOM   983  H  HE1  . PHE A 1 98  ? -0.49981  -3.98383  0.60951   0.000 81.94000  ?  67 PHE A HE1  1 
ATOM   984  H  HE2  . PHE A 1 98  ? -2.21926  -0.41214  0.04697   0.000 87.30000  ?  67 PHE A HE2  1 
ATOM   985  H  HZ   . PHE A 1 98  ? -2.25896  -2.71239  -0.22270  0.000 80.05000  ?  67 PHE A HZ   1 
ATOM   986  N  N    . VAL A 1 99  ? 2.55537   -2.47531  4.38188   1.000 71.68000  ?  68 VAL A N    1 
ATOM   987  C  CA   . VAL A 1 99  ? 2.47344   -3.84569  4.90947   1.000 70.23000  ?  68 VAL A CA   1 
ATOM   988  C  C    . VAL A 1 99  ? 2.15807   -3.81286  6.39982   1.000 62.82000  ?  68 VAL A C    1 
ATOM   989  O  O    . VAL A 1 99  ? 1.14064   -4.35815  6.83258   1.000 72.58000  ?  68 VAL A O    1 
ATOM   990  C  CB   . VAL A 1 99  ? 3.76227   -4.64986  4.57195   1.000 72.07000  ?  68 VAL A CB   1 
ATOM   991  C  CG1  . VAL A 1 99  ? 3.81731   -6.02939  5.25399   1.000 76.24000  ?  68 VAL A CG1  1 
ATOM   992  C  CG2  . VAL A 1 99  ? 3.86862   -4.91701  3.00267   1.000 62.19000  ?  68 VAL A CG2  1 
ATOM   993  H  H    . VAL A 1 99  ? 3.34651   -2.23619  4.14447   0.000 87.79000  ?  68 VAL A H    1 
ATOM   994  H  HA   . VAL A 1 99  ? 1.74356   -4.31015  4.47213   0.000 86.06000  ?  68 VAL A HA   1 
ATOM   995  H  HB   . VAL A 1 99  ? 4.49639   -4.10408  4.89510   0.000 88.27000  ?  68 VAL A HB   1 
ATOM   996  H  HG11 . VAL A 1 99  ? 4.50443   -6.56543  4.82802   0.000 93.26000  ?  68 VAL A HG11 1 
ATOM   997  H  HG12 . VAL A 1 99  ? 4.02551   -5.90868  6.19309   0.000 93.26000  ?  68 VAL A HG12 1 
ATOM   998  H  HG13 . VAL A 1 99  ? 2.95452   -6.46204  5.15950   0.000 93.26000  ?  68 VAL A HG13 1 
ATOM   999  H  HG21 . VAL A 1 99  ? 4.66640   -5.44070  2.82565   0.000 76.40000  ?  68 VAL A HG21 1 
ATOM   1000 H  HG22 . VAL A 1 99  ? 3.08243   -5.40368  2.71168   0.000 76.40000  ?  68 VAL A HG22 1 
ATOM   1001 H  HG23 . VAL A 1 99  ? 3.92257   -4.06600  2.53994   0.000 76.40000  ?  68 VAL A HG23 1 
ATOM   1002 N  N    . ALA A 1 100 ? 2.95236   -3.07282  7.18158   1.000 74.64000  ?  69 ALA A N    1 
ATOM   1003 C  CA   . ALA A 1 100 ? 2.72291   -2.96857  8.62469   1.000 55.11000  ?  69 ALA A CA   1 
ATOM   1004 C  C    . ALA A 1 100 ? 1.30934   -2.52335  8.92246   1.000 60.62000  ?  69 ALA A C    1 
ATOM   1005 O  O    . ALA A 1 100 ? 0.79057   -2.84021  9.98276   1.000 72.40000  ?  69 ALA A O    1 
ATOM   1006 C  CB   . ALA A 1 100 ? 3.68064   -1.97843  9.25658   1.000 38.91000  ?  69 ALA A CB   1 
ATOM   1007 H  H    . ALA A 1 100 ? 3.63004   -2.62314  6.90255   0.000 91.34000  ?  69 ALA A H    1 
ATOM   1008 H  HA   . ALA A 1 100 ? 2.88205   -3.84223  9.01325   0.000 67.91000  ?  69 ALA A HA   1 
ATOM   1009 H  HB1  . ALA A 1 100 ? 3.49460   -1.92102  10.20680  0.000 48.47000  ?  69 ALA A HB1  1 
ATOM   1010 H  HB2  . ALA A 1 100 ? 4.59027   -2.28486  9.11525   0.000 48.47000  ?  69 ALA A HB2  1 
ATOM   1011 H  HB3  . ALA A 1 100 ? 3.55713   -1.11006  8.84255   0.000 48.47000  ?  69 ALA A HB3  1 
ATOM   1012 N  N    . LEU A 1 101 ? 0.69354   -1.74996  8.03012   1.000 64.18000  ?  70 LEU A N    1 
ATOM   1013 C  CA   . LEU A 1 101 ? -0.70479  -1.39512  8.20619   1.000 59.51000  ?  70 LEU A CA   1 
ATOM   1014 C  C    . LEU A 1 101 ? -1.62204  -2.54590  7.87494   1.000 81.59000  ?  70 LEU A C    1 
ATOM   1015 O  O    . LEU A 1 101 ? -2.61022  -2.76723  8.58868   1.000 91.16000  ?  70 LEU A O    1 
ATOM   1016 C  CB   . LEU A 1 101 ? -1.14153  -0.22459  7.33920   1.000 71.90000  ?  70 LEU A CB   1 
ATOM   1017 C  CG   . LEU A 1 101 ? -0.81687  1.21789   7.58034   1.000 75.78000  ?  70 LEU A CG   1 
ATOM   1018 C  CD1  . LEU A 1 101 ? -1.32170  2.05962   6.33337   1.000 81.99000  ?  70 LEU A CD1  1 
ATOM   1019 C  CD2  . LEU A 1 101 ? -1.52834  1.59675   8.87046   1.000 60.33000  ?  70 LEU A CD2  1 
ATOM   1020 H  H    . LEU A 1 101 ? 1.06103   -1.42436  7.32399   0.000 78.79000  ?  70 LEU A H    1 
ATOM   1021 H  HA   . LEU A 1 101 ? -0.78149  -1.13573  9.13818   0.000 73.19000  ?  70 LEU A HA   1 
ATOM   1022 H  HB2  . LEU A 1 101 ? -0.79010  -0.40790  6.45413   0.000 88.05000  ?  70 LEU A HB2  1 
ATOM   1023 H  HB3  . LEU A 1 101 ? -2.11081  -0.25609  7.32453   0.000 88.05000  ?  70 LEU A HB3  1 
ATOM   1024 H  HG   . LEU A 1 101 ? 0.13103   1.39975   7.67548   0.000 92.71000  ?  70 LEU A HG   1 
ATOM   1025 H  HD11 . LEU A 1 101 ? -1.10078  2.99468   6.47297   0.000 100.16000 ?  70 LEU A HD11 1 
ATOM   1026 H  HD12 . LEU A 1 101 ? -0.88255  1.73211   5.53267   0.000 100.16000 ?  70 LEU A HD12 1 
ATOM   1027 H  HD13 . LEU A 1 101 ? -2.28201  1.95628   6.24941   0.000 100.16000 ?  70 LEU A HD13 1 
ATOM   1028 H  HD21 . LEU A 1 101 ? -1.43440  2.55204   9.01447   0.000 74.17000  ?  70 LEU A HD21 1 
ATOM   1029 H  HD22 . LEU A 1 101 ? -2.46734  1.36508   8.79432   0.000 74.17000  ?  70 LEU A HD22 1 
ATOM   1030 H  HD23 . LEU A 1 101 ? -1.12675  1.11050   9.60803   0.000 74.17000  ?  70 LEU A HD23 1 
ATOM   1031 N  N    . ALA A 1 102 ? -1.40113  -3.20752  6.72438   1.000 84.25000  ?  71 ALA A N    1 
ATOM   1032 C  CA   . ALA A 1 102 ? -2.28628  -4.30856  6.34857   1.000 75.06000  ?  71 ALA A CA   1 
ATOM   1033 C  C    . ALA A 1 102 ? -2.43544  -5.27337  7.53320   1.000 76.51000  ?  71 ALA A C    1 
ATOM   1034 O  O    . ALA A 1 102 ? -3.53190  -5.77313  7.79619   1.000 76.72000  ?  71 ALA A O    1 
ATOM   1035 C  CB   . ALA A 1 102 ? -1.75687  -5.00918  5.08733   1.000 74.66000  ?  71 ALA A CB   1 
ATOM   1036 H  H    . ALA A 1 102 ? -0.76658  -3.04025  6.16815   0.000 102.88000 ?  71 ALA A H    1 
ATOM   1037 H  HA   . ALA A 1 102 ? -3.16844  -3.97943  6.11433   0.000 91.85000  ?  71 ALA A HA   1 
ATOM   1038 H  HB1  . ALA A 1 102 ? -2.36123  -5.72971  4.84965   0.000 91.37000  ?  71 ALA A HB1  1 
ATOM   1039 H  HB2  . ALA A 1 102 ? -1.71042  -4.36418  4.36463   0.000 91.37000  ?  71 ALA A HB2  1 
ATOM   1040 H  HB3  . ALA A 1 102 ? -0.87300  -5.36437  5.27149   0.000 91.37000  ?  71 ALA A HB3  1 
ATOM   1041 N  N    . PHE A 1 103 ? -1.36622  -5.45033  8.31948   1.000 71.92000  ?  72 PHE A N    1 
ATOM   1042 C  CA   . PHE A 1 103 ? -1.33155  -6.28770  9.51386   1.000 86.08000  ?  72 PHE A CA   1 
ATOM   1043 C  C    . PHE A 1 103 ? -1.70382  -5.50947  10.79422  1.000 90.36000  ?  72 PHE A C    1 
ATOM   1044 O  O    . PHE A 1 103 ? -1.78737  -6.09842  11.88362  1.000 96.71000  ?  72 PHE A O    1 
ATOM   1045 C  CB   . PHE A 1 103 ? 0.07268   -6.96509  9.63688   1.000 72.29000  ?  72 PHE A CB   1 
ATOM   1046 C  CG   . PHE A 1 103 ? 0.26702   -8.14119  8.68653   1.000 80.30000  ?  72 PHE A CG   1 
ATOM   1047 C  CD1  . PHE A 1 103 ? 0.74984   -7.96953  7.39392   1.000 90.83000  ?  72 PHE A CD1  1 
ATOM   1048 C  CD2  . PHE A 1 103 ? -0.07382  -9.42065  9.08538   1.000 98.47000  ?  72 PHE A CD2  1 
ATOM   1049 C  CE1  . PHE A 1 103 ? 0.87987   -9.05631  6.53747   1.000 94.27000  ?  72 PHE A CE1  1 
ATOM   1050 C  CE2  . PHE A 1 103 ? 0.05461   -10.50689 8.23141   1.000 88.85000  ?  72 PHE A CE2  1 
ATOM   1051 C  CZ   . PHE A 1 103 ? 0.51909   -10.32582 6.96726   1.000 89.66000  ?  72 PHE A CZ   1 
ATOM   1052 H  H    . PHE A 1 103 ? -0.60824  -5.07239  8.16956   0.000 88.08000  ?  72 PHE A H    1 
ATOM   1053 H  HA   . PHE A 1 103 ? -1.98039  -7.00486  9.43184   0.000 105.07000 ?  72 PHE A HA   1 
ATOM   1054 H  HB2  . PHE A 1 103 ? 0.75664   -6.30646  9.43856   0.000 88.53000  ?  72 PHE A HB2  1 
ATOM   1055 H  HB3  . PHE A 1 103 ? 0.18320   -7.29350  10.54308  0.000 88.53000  ?  72 PHE A HB3  1 
ATOM   1056 H  HD1  . PHE A 1 103 ? 0.98878   -7.12042  7.10053   0.000 110.77000 ?  72 PHE A HD1  1 
ATOM   1057 H  HD2  . PHE A 1 103 ? -0.39662  -9.55663  9.94718   0.000 119.94000 ?  72 PHE A HD2  1 
ATOM   1058 H  HE1  . PHE A 1 103 ? 1.20683   -8.93227  5.67611   0.000 114.90000 ?  72 PHE A HE1  1 
ATOM   1059 H  HE2  . PHE A 1 103 ? -0.17755  -11.35800 8.52477   0.000 108.40000 ?  72 PHE A HE2  1 
ATOM   1060 H  HZ   . PHE A 1 103 ? 0.59536   -11.05162 6.39066   0.000 109.37000 ?  72 PHE A HZ   1 
ATOM   1061 N  N    . ALA A 1 104 ? -1.95295  -4.20906  10.69378  1.000 95.99000  ?  73 ALA A N    1 
ATOM   1062 C  CA   . ALA A 1 104 ? -2.56143  -3.44886  11.77611  1.000 88.64000  ?  73 ALA A CA   1 
ATOM   1063 C  C    . ALA A 1 104 ? -4.07405  -3.40896  11.63858  1.000 89.68000  ?  73 ALA A C    1 
ATOM   1064 O  O    . ALA A 1 104 ? -4.78881  -3.37744  12.64054  1.000 90.63000  ?  73 ALA A O    1 
ATOM   1065 C  CB   . ALA A 1 104 ? -2.02893  -2.01565  11.79402  1.000 70.90000  ?  73 ALA A CB   1 
ATOM   1066 H  H    . ALA A 1 104 ? -1.77655  -3.73628  9.99685   0.000 116.97000 ?  73 ALA A H    1 
ATOM   1067 H  HA   . ALA A 1 104 ? -2.32518  -3.85624  12.62455  0.000 108.14000 ?  73 ALA A HA   1 
ATOM   1068 H  HB1  . ALA A 1 104 ? -2.39358  -1.55141  12.56340  0.000 86.85000  ?  73 ALA A HB1  1 
ATOM   1069 H  HB2  . ALA A 1 104 ? -1.06033  -2.03979  11.85062  0.000 86.85000  ?  73 ALA A HB2  1 
ATOM   1070 H  HB3  . ALA A 1 104 ? -2.30085  -1.56756  10.97782  0.000 86.85000  ?  73 ALA A HB3  1 
ATOM   1071 N  N    . LEU A 1 105 ? -4.57393  -3.44685  10.42677  1.000 75.14000  ?  74 LEU A N    1 
ATOM   1072 C  CA   . LEU A 1 105 ? -5.98821  -3.36958  10.21024  1.000 80.15000  ?  74 LEU A CA   1 
ATOM   1073 C  C    . LEU A 1 105 ? -6.62000  -4.73528  10.39666  1.000 82.02000  ?  74 LEU A C    1 
ATOM   1074 O  O    . LEU A 1 105 ? -5.95100  -5.75502  10.58459  1.000 75.68000  ?  74 LEU A O    1 
ATOM   1075 C  CB   . LEU A 1 105 ? -6.26258  -2.83354  8.81077   1.000 95.80000  ?  74 LEU A CB   1 
ATOM   1076 C  CG   . LEU A 1 105 ? -5.65917  -1.45942  8.68406   1.000 95.53000  ?  74 LEU A CG   1 
ATOM   1077 C  CD1  . LEU A 1 105 ? -5.77845  -0.94462  7.23319   1.000 93.88000  ?  74 LEU A CD1  1 
ATOM   1078 C  CD2  . LEU A 1 105 ? -6.30781  -0.51983  9.66874   1.000 90.84000  ?  74 LEU A CD2  1 
ATOM   1079 H  H    . LEU A 1 105 ? -4.10684  -3.51828  9.70806   0.000 91.95000  ?  74 LEU A H    1 
ATOM   1080 H  HA   . LEU A 1 105 ? -6.39028  -2.76493  10.85351  0.000 97.95000  ?  74 LEU A HA   1 
ATOM   1081 H  HB2  . LEU A 1 105 ? -5.86036  -3.41836  8.14997   0.000 116.73000 ?  74 LEU A HB2  1 
ATOM   1082 H  HB3  . LEU A 1 105 ? -7.21887  -2.77469  8.66261   0.000 116.73000 ?  74 LEU A HB3  1 
ATOM   1083 H  HG   . LEU A 1 105 ? -4.71263  -1.49564  8.89237   0.000 116.42000 ?  74 LEU A HG   1 
ATOM   1084 H  HD11 . LEU A 1 105 ? -5.42910  -0.04035  7.18893   0.000 114.43000 ?  74 LEU A HD11 1 
ATOM   1085 H  HD12 . LEU A 1 105 ? -5.26620  -1.52576  6.64861   0.000 114.43000 ?  74 LEU A HD12 1 
ATOM   1086 H  HD13 . LEU A 1 105 ? -6.71235  -0.95191  6.97113   0.000 114.43000 ?  74 LEU A HD13 1 
ATOM   1087 H  HD21 . LEU A 1 105 ? -6.08058  0.39297   9.43134   0.000 110.78000 ?  74 LEU A HD21 1 
ATOM   1088 H  HD22 . LEU A 1 105 ? -7.26971  -0.64133  9.63367   0.000 110.78000 ?  74 LEU A HD22 1 
ATOM   1089 H  HD23 . LEU A 1 105 ? -5.98057  -0.72135  10.55884  0.000 110.78000 ?  74 LEU A HD23 1 
ATOM   1090 N  N    . ASP A 1 106 ? -7.94506  -4.71722  10.36431  1.000 105.19000 ?  75 ASP A N    1 
ATOM   1091 C  CA   . ASP A 1 106 ? -8.76872  -5.90078  10.35462  1.000 93.86000  ?  75 ASP A CA   1 
ATOM   1092 C  C    . ASP A 1 106 ? -9.87406  -5.71972  9.31550   1.000 94.03000  ?  75 ASP A C    1 
ATOM   1093 O  O    . ASP A 1 106 ? -10.95115 -6.31301  9.43232   1.000 102.39000 ?  75 ASP A O    1 
ATOM   1094 C  CB   . ASP A 1 106 ? -9.34663  -6.16091  11.75397  1.000 90.02000  ?  75 ASP A CB   1 
ATOM   1095 C  CG   . ASP A 1 106 ? -9.92848  -7.57682  11.89764  1.000 135.43000 ?  75 ASP A CG   1 
ATOM   1096 O  OD1  . ASP A 1 106 ? -9.35809  -8.48986  11.23294  1.000 130.07000 ?  75 ASP A OD1  1 
ATOM   1097 O  OD2  . ASP A 1 106 ? -10.97426 -7.76765  12.59299  1.000 133.12000 -1 75 ASP A OD2  1 
ATOM   1098 H  H    . ASP A 1 106 ? -8.40870  -3.99246  10.34770  0.000 128.01000 ?  75 ASP A H    1 
ATOM   1099 H  HA   . ASP A 1 106 ? -8.25326  -6.68734  10.11688  0.000 114.41000 ?  75 ASP A HA   1 
ATOM   1100 H  HB2  . ASP A 1 106 ? -8.64115  -6.05830  12.41167  0.000 109.80000 ?  75 ASP A HB2  1 
ATOM   1101 H  HB3  . ASP A 1 106 ? -10.05693 -5.52446  11.92656  0.000 109.80000 ?  75 ASP A HB3  1 
ATOM   1102 N  N    . THR A 1 107 ? -9.65160  -4.89011  8.29471   1.000 68.57000  ?  76 THR A N    1 
ATOM   1103 C  CA   . THR A 1 107 ? -10.69493 -4.78991  7.28417   1.000 81.01000  ?  76 THR A CA   1 
ATOM   1104 C  C    . THR A 1 107 ? -10.72856 -6.07735  6.44088   1.000 90.22000  ?  76 THR A C    1 
ATOM   1105 O  O    . THR A 1 107 ? -9.78768  -6.86449  6.46074   1.000 91.21000  ?  76 THR A O    1 
ATOM   1106 C  CB   . THR A 1 107 ? -10.46931 -3.54277  6.42246   1.000 86.68000  ?  76 THR A CB   1 
ATOM   1107 O  OG1  . THR A 1 107 ? -9.24305  -3.64219  5.68295   1.000 104.28000 ?  76 THR A OG1  1 
ATOM   1108 C  CG2  . THR A 1 107 ? -10.33350 -2.34268  7.31077   1.000 90.29000  ?  76 THR A CG2  1 
ATOM   1109 H  H    . THR A 1 107 ? -8.94963  -4.40724  8.17533   0.000 84.06000  ?  76 THR A H    1 
ATOM   1110 H  HA   . THR A 1 107 ? -11.56792 -4.69290  7.69436   0.000 98.98000  ?  76 THR A HA   1 
ATOM   1111 H  HB   . THR A 1 107 ? -11.21799 -3.45286  5.81350   0.000 105.79000 ?  76 THR A HB   1 
ATOM   1112 H  HG1  . THR A 1 107 ? -9.03570  -2.89132  5.36882   0.000 126.91000 ?  76 THR A HG1  1 
ATOM   1113 H  HG21 . THR A 1 107 ? -10.27272 -1.53762  6.77415   0.000 110.12000 ?  76 THR A HG21 1 
ATOM   1114 H  HG22 . THR A 1 107 ? -11.10410 -2.27448  7.89610   0.000 110.12000 ?  76 THR A HG22 1 
ATOM   1115 H  HG23 . THR A 1 107 ? -9.53225  -2.42077  7.85306   0.000 110.12000 ?  76 THR A HG23 1 
ATOM   1116 N  N    . PRO A 1 108 ? -11.81997 -6.34911  5.73563   1.000 77.10000  ?  77 PRO A N    1 
ATOM   1117 C  CA   . PRO A 1 108 ? -11.77788 -7.38563  4.67722   1.000 85.99000  ?  77 PRO A CA   1 
ATOM   1118 C  C    . PRO A 1 108 ? -10.61157 -7.25197  3.69463   1.000 85.59000  ?  77 PRO A C    1 
ATOM   1119 O  O    . PRO A 1 108 ? -9.93214  -8.24980  3.36674   1.000 88.50000  ?  77 PRO A O    1 
ATOM   1120 C  CB   . PRO A 1 108 ? -13.12719 -7.19185  3.96792   1.000 75.28000  ?  77 PRO A CB   1 
ATOM   1121 C  CG   . PRO A 1 108 ? -14.01386 -6.71521  5.03421   1.000 93.39000  ?  77 PRO A CG   1 
ATOM   1122 C  CD   . PRO A 1 108 ? -13.16104 -5.78763  5.90361   1.000 92.89000  ?  77 PRO A CD   1 
ATOM   1123 H  HA   . PRO A 1 108 ? -11.73361 -8.25746  5.10138   0.000 104.96000 ?  77 PRO A HA   1 
ATOM   1124 H  HB2  . PRO A 1 108 ? -13.04272 -6.53506  3.25991   0.000 92.11000  ?  77 PRO A HB2  1 
ATOM   1125 H  HB3  . PRO A 1 108 ? -13.43797 -8.03563  3.60288   0.000 92.11000  ?  77 PRO A HB3  1 
ATOM   1126 H  HG2  . PRO A 1 108 ? -14.76047 -6.23195  4.64696   0.000 113.84000 ?  77 PRO A HG2  1 
ATOM   1127 H  HG3  . PRO A 1 108 ? -14.33855 -7.46857  5.55144   0.000 113.84000 ?  77 PRO A HG3  1 
ATOM   1128 H  HD2  . PRO A 1 108 ? -13.19990 -4.87425  5.58155   0.000 113.24000 ?  77 PRO A HD2  1 
ATOM   1129 H  HD3  . PRO A 1 108 ? -13.44091 -5.82506  6.83212   0.000 113.24000 ?  77 PRO A HD3  1 
ATOM   1130 N  N    . GLU A 1 109 ? -10.37852 -6.02992  3.19522   1.000 84.29000  ?  78 GLU A N    1 
ATOM   1131 C  CA   . GLU A 1 109 ? -9.34358  -5.79965  2.18548   1.000 79.44000  ?  78 GLU A CA   1 
ATOM   1132 C  C    . GLU A 1 109 ? -7.95208  -6.07328  2.76761   1.000 72.95000  ?  78 GLU A C    1 
ATOM   1133 O  O    . GLU A 1 109 ? -7.13642  -6.79056  2.17491   1.000 66.68000  ?  78 GLU A O    1 
ATOM   1134 C  CB   . GLU A 1 109 ? -9.44623  -4.35919  1.69535   1.000 75.90000  ?  78 GLU A CB   1 
ATOM   1135 C  CG   . GLU A 1 109 ? -10.72957 -4.00829  0.89880   1.000 76.61000  ?  78 GLU A CG   1 
ATOM   1136 C  CD   . GLU A 1 109 ? -11.95026 -3.70720  1.84474   1.000 97.09000  ?  78 GLU A CD   1 
ATOM   1137 O  OE1  . GLU A 1 109 ? -11.77980 -3.63532  3.10281   1.000 94.88000  ?  78 GLU A OE1  1 
ATOM   1138 O  OE2  . GLU A 1 109 ? -13.06768 -3.49950  1.32674   1.000 75.44000  -1 78 GLU A OE2  1 
ATOM   1139 H  H    . GLU A 1 109 ? -10.80675 -5.32015  3.42489   0.000 102.93000 ?  78 GLU A H    1 
ATOM   1140 H  HA   . GLU A 1 109 ? -9.47716  -6.39578  1.43196   0.000 97.11000  ?  78 GLU A HA   1 
ATOM   1141 H  HB2  . GLU A 1 109 ? -9.41778  -3.77155  2.46758   0.000 92.86000  ?  78 GLU A HB2  1 
ATOM   1142 H  HB3  . GLU A 1 109 ? -8.68916  -4.17993  1.11512   0.000 92.86000  ?  78 GLU A HB3  1 
ATOM   1143 H  HG2  . GLU A 1 109 ? -10.56483 -3.22009  0.35790   0.000 93.70000  ?  78 GLU A HG2  1 
ATOM   1144 H  HG3  . GLU A 1 109 ? -10.96615 -4.75807  0.33008   0.000 93.70000  ?  78 GLU A HG3  1 
ATOM   1145 N  N    . ALA A 1 110 ? -7.67339  -5.52224  3.94755   1.000 65.80000  ?  79 ALA A N    1 
ATOM   1146 C  CA   . ALA A 1 110 ? -6.39893  -5.78538  4.60191   1.000 60.72000  ?  79 ALA A CA   1 
ATOM   1147 C  C    . ALA A 1 110 ? -6.20801  -7.26390  4.87297   1.000 78.04000  ?  79 ALA A C    1 
ATOM   1148 O  O    . ALA A 1 110 ? -5.07331  -7.73931  4.99711   1.000 87.83000  ?  79 ALA A O    1 
ATOM   1149 C  CB   . ALA A 1 110 ? -6.30879  -5.01154  5.91655   1.000 72.89000  ?  79 ALA A CB   1 
ATOM   1150 H  H    . ALA A 1 110 ? -8.19831  -4.99867  4.38286   0.000 80.74000  ?  79 ALA A H    1 
ATOM   1151 H  HA   . ALA A 1 110 ? -5.68774  -5.48121  4.01688   0.000 74.64000  ?  79 ALA A HA   1 
ATOM   1152 H  HB1  . ALA A 1 110 ? -5.43060  -5.15164  6.30544   0.000 89.25000  ?  79 ALA A HB1  1 
ATOM   1153 H  HB2  . ALA A 1 110 ? -6.44480  -4.06769  5.73811   0.000 89.25000  ?  79 ALA A HB2  1 
ATOM   1154 H  HB3  . ALA A 1 110 ? -6.99365  -5.33627  6.52183   0.000 89.25000  ?  79 ALA A HB3  1 
ATOM   1155 N  N    . ARG A 1 111 ? -7.30043  -8.00948  5.00340   1.000 82.59000  ?  80 ARG A N    1 
ATOM   1156 C  CA   . ARG A 1 111 ? -7.15885  -9.43835  5.21609   1.000 81.62000  ?  80 ARG A CA   1 
ATOM   1157 C  C    . ARG A 1 111 ? -6.73700  -10.10891 3.93337   1.000 77.65000  ?  80 ARG A C    1 
ATOM   1158 O  O    . ARG A 1 111 ? -5.91271  -11.02125 3.96821   1.000 71.76000  ?  80 ARG A O    1 
ATOM   1159 C  CB   . ARG A 1 111 ? -8.46110  -10.03166 5.72966   1.000 82.43000  ?  80 ARG A CB   1 
ATOM   1160 C  CG   . ARG A 1 111 ? -8.80422  -9.68603  7.16904   1.000 90.92000  ?  80 ARG A CG   1 
ATOM   1161 C  CD   . ARG A 1 111 ? -10.17556 -10.26083 7.55780   1.000 98.68000  ?  80 ARG A CD   1 
ATOM   1162 N  NE   . ARG A 1 111 ? -10.52349 -10.04443 8.95569   1.000 94.02000  ?  80 ARG A NE   1 
ATOM   1163 C  CZ   . ARG A 1 111 ? -11.56789 -10.59369 9.56065   1.000 129.25000 ?  80 ARG A CZ   1 
ATOM   1164 N  NH1  . ARG A 1 111 ? -12.41450 -11.37573 8.90550   1.000 125.78000 ?  80 ARG A NH1  1 
ATOM   1165 N  NH2  . ARG A 1 111 ? -11.78507 -10.32745 10.84815  1.000 128.85000 ?  80 ARG A NH2  1 
ATOM   1166 H  H    . ARG A 1 111 ? -8.10970  -7.71969  4.97356   0.000 100.89000 ?  80 ARG A H    1 
ATOM   1167 H  HA   . ARG A 1 111 ? -6.48320  -9.59873  5.89371   0.000 99.72000  ?  80 ARG A HA   1 
ATOM   1168 H  HB2  . ARG A 1 111 ? -9.18614  -9.70941  5.17243   0.000 100.70000 ?  80 ARG A HB2  1 
ATOM   1169 H  HB3  . ARG A 1 111 ? -8.40180  -10.99841 5.67004   0.000 100.70000 ?  80 ARG A HB3  1 
ATOM   1170 H  HG2  . ARG A 1 111 ? -8.13482  -10.06122 7.76119   0.000 110.88000 ?  80 ARG A HG2  1 
ATOM   1171 H  HG3  . ARG A 1 111 ? -8.83516  -8.72119  7.27157   0.000 110.88000 ?  80 ARG A HG3  1 
ATOM   1172 H  HD2  . ARG A 1 111 ? -10.85785 -9.83738  7.01456   0.000 120.19000 ?  80 ARG A HD2  1 
ATOM   1173 H  HD3  . ARG A 1 111 ? -10.17047 -11.21700 7.39921   0.000 120.19000 ?  80 ARG A HD3  1 
ATOM   1174 H  HE   . ARG A 1 111 ? -10.01696 -9.52580  9.41984   0.000 114.60000 ?  80 ARG A HE   1 
ATOM   1175 H  HH11 . ARG A 1 111 ? -12.29218 -11.53687 8.06985   0.000 152.71000 ?  80 ARG A HH11 1 
ATOM   1176 H  HH12 . ARG A 1 111 ? -13.08619 -11.72257 9.31601   0.000 152.71000 ?  80 ARG A HH12 1 
ATOM   1177 H  HH21 . ARG A 1 111 ? -11.25026 -9.80637  11.27556  0.000 156.39000 ?  80 ARG A HH21 1 
ATOM   1178 H  HH22 . ARG A 1 111 ? -12.45890 -10.67796 11.25203  0.000 156.39000 ?  80 ARG A HH22 1 
ATOM   1179 N  N    . ARG A 1 112 ? -7.27977  -9.68746  2.78738   1.000 57.12000  ?  81 ARG A N    1 
ATOM   1180 C  CA   . ARG A 1 112 ? -6.73247  -10.23664 1.54703   1.000 68.04000  ?  81 ARG A CA   1 
ATOM   1181 C  C    . ARG A 1 112 ? -5.20779  -10.01145 1.53659   1.000 79.38000  ?  81 ARG A C    1 
ATOM   1182 O  O    . ARG A 1 112 ? -4.42786  -10.95759 1.34089   1.000 86.25000  ?  81 ARG A O    1 
ATOM   1183 C  CB   . ARG A 1 112 ? -7.37085  -9.60044  0.31435   1.000 59.88000  ?  81 ARG A CB   1 
ATOM   1184 C  CG   . ARG A 1 112 ? -8.81463  -9.89464  -0.00842  1.000 50.40000  ?  81 ARG A CG   1 
ATOM   1185 C  CD   . ARG A 1 112 ? -9.06721  -9.05300  -1.27049  1.000 104.96000 ?  81 ARG A CD   1 
ATOM   1186 N  NE   . ARG A 1 112 ? -10.40474 -9.10689  -1.86622  1.000 130.22000 ?  81 ARG A NE   1 
ATOM   1187 C  CZ   . ARG A 1 112 ? -10.82519 -8.32562  -2.87259  1.000 138.98000 ?  81 ARG A CZ   1 
ATOM   1188 N  NH1  . ARG A 1 112 ? -10.01869 -7.45420  -3.47011  1.000 134.94000 ?  81 ARG A NH1  1 
ATOM   1189 N  NH2  . ARG A 1 112 ? -12.10191 -8.39313  -3.27006  1.000 111.84000 ?  81 ARG A NH2  1 
ATOM   1190 H  H    . ARG A 1 112 ? -7.92248  -9.12135  2.70677   0.000 70.31000  ?  81 ARG A H    1 
ATOM   1191 H  HA   . ARG A 1 112 ? -6.93791  -11.18358 1.50106   0.000 83.42000  ?  81 ARG A HA   1 
ATOM   1192 H  HB2  . ARG A 1 112 ? -7.30626  -8.63909  0.41877   0.000 73.63000  ?  81 ARG A HB2  1 
ATOM   1193 H  HB3  . ARG A 1 112 ? -6.85600  -9.88641  -0.45746  0.000 73.63000  ?  81 ARG A HB3  1 
ATOM   1194 H  HG2  . ARG A 1 112 ? -8.94919  -10.83657 -0.19607  0.000 62.26000  ?  81 ARG A HG2  1 
ATOM   1195 H  HG3  . ARG A 1 112 ? -9.40097  -9.61243  0.71085   0.000 62.26000  ?  81 ARG A HG3  1 
ATOM   1196 H  HD2  . ARG A 1 112 ? -8.89839  -8.12492  -1.04684  0.000 127.73000 ?  81 ARG A HD2  1 
ATOM   1197 H  HD3  . ARG A 1 112 ? -8.44526  -9.34894  -1.95411  0.000 127.73000 ?  81 ARG A HD3  1 
ATOM   1198 H  HE   . ARG A 1 112 ? -10.96131 -9.68074  -1.54733  0.000 158.04000 ?  81 ARG A HE   1 
ATOM   1199 H  HH11 . ARG A 1 112 ? -9.20114  -7.37876  -3.21327  0.000 163.71000 ?  81 ARG A HH11 1 
ATOM   1200 H  HH12 . ARG A 1 112 ? -10.31397 -6.96624  -4.11288  0.000 163.71000 ?  81 ARG A HH12 1 
ATOM   1201 H  HH21 . ARG A 1 112 ? -12.64528 -8.93363  -2.88098  0.000 135.98000 ?  81 ARG A HH21 1 
ATOM   1202 H  HH22 . ARG A 1 112 ? -12.37813 -7.89491  -3.91486  0.000 135.98000 ?  81 ARG A HH22 1 
ATOM   1203 N  N    . TRP A 1 113 ? -4.76146  -8.76533  1.79978   1.000 66.93000  ?  82 TRP A N    1 
ATOM   1204 C  CA   . TRP A 1 113 ? -3.31866  -8.51051  1.80387   1.000 63.27000  ?  82 TRP A CA   1 
ATOM   1205 C  C    . TRP A 1 113 ? -2.61593  -9.47352  2.74761   1.000 60.41000  ?  82 TRP A C    1 
ATOM   1206 O  O    . TRP A 1 113 ? -1.61835  -10.10003 2.37587   1.000 82.53000  ?  82 TRP A O    1 
ATOM   1207 C  CB   . TRP A 1 113 ? -2.99497  -7.03166  2.11266   1.000 61.90000  ?  82 TRP A CB   1 
ATOM   1208 C  CG   . TRP A 1 113 ? -3.36223  -6.21725  0.85999   1.000 52.40000  ?  82 TRP A CG   1 
ATOM   1209 C  CD1  . TRP A 1 113 ? -4.51722  -5.55243  0.66698   1.000 61.64000  ?  82 TRP A CD1  1 
ATOM   1210 C  CD2  . TRP A 1 113 ? -2.58891  -6.00874  -0.34521  1.000 59.45000  ?  82 TRP A CD2  1 
ATOM   1211 N  NE1  . TRP A 1 113 ? -4.56302  -4.99347  -0.59248  1.000 53.63000  ?  82 TRP A NE1  1 
ATOM   1212 C  CE2  . TRP A 1 113 ? -3.38208  -5.24175  -1.22475  1.000 57.12000  ?  82 TRP A CE2  1 
ATOM   1213 C  CE3  . TRP A 1 113 ? -1.32317  -6.41334  -0.77743  1.000 63.48000  ?  82 TRP A CE3  1 
ATOM   1214 C  CZ2  . TRP A 1 113 ? -2.94104  -4.84441  -2.48217  1.000 61.45000  ?  82 TRP A CZ2  1 
ATOM   1215 C  CZ3  . TRP A 1 113 ? -0.89463  -6.01795  -2.06911  1.000 50.62000  ?  82 TRP A CZ3  1 
ATOM   1216 C  CH2  . TRP A 1 113 ? -1.69985  -5.24774  -2.88453  1.000 51.83000  ?  82 TRP A CH2  1 
ATOM   1217 H  H    . TRP A 1 113 ? -5.25703  -8.08325  1.97028   0.000 82.09000  ?  82 TRP A H    1 
ATOM   1218 H  HA   . TRP A 1 113 ? -2.96888  -8.65815  0.91117   0.000 77.70000  ?  82 TRP A HA   1 
ATOM   1219 H  HB2  . TRP A 1 113 ? -3.52052  -6.72162  2.86629   0.000 76.06000  ?  82 TRP A HB2  1 
ATOM   1220 H  HB3  . TRP A 1 113 ? -2.04908  -6.92574  2.30169   0.000 76.06000  ?  82 TRP A HB3  1 
ATOM   1221 H  HD1  . TRP A 1 113 ? -5.19574  -5.47950  1.29979   0.000 75.74000  ?  82 TRP A HD1  1 
ATOM   1222 H  HE1  . TRP A 1 113 ? -5.22859  -4.56030  -0.92381  0.000 66.14000  ?  82 TRP A HE1  1 
ATOM   1223 H  HE3  . TRP A 1 113 ? -0.77603  -6.92970  -0.23096  0.000 77.95000  ?  82 TRP A HE3  1 
ATOM   1224 H  HZ2  . TRP A 1 113 ? -3.47478  -4.31851  -3.03296  0.000 75.51000  ?  82 TRP A HZ2  1 
ATOM   1225 H  HZ3  . TRP A 1 113 ? -0.05579  -6.28103  -2.37199  0.000 62.52000  ?  82 TRP A HZ3  1 
ATOM   1226 H  HH2  . TRP A 1 113 ? -1.39077  -4.99913  -3.72527  0.000 63.97000  ?  82 TRP A HH2  1 
ATOM   1227 N  N    . GLN A 1 114 ? -3.16284  -9.68366  3.93105   1.000 71.29000  ?  83 GLN A N    1 
ATOM   1228 C  CA   . GLN A 1 114 ? -2.47840  -10.53660 4.89709   1.000 77.75000  ?  83 GLN A CA   1 
ATOM   1229 C  C    . GLN A 1 114 ? -2.40416  -11.96462 4.39716   1.000 68.79000  ?  83 GLN A C    1 
ATOM   1230 O  O    . GLN A 1 114 ? -1.38100  -12.64037 4.56801   1.000 64.68000  ?  83 GLN A O    1 
ATOM   1231 C  CB   . GLN A 1 114 ? -3.22699  -10.52743 6.20872   1.000 78.18000  ?  83 GLN A CB   1 
ATOM   1232 C  CG   . GLN A 1 114 ? -3.22212  -9.22719  6.89155   1.000 90.89000  ?  83 GLN A CG   1 
ATOM   1233 C  CD   . GLN A 1 114 ? -4.03104  -9.27824  8.12295   1.000 86.60000  ?  83 GLN A CD   1 
ATOM   1234 O  OE1  . GLN A 1 114 ? -4.32081  -10.36443 8.60821   1.000 108.89000 ?  83 GLN A OE1  1 
ATOM   1235 N  NE2  . GLN A 1 114 ? -4.54041  -8.13744  8.55601   1.000 91.01000  ?  83 GLN A NE2  1 
ATOM   1236 H  H    . GLN A 1 114 ? -3.91146  -9.35528  4.19806   0.000 87.33000  ?  83 GLN A H    1 
ATOM   1237 H  HA   . GLN A 1 114 ? -1.58200  -10.18987 5.03318   0.000 95.08000  ?  83 GLN A HA   1 
ATOM   1238 H  HB2  . GLN A 1 114 ? -4.15020  -10.76975 6.04105   0.000 95.60000  ?  83 GLN A HB2  1 
ATOM   1239 H  HB3  . GLN A 1 114 ? -2.81700  -11.17522 6.80424   0.000 95.60000  ?  83 GLN A HB3  1 
ATOM   1240 H  HG2  . GLN A 1 114 ? -2.31276  -8.99041  7.13012   0.000 110.84000 ?  83 GLN A HG2  1 
ATOM   1241 H  HG3  . GLN A 1 114 ? -3.59727  -8.55221  6.30411   0.000 110.84000 ?  83 GLN A HG3  1 
ATOM   1242 H  HE21 . GLN A 1 114 ? -4.39379  -7.40951  8.12301   0.000 110.98000 ?  83 GLN A HE21 1 
ATOM   1243 H  HE22 . GLN A 1 114 ? -5.01864  -8.12401  9.27049   0.000 110.98000 ?  83 GLN A HE22 1 
ATOM   1244 N  N    . LYS A 1 115 ? -3.50371  -12.45450 3.84063   1.000 57.79000  ?  84 LYS A N    1 
ATOM   1245 C  CA   . LYS A 1 115 ? -3.57377  -13.84125 3.33421   1.000 70.99000  ?  84 LYS A CA   1 
ATOM   1246 C  C    . LYS A 1 115 ? -2.49261  -13.98508 2.28457   1.000 82.16000  ?  84 LYS A C    1 
ATOM   1247 O  O    . LYS A 1 115 ? -1.91564  -15.03982 2.24172   1.000 73.02000  ?  84 LYS A O    1 
ATOM   1248 C  CB   . LYS A 1 115 ? -4.94254  -14.12023 2.71898   1.000 76.27000  ?  84 LYS A CB   1 
ATOM   1249 C  CG   . LYS A 1 115 ? -5.17416  -15.53626 2.21877   1.000 79.58000  ?  84 LYS A CG   1 
ATOM   1250 C  CD   . LYS A 1 115 ? -6.59819  -15.74472 1.76424   1.000 61.15000  ?  84 LYS A CD   1 
ATOM   1251 C  CE   . LYS A 1 115 ? -6.97296  -17.19984 1.59879   1.000 73.03000  ?  84 LYS A CE   1 
ATOM   1252 N  NZ   . LYS A 1 115 ? -6.62189  -17.70143 0.25175   1.000 114.83000 ?  84 LYS A NZ   1 
ATOM   1253 H  H    . LYS A 1 115 ? -4.26495  -11.97317 3.71777   0.000 71.12000  ?  84 LYS A H    1 
ATOM   1254 H  HA   . LYS A 1 115 ? -3.40405  -14.46861 4.07274   0.000 86.97000  ?  84 LYS A HA   1 
ATOM   1255 H  HB2  . LYS A 1 115 ? -5.62550  -13.91438 3.39014   0.000 93.30000  ?  84 LYS A HB2  1 
ATOM   1256 H  HB3  . LYS A 1 115 ? -5.07104  -13.50442 1.96843   0.000 93.30000  ?  84 LYS A HB3  1 
ATOM   1257 H  HG2  . LYS A 1 115 ? -4.56682  -15.71640 1.47025   0.000 97.27000  ?  84 LYS A HG2  1 
ATOM   1258 H  HG3  . LYS A 1 115 ? -4.96700  -16.16834 2.93893   0.000 97.27000  ?  84 LYS A HG3  1 
ATOM   1259 H  HD2  . LYS A 1 115 ? -7.20248  -15.33447 2.41863   0.000 75.16000  ?  84 LYS A HD2  1 
ATOM   1260 H  HD3  . LYS A 1 115 ? -6.72734  -15.28621 0.90842   0.000 75.16000  ?  84 LYS A HD3  1 
ATOM   1261 H  HE2  . LYS A 1 115 ? -6.50770  -17.73479 2.26828   0.000 89.41000  ?  84 LYS A HE2  1 
ATOM   1262 H  HE3  . LYS A 1 115 ? -7.93296  -17.30782 1.73743   0.000 89.41000  ?  84 LYS A HE3  1 
ATOM   1263 H  HZ1  . LYS A 1 115 ? -6.87625  -18.56696 0.16858   0.000 139.57000 ?  84 LYS A HZ1  1 
ATOM   1264 H  HZ2  . LYS A 1 115 ? -7.04138  -17.20441 -0.37996  0.000 139.57000 ?  84 LYS A HZ2  1 
ATOM   1265 H  HZ3  . LYS A 1 115 ? -5.72766  -17.64094 0.12822   0.000 139.57000 ?  84 LYS A HZ3  1 
ATOM   1266 N  N    . ARG A 1 116 ? -2.30994  -12.97982 1.43938   1.000 86.47000  ?  85 ARG A N    1 
ATOM   1267 C  CA   . ARG A 1 116 ? -1.29206  -12.96653 0.41389   1.000 70.19000  ?  85 ARG A CA   1 
ATOM   1268 C  C    . ARG A 1 116 ? 0.07875   -13.07921 1.06617   1.000 62.15000  ?  85 ARG A C    1 
ATOM   1269 O  O    . ARG A 1 116 ? 0.92778   -13.85825 0.62579   1.000 68.25000  ?  85 ARG A O    1 
ATOM   1270 C  CB   . ARG A 1 116 ? -1.46116  -11.68886 -0.40542  1.000 64.09000  ?  85 ARG A CB   1 
ATOM   1271 C  CG   . ARG A 1 116 ? -0.60804  -11.60584 -1.59714  1.000 84.66000  ?  85 ARG A CG   1 
ATOM   1272 C  CD   . ARG A 1 116 ? -1.00615  -12.65827 -2.61543  1.000 84.49000  ?  85 ARG A CD   1 
ATOM   1273 N  NE   . ARG A 1 116 ? -0.31521  -12.47679 -3.89207  1.000 96.35000  ?  85 ARG A NE   1 
ATOM   1274 C  CZ   . ARG A 1 116 ? -0.26427  -13.40647 -4.83739  1.000 114.18000 ?  85 ARG A CZ   1 
ATOM   1275 N  NH1  . ARG A 1 116 ? -0.82040  -14.59689 -4.64762  1.000 120.08000 ?  85 ARG A NH1  1 
ATOM   1276 N  NH2  . ARG A 1 116 ? 0.38678   -13.15090 -5.98291  1.000 100.90000 ?  85 ARG A NH2  1 
ATOM   1277 H  H    . ARG A 1 116 ? -2.85537  -12.31592 1.40022   0.000 105.54000 ?  85 ARG A H    1 
ATOM   1278 H  HA   . ARG A 1 116 ? -1.37631  -13.71087 -0.20172  0.000 86.00000  ?  85 ARG A HA   1 
ATOM   1279 H  HB2  . ARG A 1 116 ? -2.38281  -11.63386 -0.70218  0.000 78.69000  ?  85 ARG A HB2  1 
ATOM   1280 H  HB3  . ARG A 1 116 ? -1.24909  -10.92965 0.15995   0.000 78.69000  ?  85 ARG A HB3  1 
ATOM   1281 H  HG2  . ARG A 1 116 ? -0.70308  -10.73096 -2.00390  0.000 103.36000 ?  85 ARG A HG2  1 
ATOM   1282 H  HG3  . ARG A 1 116 ? 0.31665   -11.75525 -1.34438  0.000 103.36000 ?  85 ARG A HG3  1 
ATOM   1283 H  HD2  . ARG A 1 116 ? -0.78040  -13.53683 -2.27115  0.000 103.16000 ?  85 ARG A HD2  1 
ATOM   1284 H  HD3  . ARG A 1 116 ? -1.96070  -12.60030 -2.77679  0.000 103.16000 ?  85 ARG A HD3  1 
ATOM   1285 H  HE   . ARG A 1 116 ? 0.08069   -11.72727 -4.03712  0.000 117.40000 ?  85 ARG A HE   1 
ATOM   1286 H  HH11 . ARG A 1 116 ? -1.21880  -14.77275 -3.90573  0.000 145.87000 ?  85 ARG A HH11 1 
ATOM   1287 H  HH12 . ARG A 1 116 ? -0.78271  -15.19295 -5.26648  0.000 145.87000 ?  85 ARG A HH12 1 
ATOM   1288 H  HH21 . ARG A 1 116 ? 0.76686   -12.38842 -6.09985  0.000 122.85000 ?  85 ARG A HH21 1 
ATOM   1289 H  HH22 . ARG A 1 116 ? 0.42291   -13.74878 -6.59996  0.000 122.85000 ?  85 ARG A HH22 1 
ATOM   1290 N  N    . ALA A 1 117 ? 0.29573   -12.36316 2.16189   1.000 49.81000  ?  86 ALA A N    1 
ATOM   1291 C  CA   . ALA A 1 117 ? 1.59116   -12.48761 2.81650   1.000 52.57000  ?  86 ALA A CA   1 
ATOM   1292 C  C    . ALA A 1 117 ? 1.80881   -13.92000 3.27500   1.000 63.99000  ?  86 ALA A C    1 
ATOM   1293 O  O    . ALA A 1 117 ? 2.92762   -14.45137 3.17970   1.000 77.06000  ?  86 ALA A O    1 
ATOM   1294 C  CB   . ALA A 1 117 ? 1.72128   -11.54004 3.99568   1.000 55.02000  ?  86 ALA A CB   1 
ATOM   1295 H  H    . ALA A 1 117 ? -0.26310  -11.82207 2.53038   0.000 61.55000  ?  86 ALA A H    1 
ATOM   1296 H  HA   . ALA A 1 117 ? 2.27835   -12.23832 2.17956   0.000 64.85000  ?  86 ALA A HA   1 
ATOM   1297 H  HB1  . ALA A 1 117 ? 2.59247   -11.66108 4.40372   0.000 67.80000  ?  86 ALA A HB1  1 
ATOM   1298 H  HB2  . ALA A 1 117 ? 1.62763   -10.62810 3.67973   0.000 67.80000  ?  86 ALA A HB2  1 
ATOM   1299 H  HB3  . ALA A 1 117 ? 1.02394   -11.73966 4.63944   0.000 67.80000  ?  86 ALA A HB3  1 
ATOM   1300 N  N    . ARG A 1 118 ? 0.73567   -14.58113 3.73699   1.000 69.15000  ?  87 ARG A N    1 
ATOM   1301 C  CA   . ARG A 1 118 ? 0.88965   -15.95400 4.24792   1.000 72.54000  ?  87 ARG A CA   1 
ATOM   1302 C  C    . ARG A 1 118 ? 1.17931   -16.94225 3.10399   1.000 76.46000  ?  87 ARG A C    1 
ATOM   1303 O  O    . ARG A 1 118 ? 2.08013   -17.79340 3.21963   1.000 54.83000  ?  87 ARG A O    1 
ATOM   1304 C  CB   . ARG A 1 118 ? -0.34717  -16.36311 5.07205   1.000 53.03000  ?  87 ARG A CB   1 
ATOM   1305 C  CG   . ARG A 1 118 ? -0.50048  -15.58454 6.41735   1.000 77.16000  ?  87 ARG A CG   1 
ATOM   1306 C  CD   . ARG A 1 118 ? -1.47730  -16.23827 7.38989   1.000 80.03000  ?  87 ARG A CD   1 
ATOM   1307 N  NE   . ARG A 1 118 ? -2.76704  -16.41395 6.72087   1.000 75.97000  ?  87 ARG A NE   1 
ATOM   1308 C  CZ   . ARG A 1 118 ? -3.75477  -15.52852 6.67478   1.000 81.25000  ?  87 ARG A CZ   1 
ATOM   1309 N  NH1  . ARG A 1 118 ? -3.67023  -14.36693 7.31581   1.000 87.20000  ?  87 ARG A NH1  1 
ATOM   1310 N  NH2  . ARG A 1 118 ? -4.83711  -15.80102 5.93683   1.000 68.75000  ?  87 ARG A NH2  1 
ATOM   1311 H  H    . ARG A 1 118 ? -0.06531  -14.26893 3.76326   0.000 84.76000  ?  87 ARG A H    1 
ATOM   1312 H  HA   . ARG A 1 118 ? 1.64737   -15.98695 4.85272   0.000 88.82000  ?  87 ARG A HA   1 
ATOM   1313 H  HB2  . ARG A 1 118 ? -1.14236  -16.19633 4.54216   0.000 65.42000  ?  87 ARG A HB2  1 
ATOM   1314 H  HB3  . ARG A 1 118 ? -0.28080  -17.30719 5.28425   0.000 65.42000  ?  87 ARG A HB3  1 
ATOM   1315 H  HG2  . ARG A 1 118 ? 0.36440   -15.53721 6.85240   0.000 94.37000  ?  87 ARG A HG2  1 
ATOM   1316 H  HG3  . ARG A 1 118 ? -0.82590  -14.69075 6.22685   0.000 94.37000  ?  87 ARG A HG3  1 
ATOM   1317 H  HD2  . ARG A 1 118 ? -1.14079  -17.10705 7.66194   0.000 97.82000  ?  87 ARG A HD2  1 
ATOM   1318 H  HD3  . ARG A 1 118 ? -1.59882  -15.67152 8.16793   0.000 97.82000  ?  87 ARG A HD3  1 
ATOM   1319 H  HE   . ARG A 1 118 ? -2.89754  -17.16278 6.31835   0.000 92.93000  ?  87 ARG A HE   1 
ATOM   1320 H  HH11 . ARG A 1 118 ? -2.96594  -14.17713 7.77108   0.000 106.41000 ?  87 ARG A HH11 1 
ATOM   1321 H  HH12 . ARG A 1 118 ? -4.31965  -13.80467 7.27527   0.000 106.41000 ?  87 ARG A HH12 1 
ATOM   1322 H  HH21 . ARG A 1 118 ? -4.88454  -16.54155 5.50140   0.000 84.28000  ?  87 ARG A HH21 1 
ATOM   1323 H  HH22 . ARG A 1 118 ? -5.48421  -15.23691 5.89737   0.000 84.28000  ?  87 ARG A HH22 1 
ATOM   1324 N  N    . GLU A 1 119 ? 0.46357   -16.78886 1.97621   1.000 60.63000  ?  88 GLU A N    1 
ATOM   1325 C  CA   . GLU A 1 119 ? 0.70362   -17.59596 0.78017   1.000 45.19000  ?  88 GLU A CA   1 
ATOM   1326 C  C    . GLU A 1 119 ? 2.13337   -17.42108 0.25492   1.000 58.09000  ?  88 GLU A C    1 
ATOM   1327 O  O    . GLU A 1 119 ? 2.78872   -18.38334 -0.15191  1.000 64.88000  ?  88 GLU A O    1 
ATOM   1328 C  CB   . GLU A 1 119 ? -0.31253  -17.19648 -0.25868  1.000 49.20000  ?  88 GLU A CB   1 
ATOM   1329 C  CG   . GLU A 1 119 ? -1.68967  -17.58671 0.12846   1.000 77.38000  ?  88 GLU A CG   1 
ATOM   1330 C  CD   . GLU A 1 119 ? -2.74431  -16.95674 -0.78583  1.000 90.38000  ?  88 GLU A CD   1 
ATOM   1331 O  OE1  . GLU A 1 119 ? -2.40585  -16.11460 -1.66557  1.000 89.76000  ?  88 GLU A OE1  1 
ATOM   1332 O  OE2  . GLU A 1 119 ? -3.91047  -17.34149 -0.62430  1.000 88.12000  -1 88 GLU A OE2  1 
ATOM   1333 H  H    . GLU A 1 119 ? -0.17166  -16.21766 1.88117   0.000 74.54000  ?  88 GLU A H    1 
ATOM   1334 H  HA   . GLU A 1 119 ? 0.59700   -18.53827 0.98566   0.000 56.00000  ?  88 GLU A HA   1 
ATOM   1335 H  HB2  . GLU A 1 119 ? -0.29081  -16.23342 -0.37223  0.000 60.82000  ?  88 GLU A HB2  1 
ATOM   1336 H  HB3  . GLU A 1 119 ? -0.09797  -17.63422 -1.09797  0.000 60.82000  ?  88 GLU A HB3  1 
ATOM   1337 H  HG2  . GLU A 1 119 ? -1.77606  -18.55122 0.07116   0.000 94.64000  ?  88 GLU A HG2  1 
ATOM   1338 H  HG3  . GLU A 1 119 ? -1.86105  -17.29253 1.03656   0.000 94.64000  ?  88 GLU A HG3  1 
ATOM   1339 N  N    . LEU A 1 120 ? 2.65020   -16.21058 0.25197   1.000 55.05000  ?  89 LEU A N    1 
ATOM   1340 C  CA   . LEU A 1 120 ? 4.01985   -16.09003 -0.18892  1.000 50.50000  ?  89 LEU A CA   1 
ATOM   1341 C  C    . LEU A 1 120 ? 4.95215   -16.83273 0.74239   1.000 65.67000  ?  89 LEU A C    1 
ATOM   1342 O  O    . LEU A 1 120 ? 5.93034   -17.41239 0.27173   1.000 68.25000  ?  89 LEU A O    1 
ATOM   1343 C  CB   . LEU A 1 120 ? 4.44077   -14.63688 -0.30055  1.000 58.46000  ?  89 LEU A CB   1 
ATOM   1344 C  CG   . LEU A 1 120 ? 3.79212   -13.86400 -1.42930  1.000 61.56000  ?  89 LEU A CG   1 
ATOM   1345 C  CD1  . LEU A 1 120 ? 4.14794   -12.38495 -1.27160  1.000 67.18000  ?  89 LEU A CD1  1 
ATOM   1346 C  CD2  . LEU A 1 120 ? 4.24737   -14.40771 -2.78586  1.000 31.78000  ?  89 LEU A CD2  1 
ATOM   1347 H  H    . LEU A 1 120 ? 2.25294   -15.48577 0.48746   0.000 67.83000  ?  89 LEU A H    1 
ATOM   1348 H  HA   . LEU A 1 120 ? 4.08329   -16.47603 -1.07647  0.000 62.38000  ?  89 LEU A HA   1 
ATOM   1349 H  HB2  . LEU A 1 120 ? 4.21355   -14.18786 0.52812   0.000 71.93000  ?  89 LEU A HB2  1 
ATOM   1350 H  HB3  . LEU A 1 120 ? 5.40074   -14.60674 -0.44160  0.000 71.93000  ?  89 LEU A HB3  1 
ATOM   1351 H  HG   . LEU A 1 120 ? 2.82756   -13.96086 -1.39885  0.000 75.65000  ?  89 LEU A HG   1 
ATOM   1352 H  HD11 . LEU A 1 120 ? 3.71928   -11.87991 -1.97992  0.000 82.39000  ?  89 LEU A HD11 1 
ATOM   1353 H  HD12 . LEU A 1 120 ? 3.83413   -12.07473 -0.40806  0.000 82.39000  ?  89 LEU A HD12 1 
ATOM   1354 H  HD13 . LEU A 1 120 ? 5.11125   -12.28388 -1.33037  0.000 82.39000  ?  89 LEU A HD13 1 
ATOM   1355 H  HD21 . LEU A 1 120 ? 3.92538   -13.81860 -3.48603  0.000 39.92000  ?  89 LEU A HD21 1 
ATOM   1356 H  HD22 . LEU A 1 120 ? 5.21669   -14.44238 -2.80271  0.000 39.92000  ?  89 LEU A HD22 1 
ATOM   1357 H  HD23 . LEU A 1 120 ? 3.88141   -15.29684 -2.90804  0.000 39.92000  ?  89 LEU A HD23 1 
ATOM   1358 N  N    . LEU A 1 121 ? 4.70115   -16.79622 2.07143   1.000 62.50000  ?  90 LEU A N    1 
ATOM   1359 C  CA   . LEU A 1 121 ? 5.55827   -17.57126 2.98187   1.000 59.39000  ?  90 LEU A CA   1 
ATOM   1360 C  C    . LEU A 1 121 ? 5.46027   -19.06174 2.65060   1.000 65.56000  ?  90 LEU A C    1 
ATOM   1361 O  O    . LEU A 1 121 ? 6.46776   -19.77659 2.53073   1.000 59.05000  ?  90 LEU A O    1 
ATOM   1362 C  CB   . LEU A 1 121 ? 5.17856   -17.35465 4.44874   1.000 47.24000  ?  90 LEU A CB   1 
ATOM   1363 C  CG   . LEU A 1 121 ? 6.06708   -18.11241 5.44825   1.000 47.26000  ?  90 LEU A CG   1 
ATOM   1364 C  CD1  . LEU A 1 121 ? 7.62464   -17.65280 5.36923   1.000 56.20000  ?  90 LEU A CD1  1 
ATOM   1365 C  CD2  . LEU A 1 121 ? 5.51701   -18.04976 6.84120   1.000 50.93000  ?  90 LEU A CD2  1 
ATOM   1366 H  H    . LEU A 1 121 ? 4.06909   -16.35104 2.44867   0.000 76.78000  ?  90 LEU A H    1 
ATOM   1367 H  HA   . LEU A 1 121 ? 6.46950   -17.25778 2.86983   0.000 73.04000  ?  90 LEU A HA   1 
ATOM   1368 H  HB2  . LEU A 1 121 ? 5.24807   -16.40806 4.65028   0.000 58.46000  ?  90 LEU A HB2  1 
ATOM   1369 H  HB3  . LEU A 1 121 ? 4.26514   -17.65479 4.57944   0.000 58.46000  ?  90 LEU A HB3  1 
ATOM   1370 H  HG   . LEU A 1 121 ? 6.05972   -19.04835 5.19375   0.000 58.48000  ?  90 LEU A HG   1 
ATOM   1371 H  HD11 . LEU A 1 121 ? 8.11184   -18.06076 6.10263   0.000 69.21000  ?  90 LEU A HD11 1 
ATOM   1372 H  HD12 . LEU A 1 121 ? 7.99681   -17.94373 4.52219   0.000 69.21000  ?  90 LEU A HD12 1 
ATOM   1373 H  HD13 . LEU A 1 121 ? 7.67318   -16.68636 5.43677   0.000 69.21000  ?  90 LEU A HD13 1 
ATOM   1374 H  HD21 . LEU A 1 121 ? 6.06197   -18.60312 7.42215   0.000 62.89000  ?  90 LEU A HD21 1 
ATOM   1375 H  HD22 . LEU A 1 121 ? 5.53669   -17.12935 7.14815   0.000 62.89000  ?  90 LEU A HD22 1 
ATOM   1376 H  HD23 . LEU A 1 121 ? 4.60360   -18.37546 6.83472   0.000 62.89000  ?  90 LEU A HD23 1 
ATOM   1377 N  N    . ALA A 1 122 ? 4.24876   -19.54150 2.45032   1.000 54.54000  ?  91 ALA A N    1 
ATOM   1378 C  CA   . ALA A 1 122 ? 4.09235   -20.94413 2.10942   1.000 61.94000  ?  91 ALA A CA   1 
ATOM   1379 C  C    . ALA A 1 122 ? 4.88932   -21.29030 0.85160   1.000 58.28000  ?  91 ALA A C    1 
ATOM   1380 O  O    . ALA A 1 122 ? 5.66841   -22.25008 0.84584   1.000 78.80000  ?  91 ALA A O    1 
ATOM   1381 C  CB   . ALA A 1 122 ? 2.59680   -21.26614 1.96497   1.000 57.06000  ?  91 ALA A CB   1 
ATOM   1382 H  H    . ALA A 1 122 ? 3.51906   -19.09086 2.50329   0.000 67.23000  ?  91 ALA A H    1 
ATOM   1383 H  HA   . ALA A 1 122 ? 4.44004   -21.50267 2.82314   0.000 76.11000  ?  91 ALA A HA   1 
ATOM   1384 H  HB1  . ALA A 1 122 ? 2.49630   -22.19968 1.72004   0.000 70.25000  ?  91 ALA A HB1  1 
ATOM   1385 H  HB2  . ALA A 1 122 ? 2.15347   -21.09757 2.81092   0.000 70.25000  ?  91 ALA A HB2  1 
ATOM   1386 H  HB3  . ALA A 1 122 ? 2.21777   -20.70025 1.27420   0.000 70.25000  ?  91 ALA A HB3  1 
ATOM   1387 N  N    . ARG A 1 123 ? 4.77356   -20.47616 -0.19888  1.000 71.20000  ?  92 ARG A N    1 
ATOM   1388 C  CA   . ARG A 1 123 ? 5.46860   -20.78713 -1.44664  1.000 72.99000  ?  92 ARG A CA   1 
ATOM   1389 C  C    . ARG A 1 123 ? 6.98709   -20.66248 -1.30973  1.000 81.92000  ?  92 ARG A C    1 
ATOM   1390 O  O    . ARG A 1 123 ? 7.71636   -21.49110 -1.84316  1.000 81.63000  ?  92 ARG A O    1 
ATOM   1391 C  CB   . ARG A 1 123 ? 4.96639   -19.89469 -2.56263  1.000 65.51000  ?  92 ARG A CB   1 
ATOM   1392 C  CG   . ARG A 1 123 ? 3.59572   -20.27509 -3.06747  1.000 90.79000  ?  92 ARG A CG   1 
ATOM   1393 C  CD   . ARG A 1 123 ? 3.15807   -19.31510 -4.13475  1.000 104.25000 ?  92 ARG A CD   1 
ATOM   1394 N  NE   . ARG A 1 123 ? 4.09923   -19.37406 -5.24842  1.000 119.34000 ?  92 ARG A NE   1 
ATOM   1395 C  CZ   . ARG A 1 123 ? 4.06000   -20.30264 -6.19286  1.000 112.37000 ?  92 ARG A CZ   1 
ATOM   1396 N  NH1  . ARG A 1 123 ? 3.17952   -21.29406 -6.14436  1.000 97.27000  ?  92 ARG A NH1  1 
ATOM   1397 N  NH2  . ARG A 1 123 ? 4.94045   -20.25182 -7.19178  1.000 111.87000 ?  92 ARG A NH2  1 
ATOM   1398 H  H    . ARG A 1 123 ? 4.30956   -19.75216 -0.21434  0.000 87.22000  ?  92 ARG A H    1 
ATOM   1399 H  HA   . ARG A 1 123 ? 5.26893   -21.70774 -1.67609  0.000 89.36000  ?  92 ARG A HA   1 
ATOM   1400 H  HB2  . ARG A 1 123 ? 4.92102   -18.98221 -2.23783  0.000 80.39000  ?  92 ARG A HB2  1 
ATOM   1401 H  HB3  . ARG A 1 123 ? 5.58329   -19.95045 -3.30910  0.000 80.39000  ?  92 ARG A HB3  1 
ATOM   1402 H  HG2  . ARG A 1 123 ? 3.62211   -21.16862 -3.44371  0.000 110.73000 ?  92 ARG A HG2  1 
ATOM   1403 H  HG3  . ARG A 1 123 ? 2.95752   -20.24143 -2.33718  0.000 110.73000 ?  92 ARG A HG3  1 
ATOM   1404 H  HD2  . ARG A 1 123 ? 2.27587   -19.55757 -4.45619  0.000 126.87000 ?  92 ARG A HD2  1 
ATOM   1405 H  HD3  . ARG A 1 123 ? 3.14542   -18.41157 -3.78085  0.000 126.87000 ?  92 ARG A HD3  1 
ATOM   1406 H  HE   . ARG A 1 123 ? 4.71299   -18.77306 -5.29318  0.000 144.99000 ?  92 ARG A HE   1 
ATOM   1407 H  HH11 . ARG A 1 123 ? 2.62250   -21.34223 -5.49148  0.000 118.50000 ?  92 ARG A HH11 1 
ATOM   1408 H  HH12 . ARG A 1 123 ? 3.16737   -21.88915 -6.76534  0.000 118.50000 ?  92 ARG A HH12 1 
ATOM   1409 H  HH21 . ARG A 1 123 ? 5.52547   -19.62094 -7.21803  0.000 136.01000 ?  92 ARG A HH21 1 
ATOM   1410 H  HH22 . ARG A 1 123 ? 4.92484   -20.84867 -7.80976  0.000 136.01000 ?  92 ARG A HH22 1 
ATOM   1411 N  N    . ALA A 1 124 ? 7.49661   -19.63170 -0.63706  1.000 63.49000  ?  93 ALA A N    1 
ATOM   1412 C  CA   . ALA A 1 124 ? 8.93460   -19.55715 -0.40808  1.000 71.50000  ?  93 ALA A CA   1 
ATOM   1413 C  C    . ALA A 1 124 ? 9.45707   -20.80991 0.30105   1.000 83.17000  ?  93 ALA A C    1 
ATOM   1414 O  O    . ALA A 1 124 ? 10.61724  -21.20190 0.13310   1.000 75.72000  ?  93 ALA A O    1 
ATOM   1415 C  CB   . ALA A 1 124 ? 9.27329   -18.31013 0.40851   1.000 60.30000  ?  93 ALA A CB   1 
ATOM   1416 H  H    . ALA A 1 124 ? 7.04093   -18.97818 -0.31122  0.000 77.96000  ?  93 ALA A H    1 
ATOM   1417 H  HA   . ALA A 1 124 ? 9.38271   -19.48590 -1.26569  0.000 87.57000  ?  93 ALA A HA   1 
ATOM   1418 H  HB1  . ALA A 1 124 ? 10.23331  -18.27075 0.54130   0.000 74.14000  ?  93 ALA A HB1  1 
ATOM   1419 H  HB2  . ALA A 1 124 ? 8.97388   -17.52479 -0.07548  0.000 74.14000  ?  93 ALA A HB2  1 
ATOM   1420 H  HB3  . ALA A 1 124 ? 8.82180   -18.36180 1.26572   0.000 74.14000  ?  93 ALA A HB3  1 
HETATM 1421 N  N    . MSE A 1 125 ? 8.63686   -21.41930 1.14235   1.000 71.14000  ?  94 MSE A N    1 
HETATM 1422 C  CA   . MSE A 1 125 ? 9.03426   -22.66628 1.78287   1.000 78.24000  ?  94 MSE A CA   1 
HETATM 1423 C  C    . MSE A 1 125 ? 8.90107   -23.86609 0.86836   1.000 94.96000  ?  94 MSE A C    1 
HETATM 1424 O  O    . MSE A 1 125 ? 9.66924   -24.78435 1.00862   1.000 112.18000 ?  94 MSE A O    1 
HETATM 1425 C  CB   . MSE A 1 125 ? 8.20024   -22.89441 3.02940   1.000 78.12000  ?  94 MSE A CB   1 
HETATM 1426 C  CG   . MSE A 1 125 ? 8.53983   -21.93841 4.12047   1.000 87.19000  ?  94 MSE A CG   1 
HETATM 1427 SE SE   . MSE A 1 125 ? 7.44055   -22.23332 5.62420   1.000 85.99000  ?  94 MSE A SE   1 
HETATM 1428 C  CE   . MSE A 1 125 ? 8.23425   -23.89561 6.23216   1.000 90.32000  ?  94 MSE A CE   1 
HETATM 1429 H  H    . MSE A 1 125 ? 7.85450   -21.13579 1.35745   0.000 87.14000  ?  94 MSE A H    1 
HETATM 1430 H  HA   . MSE A 1 125 ? 9.96868   -22.58426 2.03139   0.000 95.66000  ?  94 MSE A HA   1 
HETATM 1431 H  HB2  . MSE A 1 125 ? 7.26293   -22.77936 2.80866   0.000 95.53000  ?  94 MSE A HB2  1 
HETATM 1432 H  HB3  . MSE A 1 125 ? 8.35705   -23.79366 3.35550   0.000 95.53000  ?  94 MSE A HB3  1 
HETATM 1433 H  HG2  . MSE A 1 125 ? 9.46462   -22.06356 4.38495   0.000 106.40000 ?  94 MSE A HG2  1 
HETATM 1434 H  HG3  . MSE A 1 125 ? 8.40327   -21.03017 3.81032   0.000 106.40000 ?  94 MSE A HG3  1 
HETATM 1435 H  HE1  . MSE A 1 125 ? 7.91444   -24.08964 7.12669   0.000 110.16000 ?  94 MSE A HE1  1 
HETATM 1436 H  HE2  . MSE A 1 125 ? 7.97708   -24.60805 5.62630   0.000 110.16000 ?  94 MSE A HE2  1 
HETATM 1437 H  HE3  . MSE A 1 125 ? 9.19993   -23.79998 6.23900   0.000 110.16000 ?  94 MSE A HE3  1 
ATOM   1438 N  N    . GLN A 1 126 ? 7.95881   -23.91110 -0.07439  1.000 78.86000  ?  95 GLN A N    1 
ATOM   1439 C  CA   . GLN A 1 126 ? 7.91992   -25.05136 -0.98338  1.000 61.79000  ?  95 GLN A CA   1 
ATOM   1440 C  C    . GLN A 1 126 ? 8.99341   -24.97432 -2.10423  1.000 82.36000  ?  95 GLN A C    1 
ATOM   1441 O  O    . GLN A 1 126 ? 8.95463   -25.79008 -3.03788  1.000 85.27000  ?  95 GLN A O    1 
ATOM   1442 C  CB   . GLN A 1 126 ? 6.50712   -25.16241 -1.53657  1.000 64.09000  ?  95 GLN A CB   1 
ATOM   1443 C  CG   . GLN A 1 126 ? 5.52026   -25.49134 -0.43198  1.000 63.74000  ?  95 GLN A CG   1 
ATOM   1444 C  CD   . GLN A 1 126 ? 4.05568   -25.50557 -0.88844  1.000 87.37000  ?  95 GLN A CD   1 
ATOM   1445 O  OE1  . GLN A 1 126 ? 3.62116   -26.44483 -1.54235  1.000 112.79000 ?  95 GLN A OE1  1 
ATOM   1446 N  NE2  . GLN A 1 126 ? 3.28845   -24.44949 -0.55003  1.000 98.40000  ?  95 GLN A NE2  1 
ATOM   1447 H  H    . GLN A 1 126 ? 7.35398   -23.31270 -0.20050  0.000 96.41000  ?  95 GLN A H    1 
ATOM   1448 H  HA   . GLN A 1 126 ? 8.11244   -25.87533 -0.50911  0.000 75.93000  ?  95 GLN A HA   1 
ATOM   1449 H  HB2  . GLN A 1 126 ? 6.25023   -24.31729 -1.93841  0.000 78.68000  ?  95 GLN A HB2  1 
ATOM   1450 H  HB3  . GLN A 1 126 ? 6.47399   -25.86898 -2.20123  0.000 78.68000  ?  95 GLN A HB3  1 
ATOM   1451 H  HG2  . GLN A 1 126 ? 5.72807   -26.37087 -0.08091  0.000 78.27000  ?  95 GLN A HG2  1 
ATOM   1452 H  HG3  . GLN A 1 126 ? 5.60417   -24.82672 0.26852   0.000 78.27000  ?  95 GLN A HG3  1 
ATOM   1453 H  HE21 . GLN A 1 126 ? 3.62574   -23.80188 -0.09491  0.000 119.86000 ?  95 GLN A HE21 1 
ATOM   1454 H  HE22 . GLN A 1 126 ? 2.46262   -24.42292 -0.78847  0.000 119.86000 ?  95 GLN A HE22 1 
ATOM   1455 N  N    . GLY A 1 127 ? 9.96086   -24.04398 -1.98897  1.000 65.56000  ?  96 GLY A N    1 
ATOM   1456 C  CA   . GLY A 1 127 ? 10.98150  -23.76149 -3.00116  1.000 68.77000  ?  96 GLY A CA   1 
ATOM   1457 C  C    . GLY A 1 127 ? 10.74566  -22.55945 -3.93053  1.000 110.26000 ?  96 GLY A C    1 
ATOM   1458 O  O    . GLY A 1 127 ? 11.46896  -22.43230 -4.93614  1.000 107.92000 ?  96 GLY A O    1 
ATOM   1459 H  H    . GLY A 1 127 ? 10.04658  -23.54123 -1.29679  0.000 80.45000  ?  96 GLY A H    1 
ATOM   1460 H  HA2  . GLY A 1 127 ? 11.82239  -23.60744 -2.54436  0.000 84.30000  ?  96 GLY A HA2  1 
ATOM   1461 H  HA3  . GLY A 1 127 ? 11.06779  -24.54567 -3.56584  0.000 84.30000  ?  96 GLY A HA3  1 
ATOM   1462 N  N    . ASP A 1 128 ? 9.78754   -21.65975 -3.61100  1.000 102.87000 ?  97 ASP A N    1 
ATOM   1463 C  CA   . ASP A 1 128 ? 9.18079   -20.58179 -4.44529  1.000 94.30000  ?  97 ASP A CA   1 
ATOM   1464 C  C    . ASP A 1 128 ? 8.17648   -21.10144 -5.50370  1.000 106.57000 ?  97 ASP A C    1 
ATOM   1465 O  O    . ASP A 1 128 ? 7.56061   -20.24802 -6.21753  1.000 98.56000  ?  97 ASP A O    1 
ATOM   1466 C  CB   . ASP A 1 128 ? 10.21719  -19.64943 -5.13524  1.000 74.98000  ?  97 ASP A CB   1 
ATOM   1467 C  CG   . ASP A 1 128 ? 10.93493  -18.66751 -4.15190  1.000 111.05000 ?  97 ASP A CG   1 
ATOM   1468 O  OD1  . ASP A 1 128 ? 10.27768  -18.03269 -3.31566  1.000 117.04000 ?  97 ASP A OD1  1 
ATOM   1469 O  OD2  . ASP A 1 128 ? 12.17266  -18.55171 -4.16149  1.000 106.70000 -1 97 ASP A OD2  1 
ATOM   1470 H  H    . ASP A 1 128 ? 9.43287   -21.65365 -2.82853  0.000 125.21000 ?  97 ASP A H    1 
ATOM   1471 H  HA   . ASP A 1 128 ? 8.66871   -20.02908 -3.83385  0.000 114.93000 ?  97 ASP A HA   1 
ATOM   1472 H  HB2  . ASP A 1 128 ? 10.89817  -20.19745 -5.55530  0.000 91.75000  ?  97 ASP A HB2  1 
ATOM   1473 H  HB3  . ASP A 1 128 ? 9.76091   -19.11604 -5.80465  0.000 91.75000  ?  97 ASP A HB3  1 
ATOM   1474 N  N    . VAL A 1 129 ? 7.92901   -22.43899 -5.58483  1.000 92.54000  ?  98 VAL A N    1 
ATOM   1475 C  CA   . VAL A 1 129 ? 7.07426   -23.09299 -6.63000  1.000 126.70000 ?  98 VAL A CA   1 
ATOM   1476 C  C    . VAL A 1 129 ? 5.76491   -23.63733 -6.03975  1.000 118.27000 ?  98 VAL A C    1 
ATOM   1477 O  O    . VAL A 1 129 ? 5.50386   -23.53576 -4.84024  1.000 106.53000 ?  98 VAL A O    1 
ATOM   1478 C  CB   . VAL A 1 129 ? 7.82116   -24.27772 -7.40595  1.000 132.89000 ?  98 VAL A CB   1 
ATOM   1479 C  CG1  . VAL A 1 129 ? 6.86946   -24.98193 -8.51361  1.000 94.14000  ?  98 VAL A CG1  1 
ATOM   1480 C  CG2  . VAL A 1 129 ? 9.16708   -23.78730 -8.04919  1.000 85.43000  ?  98 VAL A CG2  1 
ATOM   1481 H  H    . VAL A 1 129 ? 8.25286   -23.01010 -5.03013  0.000 112.82000 ?  98 VAL A H    1 
ATOM   1482 H  HA   . VAL A 1 129 ? 6.86952   -22.39408 -7.27000  0.000 153.82000 ?  98 VAL A HA   1 
ATOM   1483 H  HB   . VAL A 1 129 ? 8.03920   -24.95623 -6.74731  0.000 161.24000 ?  98 VAL A HB   1 
ATOM   1484 H  HG11 . VAL A 1 129 ? 7.40042   -25.60416 -9.03604  0.000 114.74000 ?  98 VAL A HG11 1 
ATOM   1485 H  HG12 . VAL A 1 129 ? 6.15565   -25.45679 -8.06004  0.000 114.74000 ?  98 VAL A HG12 1 
ATOM   1486 H  HG13 . VAL A 1 129 ? 6.49802   -24.29795 -9.09214  0.000 114.74000 ?  98 VAL A HG13 1 
ATOM   1487 H  HG21 . VAL A 1 129 ? 9.58238   -24.52916 -8.51490  0.000 104.29000 ?  98 VAL A HG21 1 
ATOM   1488 H  HG22 . VAL A 1 129 ? 8.97522   -23.06987 -8.67282  0.000 104.29000 ?  98 VAL A HG22 1 
ATOM   1489 H  HG23 . VAL A 1 129 ? 9.75384   -23.46674 -7.34739  0.000 104.29000 ?  98 VAL A HG23 1 
# 
